data_5OHE
#
_entry.id   5OHE
#
_cell.length_a   78.069
_cell.length_b   78.069
_cell.length_c   441.819
_cell.angle_alpha   90.00
_cell.angle_beta   90.00
_cell.angle_gamma   90.00
#
_symmetry.space_group_name_H-M   'P 41 21 2'
#
loop_
_entity.id
_entity.type
_entity.pdbx_description
1 polymer 'Globin-coupled histidine kinase'
2 non-polymer 'PROTOPORPHYRIN IX CONTAINING FE'
3 non-polymer 'CYANIDE ION'
4 non-polymer 'CHLORIDE ION'
5 non-polymer 'SODIUM ION'
6 water water
#
_entity_poly.entity_id   1
_entity_poly.type   'polypeptide(L)'
_entity_poly.pdbx_seq_one_letter_code
;GTGVPETVFEELKRYVGWGDGDERALRSLHGAAAPHFPRLAEEFYDRILGHEGARTALVGGESQVGHLKVTMIAWLDELL
GGPWDEAYWDRRYRIGRVHVRIGLPQHYMFGAMNVHRTGLARLAYERFHGDPPELERVRNALGKVLDLELAVMLHTYRED
L
;
_entity_poly.pdbx_strand_id   A,B,C,D,E,F,G,H
#
loop_
_chem_comp.id
_chem_comp.type
_chem_comp.name
_chem_comp.formula
CL non-polymer 'CHLORIDE ION' 'Cl -1'
CYN non-polymer 'CYANIDE ION' 'C N -1'
HEM non-polymer 'PROTOPORPHYRIN IX CONTAINING FE' 'C34 H32 Fe N4 O4'
NA non-polymer 'SODIUM ION' 'Na 1'
#
# COMPACT_ATOMS: atom_id res chain seq x y z
N THR A 7 -0.64 40.74 2.10
CA THR A 7 0.53 40.94 3.03
C THR A 7 0.44 40.07 4.31
N VAL A 8 -0.39 39.02 4.30
CA VAL A 8 -0.56 38.17 5.49
C VAL A 8 0.82 37.68 5.90
N PHE A 9 1.52 37.05 4.96
CA PHE A 9 2.87 36.57 5.23
C PHE A 9 3.78 37.66 5.86
N GLU A 10 3.82 38.88 5.30
CA GLU A 10 4.71 39.96 5.82
C GLU A 10 4.36 40.60 7.22
N GLU A 11 3.10 40.94 7.46
CA GLU A 11 2.67 41.36 8.81
C GLU A 11 2.87 40.27 9.86
N LEU A 12 2.55 39.06 9.47
CA LEU A 12 2.55 37.95 10.39
C LEU A 12 4.00 37.51 10.63
N LYS A 13 4.85 37.55 9.60
CA LYS A 13 6.26 37.22 9.82
C LYS A 13 6.94 38.08 10.91
N ARG A 14 6.63 39.35 10.95
CA ARG A 14 7.12 40.23 12.03
C ARG A 14 6.52 39.86 13.38
N TYR A 15 5.22 39.57 13.42
CA TYR A 15 4.56 39.13 14.66
C TYR A 15 5.24 37.94 15.33
N VAL A 16 5.53 36.88 14.56
CA VAL A 16 6.08 35.64 15.11
C VAL A 16 7.58 35.68 15.26
N GLY A 17 8.22 36.75 14.78
CA GLY A 17 9.66 36.91 14.86
C GLY A 17 10.38 36.01 13.84
N TRP A 18 9.82 35.89 12.63
CA TRP A 18 10.43 35.06 11.58
C TRP A 18 11.72 35.71 11.10
N GLY A 19 12.83 34.97 11.13
CA GLY A 19 14.10 35.51 10.68
C GLY A 19 14.95 34.51 9.94
N ASP A 20 16.14 34.99 9.55
CA ASP A 20 17.16 34.12 8.95
C ASP A 20 17.44 32.88 9.77
N GLY A 21 17.40 32.96 11.11
CA GLY A 21 17.63 31.78 11.97
C GLY A 21 16.53 30.68 11.85
N ASP A 22 15.30 31.09 11.60
CA ASP A 22 14.23 30.10 11.36
C ASP A 22 14.49 29.36 10.03
N GLU A 23 14.96 30.11 9.04
CA GLU A 23 15.26 29.57 7.70
C GLU A 23 16.41 28.56 7.83
N ARG A 24 17.44 28.86 8.62
CA ARG A 24 18.56 27.92 8.85
C ARG A 24 18.15 26.67 9.64
N ALA A 25 17.26 26.84 10.60
CA ALA A 25 16.84 25.68 11.39
C ALA A 25 16.04 24.68 10.52
N LEU A 26 15.12 25.19 9.74
CA LEU A 26 14.29 24.36 8.87
C LEU A 26 15.10 23.67 7.79
N ARG A 27 16.09 24.36 7.19
CA ARG A 27 17.04 23.69 6.24
C ARG A 27 17.83 22.58 6.88
N SER A 28 18.19 22.75 8.14
CA SER A 28 18.91 21.75 8.88
C SER A 28 18.04 20.50 9.10
N LEU A 29 16.75 20.72 9.39
CA LEU A 29 15.81 19.60 9.56
C LEU A 29 15.53 18.84 8.26
N HIS A 30 15.54 19.56 7.13
CA HIS A 30 15.20 19.05 5.79
C HIS A 30 15.99 17.82 5.50
N GLY A 31 17.30 17.88 5.76
CA GLY A 31 18.20 16.78 5.51
C GLY A 31 17.90 15.56 6.36
N ALA A 32 17.47 15.76 7.59
CA ALA A 32 17.03 14.63 8.41
C ALA A 32 15.65 14.09 8.01
N ALA A 33 14.72 14.96 7.65
CA ALA A 33 13.31 14.56 7.52
C ALA A 33 12.94 14.03 6.14
N ALA A 34 13.58 14.54 5.07
CA ALA A 34 13.31 14.15 3.71
C ALA A 34 13.15 12.66 3.44
N PRO A 35 14.06 11.81 3.97
CA PRO A 35 13.85 10.37 3.78
C PRO A 35 12.51 9.80 4.33
N HIS A 36 11.90 10.51 5.28
CA HIS A 36 10.61 10.12 5.87
C HIS A 36 9.40 10.74 5.20
N PHE A 37 9.60 11.62 4.22
CA PHE A 37 8.44 12.29 3.59
C PHE A 37 7.44 11.29 3.00
N PRO A 38 7.93 10.17 2.38
CA PRO A 38 6.95 9.18 1.95
C PRO A 38 6.07 8.61 3.05
N ARG A 39 6.65 8.30 4.19
CA ARG A 39 5.88 7.90 5.40
C ARG A 39 4.88 8.98 5.88
N LEU A 40 5.33 10.21 5.98
CA LEU A 40 4.43 11.30 6.33
C LEU A 40 3.25 11.46 5.35
N ALA A 41 3.52 11.29 4.06
CA ALA A 41 2.50 11.37 3.05
C ALA A 41 1.51 10.21 3.21
N GLU A 42 2.03 9.02 3.49
CA GLU A 42 1.16 7.87 3.75
C GLU A 42 0.25 8.13 4.95
N GLU A 43 0.82 8.65 6.03
CA GLU A 43 0.08 8.93 7.28
C GLU A 43 -1.03 9.95 6.99
N PHE A 44 -0.72 10.99 6.19
CA PHE A 44 -1.64 12.04 5.80
C PHE A 44 -2.84 11.47 5.05
N TYR A 45 -2.59 10.68 3.99
CA TYR A 45 -3.68 10.09 3.23
C TYR A 45 -4.49 9.04 4.00
N ASP A 46 -3.85 8.24 4.84
CA ASP A 46 -4.58 7.24 5.63
C ASP A 46 -5.54 7.94 6.59
N ARG A 47 -5.18 9.13 7.09
CA ARG A 47 -6.07 9.86 7.96
C ARG A 47 -7.30 10.37 7.22
N ILE A 48 -7.12 10.87 5.99
CA ILE A 48 -8.22 11.33 5.19
C ILE A 48 -9.21 10.15 4.88
N LEU A 49 -8.65 9.02 4.45
CA LEU A 49 -9.44 7.85 4.09
C LEU A 49 -10.17 7.18 5.25
N GLY A 50 -9.62 7.31 6.46
CA GLY A 50 -10.29 6.83 7.65
C GLY A 50 -11.32 7.77 8.28
N HIS A 51 -11.41 9.00 7.77
CA HIS A 51 -12.31 10.00 8.36
C HIS A 51 -13.61 10.10 7.60
N GLU A 52 -14.73 9.90 8.28
CA GLU A 52 -16.04 9.79 7.62
C GLU A 52 -16.44 10.93 6.65
N GLY A 53 -16.15 12.17 7.03
CA GLY A 53 -16.44 13.35 6.21
C GLY A 53 -15.38 13.66 5.16
N ALA A 54 -14.12 13.56 5.55
CA ALA A 54 -13.01 13.97 4.67
C ALA A 54 -12.80 12.97 3.54
N ARG A 55 -12.96 11.68 3.83
CA ARG A 55 -12.74 10.61 2.84
C ARG A 55 -13.48 10.80 1.52
N THR A 56 -14.63 11.49 1.53
CA THR A 56 -15.46 11.64 0.33
C THR A 56 -14.83 12.61 -0.68
N ALA A 57 -13.78 13.33 -0.29
CA ALA A 57 -13.06 14.16 -1.25
C ALA A 57 -12.12 13.34 -2.13
N LEU A 58 -11.84 12.07 -1.78
CA LEU A 58 -10.95 11.19 -2.57
C LEU A 58 -11.72 10.10 -3.26
N VAL A 59 -12.42 10.47 -4.34
CA VAL A 59 -13.15 9.51 -5.17
C VAL A 59 -12.56 9.41 -6.61
N GLY A 60 -11.32 9.86 -6.83
CA GLY A 60 -10.73 9.77 -8.16
C GLY A 60 -9.80 8.59 -8.37
N GLY A 61 -9.74 7.67 -7.42
CA GLY A 61 -9.07 6.39 -7.58
C GLY A 61 -7.64 6.34 -7.13
N GLU A 62 -7.00 5.22 -7.38
CA GLU A 62 -5.65 4.99 -6.84
C GLU A 62 -4.63 5.96 -7.48
N SER A 63 -4.89 6.38 -8.73
CA SER A 63 -4.06 7.38 -9.40
C SER A 63 -4.23 8.76 -8.77
N GLN A 64 -5.44 9.15 -8.39
CA GLN A 64 -5.59 10.46 -7.71
C GLN A 64 -4.73 10.45 -6.42
N VAL A 65 -4.80 9.38 -5.62
CA VAL A 65 -4.03 9.32 -4.36
C VAL A 65 -2.55 9.31 -4.69
N GLY A 66 -2.15 8.51 -5.67
CA GLY A 66 -0.72 8.46 -6.07
C GLY A 66 -0.16 9.82 -6.48
N HIS A 67 -0.91 10.58 -7.26
CA HIS A 67 -0.48 11.88 -7.70
C HIS A 67 -0.44 12.88 -6.50
N LEU A 68 -1.44 12.80 -5.64
CA LEU A 68 -1.46 13.69 -4.46
C LEU A 68 -0.23 13.43 -3.57
N LYS A 69 0.19 12.16 -3.41
CA LYS A 69 1.39 11.85 -2.66
C LYS A 69 2.64 12.54 -3.20
N VAL A 70 2.77 12.55 -4.52
CA VAL A 70 3.90 13.24 -5.20
C VAL A 70 3.88 14.74 -4.91
N THR A 71 2.75 15.41 -5.10
CA THR A 71 2.69 16.81 -4.80
C THR A 71 2.84 17.11 -3.29
N MET A 72 2.46 16.19 -2.43
CA MET A 72 2.64 16.35 -0.98
C MET A 72 4.10 16.22 -0.57
N ILE A 73 4.84 15.28 -1.14
CA ILE A 73 6.29 15.21 -0.93
C ILE A 73 7.02 16.49 -1.45
N ALA A 74 6.59 17.02 -2.59
CA ALA A 74 7.09 18.33 -3.08
C ALA A 74 6.68 19.45 -2.07
N TRP A 75 5.44 19.39 -1.57
CA TRP A 75 4.95 20.40 -0.61
C TRP A 75 5.86 20.41 0.64
N LEU A 76 6.16 19.24 1.18
CA LEU A 76 7.07 19.13 2.32
C LEU A 76 8.51 19.53 2.04
N ASP A 77 9.04 19.19 0.88
CA ASP A 77 10.38 19.61 0.49
C ASP A 77 10.59 21.15 0.46
N GLU A 78 9.57 21.83 -0.05
CA GLU A 78 9.50 23.28 -0.09
C GLU A 78 9.36 23.81 1.35
N LEU A 79 8.46 23.20 2.14
CA LEU A 79 8.24 23.62 3.56
C LEU A 79 9.53 23.76 4.35
N LEU A 80 10.38 22.75 4.26
CA LEU A 80 11.58 22.69 5.06
C LEU A 80 12.80 23.16 4.29
N GLY A 81 12.80 23.06 2.96
CA GLY A 81 13.94 23.46 2.15
C GLY A 81 13.94 24.91 1.74
N GLY A 82 12.76 25.47 1.52
CA GLY A 82 12.68 26.87 1.10
C GLY A 82 13.00 27.17 -0.36
N PRO A 83 13.30 28.43 -0.68
CA PRO A 83 13.23 29.55 0.24
C PRO A 83 11.80 29.96 0.49
N TRP A 84 11.62 30.86 1.45
CA TRP A 84 10.30 31.27 1.91
C TRP A 84 10.06 32.72 1.46
N ASP A 85 10.11 32.90 0.14
CA ASP A 85 10.05 34.24 -0.50
C ASP A 85 8.65 34.53 -1.08
N GLU A 86 8.50 35.65 -1.78
CA GLU A 86 7.20 36.04 -2.34
C GLU A 86 6.61 34.96 -3.27
N ALA A 87 7.46 34.29 -4.02
CA ALA A 87 7.05 33.23 -4.94
C ALA A 87 6.48 32.00 -4.21
N TYR A 88 7.18 31.60 -3.15
CA TYR A 88 6.71 30.56 -2.24
C TYR A 88 5.30 30.88 -1.78
N TRP A 89 5.12 32.06 -1.18
CA TRP A 89 3.88 32.40 -0.51
C TRP A 89 2.75 32.57 -1.51
N ASP A 90 3.03 33.10 -2.70
CA ASP A 90 2.10 33.07 -3.86
C ASP A 90 1.68 31.63 -4.26
N ARG A 91 2.62 30.69 -4.29
CA ARG A 91 2.28 29.27 -4.57
C ARG A 91 1.30 28.74 -3.44
N ARG A 92 1.57 29.10 -2.20
CA ARG A 92 0.71 28.71 -1.06
C ARG A 92 -0.70 29.29 -1.14
N TYR A 93 -0.85 30.55 -1.59
CA TYR A 93 -2.18 31.11 -1.86
CA TYR A 93 -2.21 31.06 -1.79
C TYR A 93 -2.93 30.27 -2.87
N ARG A 94 -2.25 29.95 -3.99
CA ARG A 94 -2.87 29.17 -5.07
C ARG A 94 -3.34 27.81 -4.55
N ILE A 95 -2.53 27.15 -3.73
CA ILE A 95 -2.85 25.85 -3.14
C ILE A 95 -4.07 25.94 -2.25
N GLY A 96 -4.08 26.94 -1.37
CA GLY A 96 -5.28 27.30 -0.63
C GLY A 96 -6.51 27.40 -1.52
N ARG A 97 -6.41 28.16 -2.62
CA ARG A 97 -7.56 28.32 -3.55
C ARG A 97 -8.11 27.05 -4.17
N VAL A 98 -7.23 26.11 -4.52
CA VAL A 98 -7.62 24.74 -4.97
C VAL A 98 -8.68 24.16 -4.06
N HIS A 99 -8.46 24.26 -2.76
CA HIS A 99 -9.32 23.61 -1.76
C HIS A 99 -10.67 24.32 -1.60
N VAL A 100 -10.66 25.64 -1.66
CA VAL A 100 -11.87 26.46 -1.73
C VAL A 100 -12.65 26.03 -2.98
N ARG A 101 -11.97 25.95 -4.11
CA ARG A 101 -12.58 25.60 -5.45
C ARG A 101 -13.31 24.24 -5.46
N ILE A 102 -12.72 23.24 -4.79
CA ILE A 102 -13.32 21.90 -4.73
C ILE A 102 -14.32 21.75 -3.57
N GLY A 103 -14.52 22.79 -2.79
CA GLY A 103 -15.55 22.83 -1.77
C GLY A 103 -15.24 22.09 -0.49
N LEU A 104 -13.95 21.95 -0.18
CA LEU A 104 -13.55 21.29 1.04
C LEU A 104 -13.85 22.23 2.21
N PRO A 105 -14.57 21.73 3.22
CA PRO A 105 -14.82 22.47 4.46
C PRO A 105 -13.51 22.98 5.03
N GLN A 106 -13.45 24.26 5.39
CA GLN A 106 -12.16 24.84 5.82
C GLN A 106 -11.56 24.13 7.04
N HIS A 107 -12.39 23.59 7.93
CA HIS A 107 -11.89 23.01 9.18
C HIS A 107 -11.02 21.80 8.97
N TYR A 108 -11.18 21.12 7.82
CA TYR A 108 -10.34 20.01 7.51
C TYR A 108 -8.90 20.40 7.32
N MET A 109 -8.62 21.64 6.92
CA MET A 109 -7.25 22.09 6.74
C MET A 109 -6.48 22.04 8.06
N PHE A 110 -7.18 22.32 9.17
CA PHE A 110 -6.58 22.22 10.51
C PHE A 110 -6.33 20.81 10.93
N GLY A 111 -7.30 19.92 10.71
CA GLY A 111 -7.08 18.46 10.96
C GLY A 111 -5.86 17.89 10.20
N ALA A 112 -5.83 18.18 8.89
CA ALA A 112 -4.76 17.69 8.01
C ALA A 112 -3.38 18.26 8.43
N MET A 113 -3.32 19.56 8.71
CA MET A 113 -2.07 20.20 9.16
C MET A 113 -1.58 19.62 10.49
N ASN A 114 -2.49 19.30 11.40
CA ASN A 114 -2.08 18.63 12.63
C ASN A 114 -1.37 17.30 12.40
N VAL A 115 -1.80 16.54 11.39
CA VAL A 115 -1.11 15.26 11.07
C VAL A 115 0.38 15.54 10.75
N HIS A 116 0.63 16.48 9.86
CA HIS A 116 2.02 16.84 9.56
C HIS A 116 2.75 17.41 10.74
N ARG A 117 2.09 18.27 11.51
CA ARG A 117 2.72 18.92 12.66
C ARG A 117 3.21 17.87 13.64
N THR A 118 2.36 16.86 13.89
CA THR A 118 2.70 15.76 14.80
C THR A 118 3.90 14.94 14.28
N GLY A 119 3.85 14.51 13.02
CA GLY A 119 4.97 13.74 12.44
C GLY A 119 6.28 14.52 12.33
N LEU A 120 6.20 15.80 11.96
CA LEU A 120 7.40 16.66 11.84
C LEU A 120 7.98 17.00 13.20
N ALA A 121 7.13 17.16 14.20
CA ALA A 121 7.64 17.42 15.58
C ALA A 121 8.38 16.19 16.15
N ARG A 122 7.91 14.99 15.80
CA ARG A 122 8.62 13.78 16.18
C ARG A 122 9.98 13.67 15.50
N LEU A 123 10.03 13.95 14.20
CA LEU A 123 11.26 13.95 13.41
C LEU A 123 12.27 14.97 13.92
N ALA A 124 11.82 16.16 14.29
CA ALA A 124 12.71 17.20 14.88
C ALA A 124 13.28 16.74 16.20
N TYR A 125 12.45 16.13 17.04
CA TYR A 125 12.93 15.60 18.30
C TYR A 125 13.96 14.47 18.06
N GLU A 126 13.62 13.51 17.22
CA GLU A 126 14.54 12.45 16.87
C GLU A 126 15.92 12.95 16.40
N ARG A 127 15.95 13.94 15.52
CA ARG A 127 17.21 14.46 14.99
C ARG A 127 17.93 15.31 16.02
N PHE A 128 17.22 16.16 16.78
CA PHE A 128 17.89 17.20 17.54
C PHE A 128 17.90 17.09 19.05
N HIS A 129 17.39 16.01 19.60
CA HIS A 129 17.26 15.89 21.07
C HIS A 129 18.58 15.78 21.87
N GLY A 130 19.68 15.44 21.20
CA GLY A 130 21.01 15.49 21.83
C GLY A 130 21.61 16.90 21.88
N ASP A 131 20.91 17.91 21.34
CA ASP A 131 21.35 19.32 21.34
C ASP A 131 20.14 20.23 21.70
N PRO A 132 19.83 20.37 22.99
CA PRO A 132 18.54 21.02 23.32
C PRO A 132 18.34 22.44 22.78
N PRO A 133 19.41 23.27 22.72
CA PRO A 133 19.26 24.60 22.10
C PRO A 133 18.96 24.61 20.59
N GLU A 134 19.50 23.65 19.85
CA GLU A 134 19.14 23.49 18.43
C GLU A 134 17.72 22.97 18.27
N LEU A 135 17.33 21.96 19.04
CA LEU A 135 15.96 21.46 19.02
C LEU A 135 15.00 22.61 19.26
N GLU A 136 15.34 23.49 20.20
CA GLU A 136 14.53 24.66 20.50
C GLU A 136 14.31 25.51 19.26
N ARG A 137 15.37 25.80 18.49
CA ARG A 137 15.29 26.65 17.30
C ARG A 137 14.48 25.99 16.18
N VAL A 138 14.71 24.70 16.00
CA VAL A 138 14.04 23.92 14.99
C VAL A 138 12.53 23.81 15.29
N ARG A 139 12.20 23.42 16.53
CA ARG A 139 10.81 23.32 17.01
C ARG A 139 10.07 24.65 16.91
N ASN A 140 10.72 25.74 17.32
CA ASN A 140 10.14 27.05 17.14
C ASN A 140 9.91 27.38 15.67
N ALA A 141 10.90 27.15 14.79
CA ALA A 141 10.74 27.43 13.37
C ALA A 141 9.62 26.58 12.72
N LEU A 142 9.52 25.32 13.13
CA LEU A 142 8.50 24.40 12.62
C LEU A 142 7.09 24.90 13.03
N GLY A 143 6.93 25.33 14.29
CA GLY A 143 5.64 25.88 14.73
C GLY A 143 5.23 27.12 13.97
N LYS A 144 6.18 28.01 13.74
CA LYS A 144 6.00 29.21 12.93
C LYS A 144 5.58 28.94 11.51
N VAL A 145 6.31 28.05 10.84
CA VAL A 145 6.04 27.84 9.42
C VAL A 145 4.66 27.22 9.22
N LEU A 146 4.29 26.28 10.08
CA LEU A 146 2.97 25.64 9.99
C LEU A 146 1.87 26.59 10.32
N ASP A 147 2.11 27.47 11.31
CA ASP A 147 1.09 28.48 11.65
C ASP A 147 0.91 29.50 10.56
N LEU A 148 2.01 29.89 9.90
CA LEU A 148 1.92 30.80 8.73
C LEU A 148 1.22 30.19 7.54
N GLU A 149 1.52 28.92 7.27
CA GLU A 149 0.82 28.15 6.24
C GLU A 149 -0.66 28.12 6.47
N LEU A 150 -1.11 27.83 7.70
CA LEU A 150 -2.53 27.86 8.03
C LEU A 150 -3.14 29.25 7.83
N ALA A 151 -2.43 30.31 8.27
CA ALA A 151 -2.85 31.69 8.06
C ALA A 151 -3.12 32.02 6.58
N VAL A 152 -2.18 31.65 5.70
CA VAL A 152 -2.31 31.88 4.26
C VAL A 152 -3.45 31.05 3.63
N MET A 153 -3.51 29.77 4.01
CA MET A 153 -4.61 28.90 3.58
C MET A 153 -5.93 29.48 3.93
N LEU A 154 -6.11 29.85 5.21
CA LEU A 154 -7.38 30.38 5.61
C LEU A 154 -7.70 31.79 5.14
N HIS A 155 -6.69 32.58 4.77
CA HIS A 155 -6.94 33.82 4.04
C HIS A 155 -7.73 33.51 2.75
N THR A 156 -7.46 32.38 2.09
CA THR A 156 -8.10 32.08 0.81
C THR A 156 -9.56 31.69 0.90
N TYR A 157 -9.94 31.14 2.04
CA TYR A 157 -11.32 30.82 2.35
C TYR A 157 -12.22 32.04 2.59
N ARG A 158 -11.66 33.24 2.69
CA ARG A 158 -12.49 34.45 2.86
C ARG A 158 -13.13 34.84 1.54
N THR B 7 -20.86 20.44 13.54
CA THR B 7 -20.17 19.31 14.23
C THR B 7 -18.61 19.53 14.24
N VAL B 8 -18.13 20.78 14.31
CA VAL B 8 -16.68 21.09 14.03
C VAL B 8 -15.67 20.48 15.02
N PHE B 9 -15.84 20.74 16.32
CA PHE B 9 -14.96 20.11 17.30
C PHE B 9 -15.10 18.59 17.28
N GLU B 10 -16.32 18.07 17.07
CA GLU B 10 -16.54 16.61 17.04
C GLU B 10 -15.83 15.97 15.83
N GLU B 11 -16.04 16.56 14.66
CA GLU B 11 -15.35 16.11 13.43
C GLU B 11 -13.83 16.17 13.54
N LEU B 12 -13.29 17.25 14.12
CA LEU B 12 -11.82 17.37 14.25
C LEU B 12 -11.20 16.53 15.35
N LYS B 13 -11.88 16.31 16.48
CA LYS B 13 -11.39 15.34 17.47
C LYS B 13 -11.15 13.99 16.81
N ARG B 14 -12.07 13.56 15.95
CA ARG B 14 -11.91 12.30 15.25
C ARG B 14 -10.75 12.34 14.28
N TYR B 15 -10.64 13.44 13.52
CA TYR B 15 -9.58 13.60 12.52
C TYR B 15 -8.21 13.50 13.17
N VAL B 16 -8.02 14.14 14.33
CA VAL B 16 -6.69 14.21 14.93
C VAL B 16 -6.44 13.07 15.93
N GLY B 17 -7.42 12.21 16.13
CA GLY B 17 -7.27 11.12 17.06
C GLY B 17 -7.28 11.55 18.54
N TRP B 18 -8.15 12.50 18.88
CA TRP B 18 -8.30 12.96 20.28
C TRP B 18 -8.81 11.81 21.15
N GLY B 19 -8.13 11.56 22.26
CA GLY B 19 -8.52 10.49 23.18
C GLY B 19 -8.23 10.87 24.62
N ASP B 20 -8.71 10.03 25.53
CA ASP B 20 -8.29 10.05 26.94
C ASP B 20 -6.79 10.29 27.15
N GLY B 21 -5.95 9.71 26.31
CA GLY B 21 -4.49 9.88 26.45
C GLY B 21 -4.05 11.35 26.30
N ASP B 22 -4.68 12.05 25.37
CA ASP B 22 -4.37 13.49 25.18
C ASP B 22 -4.85 14.29 26.37
N GLU B 23 -6.01 13.92 26.88
CA GLU B 23 -6.60 14.61 28.04
C GLU B 23 -5.73 14.45 29.30
N ARG B 24 -5.17 13.27 29.55
CA ARG B 24 -4.22 13.08 30.64
C ARG B 24 -2.98 13.91 30.47
N ALA B 25 -2.43 13.89 29.24
CA ALA B 25 -1.21 14.64 28.93
C ALA B 25 -1.35 16.13 29.15
N LEU B 26 -2.48 16.71 28.72
CA LEU B 26 -2.73 18.14 28.93
C LEU B 26 -2.87 18.45 30.43
N ARG B 27 -3.53 17.57 31.19
CA ARG B 27 -3.68 17.80 32.63
CA ARG B 27 -3.70 17.76 32.65
C ARG B 27 -2.33 17.70 33.34
N SER B 28 -1.45 16.81 32.86
CA SER B 28 -0.06 16.76 33.38
CA SER B 28 -0.09 16.79 33.43
C SER B 28 0.66 18.08 33.07
N LEU B 29 0.44 18.62 31.85
CA LEU B 29 1.08 19.85 31.43
C LEU B 29 0.54 21.05 32.21
N HIS B 30 -0.73 20.98 32.63
CA HIS B 30 -1.35 22.07 33.44
C HIS B 30 -0.53 22.25 34.72
N GLY B 31 -0.24 21.12 35.35
CA GLY B 31 0.59 21.09 36.56
C GLY B 31 1.89 21.83 36.41
N ALA B 32 2.63 21.53 35.35
CA ALA B 32 3.91 22.21 35.08
C ALA B 32 3.73 23.67 34.64
N ALA B 33 2.67 23.99 33.89
CA ALA B 33 2.59 25.31 33.20
C ALA B 33 1.89 26.44 33.99
N ALA B 34 0.94 26.08 34.82
CA ALA B 34 0.10 27.06 35.54
C ALA B 34 0.84 28.07 36.39
N PRO B 35 1.87 27.67 37.15
CA PRO B 35 2.66 28.69 37.84
C PRO B 35 3.21 29.76 36.90
N HIS B 36 3.42 29.39 35.63
CA HIS B 36 3.96 30.28 34.60
C HIS B 36 2.89 30.95 33.71
N PHE B 37 1.59 30.78 34.00
CA PHE B 37 0.57 31.45 33.21
C PHE B 37 0.71 32.98 33.20
N PRO B 38 1.06 33.63 34.37
CA PRO B 38 1.23 35.06 34.32
C PRO B 38 2.34 35.47 33.34
N ARG B 39 3.45 34.72 33.32
CA ARG B 39 4.55 35.03 32.37
C ARG B 39 4.14 34.79 30.88
N LEU B 40 3.47 33.69 30.61
CA LEU B 40 2.94 33.43 29.25
C LEU B 40 1.96 34.56 28.81
N ALA B 41 1.08 35.02 29.69
CA ALA B 41 0.19 36.16 29.38
C ALA B 41 1.04 37.40 29.13
N GLU B 42 2.08 37.58 29.96
CA GLU B 42 3.03 38.70 29.78
C GLU B 42 3.67 38.69 28.40
N GLU B 43 4.28 37.56 28.02
CA GLU B 43 4.87 37.41 26.64
C GLU B 43 3.85 37.65 25.54
N PHE B 44 2.61 37.17 25.74
CA PHE B 44 1.53 37.33 24.76
C PHE B 44 1.19 38.81 24.50
N TYR B 45 0.98 39.61 25.59
CA TYR B 45 0.64 41.04 25.38
C TYR B 45 1.87 41.85 24.96
N ASP B 46 3.05 41.49 25.47
CA ASP B 46 4.29 42.10 25.00
C ASP B 46 4.39 42.04 23.46
N ARG B 47 4.14 40.85 22.88
CA ARG B 47 4.23 40.73 21.42
C ARG B 47 3.22 41.58 20.69
N ILE B 48 1.96 41.59 21.13
CA ILE B 48 0.91 42.49 20.58
C ILE B 48 1.33 43.98 20.64
N LEU B 49 1.77 44.40 21.82
CA LEU B 49 2.17 45.81 22.11
C LEU B 49 3.48 46.21 21.39
N GLY B 50 4.30 45.23 21.03
CA GLY B 50 5.50 45.46 20.20
C GLY B 50 5.28 45.58 18.70
N HIS B 51 4.07 45.33 18.21
CA HIS B 51 3.84 45.11 16.78
C HIS B 51 2.92 46.19 16.29
N GLU B 52 3.29 46.80 15.17
CA GLU B 52 2.71 48.08 14.70
C GLU B 52 1.24 47.93 14.36
N GLY B 53 0.90 46.85 13.66
CA GLY B 53 -0.47 46.56 13.29
C GLY B 53 -1.34 46.08 14.44
N ALA B 54 -0.80 45.20 15.28
CA ALA B 54 -1.60 44.48 16.27
C ALA B 54 -1.94 45.43 17.42
N ARG B 55 -0.94 46.20 17.84
CA ARG B 55 -1.08 47.23 18.91
C ARG B 55 -2.26 48.21 18.73
N THR B 56 -2.69 48.43 17.50
CA THR B 56 -3.84 49.30 17.23
C THR B 56 -5.18 48.71 17.69
N ALA B 57 -5.23 47.41 17.93
CA ALA B 57 -6.40 46.74 18.51
C ALA B 57 -6.61 47.06 19.99
N LEU B 58 -5.53 47.39 20.71
CA LEU B 58 -5.56 47.61 22.14
C LEU B 58 -5.51 49.09 22.44
N VAL B 59 -6.70 49.67 22.65
CA VAL B 59 -6.84 51.11 22.86
C VAL B 59 -7.50 51.48 24.19
N GLY B 60 -7.78 50.51 25.05
CA GLY B 60 -8.32 50.83 26.38
C GLY B 60 -7.31 51.25 27.41
N GLY B 61 -6.01 51.27 27.10
CA GLY B 61 -4.99 51.74 28.05
C GLY B 61 -4.37 50.78 29.07
N GLU B 62 -3.86 51.38 30.15
CA GLU B 62 -3.09 50.66 31.19
C GLU B 62 -3.93 49.64 31.92
N SER B 63 -5.20 49.96 32.10
CA SER B 63 -6.05 48.98 32.78
CA SER B 63 -6.20 49.07 32.70
C SER B 63 -6.49 47.83 31.85
N GLN B 64 -6.56 48.06 30.55
CA GLN B 64 -7.08 47.03 29.65
C GLN B 64 -6.17 45.83 29.59
N VAL B 65 -4.88 46.03 29.45
CA VAL B 65 -3.93 44.91 29.44
C VAL B 65 -3.98 44.14 30.76
N GLY B 66 -4.08 44.85 31.88
CA GLY B 66 -4.27 44.16 33.14
C GLY B 66 -5.51 43.27 33.14
N HIS B 67 -6.62 43.73 32.60
CA HIS B 67 -7.85 42.91 32.63
C HIS B 67 -7.74 41.72 31.64
N LEU B 68 -7.20 41.97 30.47
CA LEU B 68 -6.96 40.89 29.50
C LEU B 68 -5.95 39.82 30.00
N LYS B 69 -4.94 40.22 30.77
CA LYS B 69 -4.06 39.21 31.39
C LYS B 69 -4.85 38.29 32.34
N VAL B 70 -5.82 38.86 33.06
CA VAL B 70 -6.66 38.04 33.96
C VAL B 70 -7.49 37.01 33.17
N THR B 71 -8.19 37.44 32.12
CA THR B 71 -8.93 36.52 31.26
C THR B 71 -8.06 35.55 30.46
N MET B 72 -6.84 35.95 30.08
CA MET B 72 -5.91 35.07 29.35
C MET B 72 -5.39 33.99 30.28
N ILE B 73 -5.12 34.34 31.55
CA ILE B 73 -4.78 33.34 32.59
C ILE B 73 -5.88 32.29 32.74
N ALA B 74 -7.13 32.72 32.79
CA ALA B 74 -8.30 31.79 32.85
C ALA B 74 -8.44 31.00 31.54
N TRP B 75 -8.16 31.62 30.40
CA TRP B 75 -8.17 30.88 29.13
C TRP B 75 -7.18 29.70 29.09
N LEU B 76 -5.97 29.98 29.53
CA LEU B 76 -4.93 29.00 29.66
C LEU B 76 -5.27 27.89 30.60
N ASP B 77 -5.81 28.27 31.74
CA ASP B 77 -6.19 27.31 32.78
C ASP B 77 -7.25 26.30 32.27
N GLU B 78 -8.25 26.81 31.55
CA GLU B 78 -9.22 25.94 30.87
C GLU B 78 -8.61 25.11 29.71
N LEU B 79 -7.71 25.72 28.94
CA LEU B 79 -7.05 25.05 27.82
C LEU B 79 -6.42 23.75 28.28
N LEU B 80 -5.65 23.83 29.35
CA LEU B 80 -4.90 22.66 29.85
C LEU B 80 -5.65 21.76 30.83
N GLY B 81 -6.66 22.28 31.50
CA GLY B 81 -7.38 21.55 32.55
C GLY B 81 -8.63 20.86 32.06
N GLY B 82 -9.38 21.51 31.19
CA GLY B 82 -10.57 20.94 30.56
C GLY B 82 -11.77 20.91 31.52
N PRO B 83 -12.80 20.11 31.25
CA PRO B 83 -12.84 19.15 30.14
C PRO B 83 -13.01 19.86 28.82
N TRP B 84 -12.95 19.07 27.76
CA TRP B 84 -13.00 19.55 26.37
C TRP B 84 -14.22 19.01 25.67
N ASP B 85 -15.36 19.21 26.34
CA ASP B 85 -16.70 18.74 25.90
C ASP B 85 -17.37 19.85 25.13
N GLU B 86 -18.63 19.65 24.74
CA GLU B 86 -19.39 20.63 23.98
C GLU B 86 -19.49 21.99 24.66
N ALA B 87 -19.67 21.99 25.98
CA ALA B 87 -19.79 23.26 26.70
C ALA B 87 -18.52 24.10 26.50
N TYR B 88 -17.36 23.44 26.62
CA TYR B 88 -16.05 24.12 26.46
C TYR B 88 -15.94 24.71 25.07
N TRP B 89 -16.23 23.93 24.05
CA TRP B 89 -16.07 24.39 22.65
C TRP B 89 -17.08 25.49 22.28
N ASP B 90 -18.29 25.44 22.84
CA ASP B 90 -19.27 26.50 22.63
C ASP B 90 -18.74 27.78 23.25
N ARG B 91 -18.13 27.70 24.44
CA ARG B 91 -17.43 28.89 25.00
C ARG B 91 -16.30 29.43 24.07
N ARG B 92 -15.51 28.53 23.51
CA ARG B 92 -14.49 28.96 22.55
C ARG B 92 -15.02 29.65 21.30
N TYR B 93 -16.18 29.20 20.82
CA TYR B 93 -16.95 29.85 19.75
C TYR B 93 -17.25 31.28 20.13
N ARG B 94 -17.88 31.50 21.28
CA ARG B 94 -18.17 32.90 21.69
C ARG B 94 -16.91 33.77 21.78
N ILE B 95 -15.80 33.20 22.24
CA ILE B 95 -14.53 33.91 22.30
C ILE B 95 -14.07 34.32 20.90
N GLY B 96 -14.25 33.45 19.91
CA GLY B 96 -13.96 33.78 18.52
C GLY B 96 -14.77 34.94 18.04
N ARG B 97 -16.09 34.85 18.22
CA ARG B 97 -16.99 35.96 17.86
C ARG B 97 -16.65 37.30 18.49
N VAL B 98 -16.11 37.34 19.72
CA VAL B 98 -15.69 38.62 20.34
C VAL B 98 -14.69 39.36 19.42
N HIS B 99 -13.70 38.62 18.89
CA HIS B 99 -12.63 39.15 18.04
C HIS B 99 -13.16 39.52 16.66
N VAL B 100 -14.14 38.74 16.20
CA VAL B 100 -14.84 39.08 14.97
C VAL B 100 -15.52 40.45 15.12
N ARG B 101 -16.30 40.61 16.18
CA ARG B 101 -17.04 41.85 16.43
C ARG B 101 -16.20 43.12 16.70
N ILE B 102 -15.01 42.98 17.28
CA ILE B 102 -14.11 44.15 17.36
C ILE B 102 -13.38 44.41 16.03
N GLY B 103 -13.70 43.63 14.99
CA GLY B 103 -13.06 43.78 13.69
C GLY B 103 -11.57 43.47 13.66
N LEU B 104 -11.08 42.58 14.51
CA LEU B 104 -9.66 42.22 14.50
C LEU B 104 -9.39 41.40 13.25
N PRO B 105 -8.36 41.72 12.47
CA PRO B 105 -8.07 40.91 11.29
C PRO B 105 -7.73 39.44 11.67
N GLN B 106 -8.29 38.48 10.95
CA GLN B 106 -8.20 37.08 11.39
C GLN B 106 -6.78 36.59 11.48
N HIS B 107 -5.94 37.09 10.58
CA HIS B 107 -4.57 36.64 10.50
C HIS B 107 -3.83 36.85 11.84
N TYR B 108 -4.17 37.90 12.62
CA TYR B 108 -3.59 38.07 13.95
C TYR B 108 -3.84 36.91 14.91
N MET B 109 -4.94 36.20 14.78
CA MET B 109 -5.19 35.02 15.62
C MET B 109 -4.09 33.97 15.46
N PHE B 110 -3.53 33.78 14.25
CA PHE B 110 -2.47 32.77 14.07
C PHE B 110 -1.17 33.22 14.71
N GLY B 111 -0.88 34.49 14.57
CA GLY B 111 0.31 35.11 15.18
C GLY B 111 0.26 34.97 16.71
N ALA B 112 -0.90 35.33 17.28
CA ALA B 112 -1.06 35.35 18.73
C ALA B 112 -0.95 33.89 19.27
N MET B 113 -1.64 32.95 18.61
CA MET B 113 -1.60 31.53 19.00
C MET B 113 -0.20 31.00 18.88
N ASN B 114 0.57 31.43 17.87
CA ASN B 114 1.98 31.02 17.80
C ASN B 114 2.82 31.43 19.03
N VAL B 115 2.51 32.56 19.66
CA VAL B 115 3.28 32.95 20.89
C VAL B 115 2.99 31.94 21.98
N HIS B 116 1.72 31.68 22.25
CA HIS B 116 1.37 30.60 23.23
C HIS B 116 1.97 29.23 22.84
N ARG B 117 1.92 28.85 21.53
CA ARG B 117 2.45 27.58 21.09
C ARG B 117 3.93 27.48 21.47
N THR B 118 4.71 28.52 21.19
CA THR B 118 6.13 28.52 21.43
C THR B 118 6.45 28.42 22.94
N GLY B 119 5.81 29.26 23.76
CA GLY B 119 6.05 29.21 25.22
C GLY B 119 5.62 27.89 25.83
N LEU B 120 4.47 27.36 25.40
CA LEU B 120 3.92 26.12 25.99
C LEU B 120 4.75 24.92 25.57
N ALA B 121 5.19 24.88 24.29
CA ALA B 121 6.16 23.86 23.83
C ALA B 121 7.46 23.89 24.62
N ARG B 122 7.91 25.07 25.00
CA ARG B 122 9.16 25.22 25.79
C ARG B 122 8.96 24.65 27.22
N LEU B 123 7.87 25.05 27.91
CA LEU B 123 7.55 24.52 29.23
C LEU B 123 7.43 23.00 29.24
N ALA B 124 6.78 22.44 28.20
CA ALA B 124 6.63 21.00 28.07
C ALA B 124 7.98 20.30 27.94
N TYR B 125 8.86 20.81 27.09
CA TYR B 125 10.21 20.24 26.95
C TYR B 125 10.92 20.27 28.32
N GLU B 126 10.88 21.43 28.96
CA GLU B 126 11.62 21.62 30.20
C GLU B 126 11.23 20.65 31.30
N ARG B 127 9.93 20.35 31.40
CA ARG B 127 9.40 19.44 32.39
CA ARG B 127 9.37 19.43 32.39
C ARG B 127 9.50 17.97 32.01
N PHE B 128 9.37 17.65 30.72
CA PHE B 128 9.20 16.25 30.34
C PHE B 128 10.40 15.69 29.59
N HIS B 129 11.44 16.46 29.33
CA HIS B 129 12.57 15.95 28.51
C HIS B 129 13.20 14.67 29.04
N GLY B 130 13.17 14.49 30.35
CA GLY B 130 13.74 13.30 30.99
C GLY B 130 12.96 12.01 30.81
N ASP B 131 11.71 12.13 30.39
CA ASP B 131 10.88 11.01 30.07
C ASP B 131 10.40 11.20 28.64
N PRO B 132 11.23 10.84 27.64
CA PRO B 132 10.86 11.14 26.23
C PRO B 132 9.47 10.67 25.76
N PRO B 133 8.99 9.50 26.22
CA PRO B 133 7.67 9.06 25.76
C PRO B 133 6.52 9.86 26.33
N GLU B 134 6.72 10.46 27.50
CA GLU B 134 5.72 11.36 28.05
C GLU B 134 5.84 12.76 27.40
N LEU B 135 7.05 13.24 27.11
CA LEU B 135 7.19 14.45 26.31
C LEU B 135 6.47 14.34 24.94
N GLU B 136 6.56 13.18 24.30
CA GLU B 136 5.88 12.94 23.04
C GLU B 136 4.38 13.01 23.20
N ARG B 137 3.83 12.32 24.19
CA ARG B 137 2.37 12.42 24.47
C ARG B 137 1.90 13.84 24.77
N VAL B 138 2.66 14.59 25.55
CA VAL B 138 2.34 15.97 25.92
C VAL B 138 2.48 16.96 24.74
N ARG B 139 3.63 16.95 24.08
CA ARG B 139 3.81 17.63 22.77
C ARG B 139 2.69 17.35 21.78
N ASN B 140 2.28 16.09 21.63
CA ASN B 140 1.21 15.75 20.66
C ASN B 140 -0.14 16.32 21.06
N ALA B 141 -0.52 16.19 22.34
CA ALA B 141 -1.77 16.78 22.83
C ALA B 141 -1.85 18.30 22.71
N LEU B 142 -0.77 18.96 23.08
CA LEU B 142 -0.62 20.40 22.94
C LEU B 142 -0.85 20.85 21.54
N GLY B 143 -0.19 20.22 20.57
CA GLY B 143 -0.45 20.57 19.17
C GLY B 143 -1.92 20.42 18.75
N LYS B 144 -2.54 19.32 19.18
CA LYS B 144 -3.94 19.08 18.89
C LYS B 144 -4.85 20.12 19.47
N VAL B 145 -4.69 20.43 20.78
CA VAL B 145 -5.64 21.41 21.37
C VAL B 145 -5.52 22.80 20.74
N LEU B 146 -4.28 23.22 20.47
CA LEU B 146 -4.04 24.53 19.83
C LEU B 146 -4.52 24.57 18.37
N ASP B 147 -4.42 23.49 17.60
CA ASP B 147 -4.95 23.48 16.25
C ASP B 147 -6.46 23.47 16.24
N LEU B 148 -7.11 22.78 17.17
CA LEU B 148 -8.58 22.80 17.29
C LEU B 148 -9.11 24.18 17.76
N GLU B 149 -8.40 24.86 18.65
CA GLU B 149 -8.76 26.25 19.06
C GLU B 149 -8.74 27.19 17.86
N LEU B 150 -7.68 27.11 17.09
CA LEU B 150 -7.62 27.86 15.82
C LEU B 150 -8.78 27.52 14.88
N ALA B 151 -9.05 26.22 14.73
CA ALA B 151 -10.17 25.76 13.88
C ALA B 151 -11.51 26.35 14.32
N VAL B 152 -11.78 26.27 15.63
CA VAL B 152 -13.03 26.79 16.17
C VAL B 152 -13.12 28.31 16.08
N MET B 153 -12.04 29.02 16.41
CA MET B 153 -12.06 30.49 16.35
C MET B 153 -12.18 30.99 14.89
N LEU B 154 -11.59 30.30 13.95
CA LEU B 154 -11.65 30.71 12.56
C LEU B 154 -13.00 30.35 11.91
N HIS B 155 -13.68 29.32 12.42
CA HIS B 155 -15.06 29.05 12.06
C HIS B 155 -15.91 30.30 12.29
N THR B 156 -15.69 31.00 13.41
CA THR B 156 -16.52 32.19 13.73
C THR B 156 -16.34 33.33 12.76
N TYR B 157 -15.18 33.40 12.10
CA TYR B 157 -14.94 34.41 11.04
C TYR B 157 -15.69 34.12 9.74
N ARG B 158 -16.24 32.91 9.57
CA ARG B 158 -17.18 32.56 8.48
C ARG B 158 -18.63 32.55 8.98
N VAL C 8 27.42 -14.15 -2.12
CA VAL C 8 26.50 -14.20 -0.94
C VAL C 8 26.60 -12.93 -0.07
N PHE C 9 27.80 -12.58 0.37
CA PHE C 9 28.04 -11.22 0.88
C PHE C 9 27.58 -10.12 -0.10
N GLU C 10 27.65 -10.39 -1.41
CA GLU C 10 27.16 -9.47 -2.43
C GLU C 10 25.62 -9.33 -2.44
N GLU C 11 24.90 -10.44 -2.50
CA GLU C 11 23.44 -10.42 -2.32
C GLU C 11 23.01 -9.81 -0.97
N LEU C 12 23.64 -10.22 0.12
CA LEU C 12 23.28 -9.74 1.45
C LEU C 12 23.62 -8.29 1.68
N LYS C 13 24.71 -7.82 1.09
CA LYS C 13 25.05 -6.40 1.16
C LYS C 13 23.90 -5.54 0.62
N ARG C 14 23.37 -5.94 -0.53
CA ARG C 14 22.27 -5.23 -1.15
C ARG C 14 20.99 -5.41 -0.30
N TYR C 15 20.77 -6.60 0.25
CA TYR C 15 19.60 -6.83 1.12
C TYR C 15 19.59 -5.90 2.33
N VAL C 16 20.71 -5.81 3.06
CA VAL C 16 20.78 -5.01 4.30
C VAL C 16 21.06 -3.51 4.09
N GLY C 17 21.41 -3.12 2.86
CA GLY C 17 21.67 -1.72 2.55
C GLY C 17 23.07 -1.28 2.94
N TRP C 18 24.04 -2.16 2.77
CA TRP C 18 25.43 -1.89 3.19
C TRP C 18 26.00 -0.84 2.24
N GLY C 19 26.63 0.20 2.76
CA GLY C 19 27.39 1.13 1.90
C GLY C 19 28.43 1.88 2.70
N ASP C 20 29.02 2.94 2.11
CA ASP C 20 30.15 3.65 2.69
C ASP C 20 29.85 4.28 4.07
N GLY C 21 28.59 4.62 4.32
CA GLY C 21 28.20 5.13 5.64
C GLY C 21 28.40 4.13 6.79
N ASP C 22 28.13 2.85 6.53
CA ASP C 22 28.32 1.81 7.53
C ASP C 22 29.86 1.67 7.80
N GLU C 23 30.64 1.75 6.72
CA GLU C 23 32.11 1.64 6.80
C GLU C 23 32.70 2.76 7.65
N ARG C 24 32.26 4.00 7.46
CA ARG C 24 32.74 5.11 8.25
C ARG C 24 32.32 5.01 9.69
N ALA C 25 31.10 4.57 9.91
CA ALA C 25 30.63 4.44 11.29
C ALA C 25 31.43 3.41 12.09
N LEU C 26 31.70 2.25 11.49
CA LEU C 26 32.48 1.22 12.15
C LEU C 26 33.91 1.74 12.47
N ARG C 27 34.54 2.44 11.53
CA ARG C 27 35.85 3.03 11.81
C ARG C 27 35.83 4.04 12.99
N SER C 28 34.76 4.84 13.17
CA SER C 28 34.64 5.67 14.40
C SER C 28 34.53 4.82 15.67
N LEU C 29 33.81 3.71 15.60
CA LEU C 29 33.71 2.84 16.74
C LEU C 29 35.06 2.19 17.03
N HIS C 30 35.83 1.85 15.98
CA HIS C 30 37.17 1.21 16.13
C HIS C 30 37.99 1.91 17.18
N GLY C 31 38.16 3.22 17.02
CA GLY C 31 39.02 4.00 17.90
C GLY C 31 38.53 4.08 19.33
N ALA C 32 37.21 4.13 19.48
CA ALA C 32 36.58 4.05 20.79
C ALA C 32 36.68 2.63 21.41
N ALA C 33 36.49 1.58 20.62
CA ALA C 33 36.35 0.19 21.17
C ALA C 33 37.71 -0.54 21.34
N ALA C 34 38.66 -0.23 20.48
CA ALA C 34 39.93 -0.97 20.43
C ALA C 34 40.63 -1.19 21.78
N PRO C 35 40.72 -0.15 22.63
CA PRO C 35 41.35 -0.36 23.94
C PRO C 35 40.62 -1.35 24.87
N HIS C 36 39.36 -1.63 24.58
CA HIS C 36 38.55 -2.57 25.34
C HIS C 36 38.55 -3.99 24.76
N PHE C 37 39.16 -4.22 23.62
CA PHE C 37 39.17 -5.56 22.98
C PHE C 37 39.67 -6.67 23.88
N PRO C 38 40.75 -6.41 24.67
CA PRO C 38 41.20 -7.40 25.61
C PRO C 38 40.12 -7.84 26.59
N ARG C 39 39.38 -6.89 27.16
CA ARG C 39 38.25 -7.21 28.04
C ARG C 39 37.11 -7.91 27.29
N LEU C 40 36.85 -7.50 26.06
CA LEU C 40 35.89 -8.24 25.19
C LEU C 40 36.35 -9.68 24.90
N ALA C 41 37.63 -9.89 24.61
CA ALA C 41 38.14 -11.25 24.34
C ALA C 41 38.00 -12.06 25.62
N GLU C 42 38.28 -11.43 26.76
CA GLU C 42 38.21 -12.11 28.06
C GLU C 42 36.77 -12.58 28.36
N GLU C 43 35.83 -11.65 28.25
CA GLU C 43 34.40 -11.96 28.42
C GLU C 43 33.95 -13.11 27.51
N PHE C 44 34.42 -13.10 26.25
CA PHE C 44 34.17 -14.14 25.24
C PHE C 44 34.58 -15.52 25.75
N TYR C 45 35.83 -15.69 26.17
CA TYR C 45 36.30 -17.01 26.65
C TYR C 45 35.76 -17.40 28.02
N ASP C 46 35.50 -16.45 28.90
CA ASP C 46 34.84 -16.77 30.15
C ASP C 46 33.46 -17.39 29.93
N ARG C 47 32.79 -17.01 28.83
CA ARG C 47 31.51 -17.63 28.49
C ARG C 47 31.67 -19.07 27.99
N ILE C 48 32.66 -19.32 27.14
CA ILE C 48 32.88 -20.68 26.61
C ILE C 48 33.25 -21.64 27.75
N LEU C 49 34.10 -21.17 28.68
CA LEU C 49 34.55 -21.99 29.82
C LEU C 49 33.45 -22.28 30.84
N GLY C 50 32.54 -21.34 31.05
CA GLY C 50 31.49 -21.51 32.05
C GLY C 50 30.30 -22.35 31.59
N HIS C 51 30.40 -22.88 30.37
CA HIS C 51 29.26 -23.50 29.66
C HIS C 51 29.66 -24.88 29.25
N GLU C 52 28.96 -25.87 29.82
CA GLU C 52 29.35 -27.30 29.73
C GLU C 52 29.59 -27.82 28.30
N GLY C 53 28.64 -27.61 27.39
CA GLY C 53 28.74 -28.15 26.02
C GLY C 53 29.72 -27.44 25.07
N ALA C 54 29.81 -26.11 25.20
CA ALA C 54 30.77 -25.31 24.44
C ALA C 54 32.21 -25.54 24.94
N ARG C 55 32.39 -25.64 26.26
CA ARG C 55 33.71 -25.93 26.84
C ARG C 55 34.30 -27.26 26.34
N THR C 56 33.47 -28.14 25.76
CA THR C 56 33.97 -29.30 24.98
C THR C 56 35.04 -28.96 23.95
N ALA C 57 34.78 -28.04 23.04
CA ALA C 57 35.70 -27.80 21.89
C ALA C 57 37.13 -27.30 22.26
N LEU C 58 37.30 -26.68 23.43
CA LEU C 58 38.62 -26.19 23.88
C LEU C 58 39.49 -27.29 24.53
N VAL C 59 40.42 -27.84 23.74
CA VAL C 59 41.18 -29.04 24.13
C VAL C 59 42.60 -28.79 24.65
N GLY C 60 43.03 -27.52 24.67
CA GLY C 60 44.41 -27.15 25.05
C GLY C 60 44.54 -26.28 26.28
N GLY C 61 43.51 -26.25 27.12
CA GLY C 61 43.59 -25.59 28.42
C GLY C 61 43.68 -24.08 28.41
N GLU C 62 44.70 -23.56 29.11
CA GLU C 62 44.86 -22.11 29.42
C GLU C 62 45.84 -21.38 28.48
N SER C 63 46.84 -22.08 27.96
CA SER C 63 47.69 -21.51 26.91
C SER C 63 46.91 -21.40 25.58
N GLN C 64 45.94 -22.31 25.36
CA GLN C 64 45.07 -22.27 24.14
C GLN C 64 44.15 -21.06 24.19
N VAL C 65 43.45 -20.85 25.32
CA VAL C 65 42.68 -19.61 25.58
C VAL C 65 43.59 -18.39 25.35
N GLY C 66 44.76 -18.36 26.02
CA GLY C 66 45.77 -17.29 25.79
C GLY C 66 46.06 -16.98 24.34
N HIS C 67 46.20 -18.02 23.54
CA HIS C 67 46.41 -17.90 22.10
C HIS C 67 45.19 -17.40 21.33
N LEU C 68 44.04 -17.94 21.68
CA LEU C 68 42.80 -17.59 20.98
C LEU C 68 42.47 -16.14 21.27
N LYS C 69 42.83 -15.65 22.47
CA LYS C 69 42.67 -14.22 22.80
C LYS C 69 43.41 -13.33 21.81
N VAL C 70 44.66 -13.67 21.51
CA VAL C 70 45.44 -12.91 20.53
C VAL C 70 44.76 -12.90 19.18
N THR C 71 44.33 -14.09 18.73
CA THR C 71 43.59 -14.22 17.48
C THR C 71 42.23 -13.43 17.41
N MET C 72 41.55 -13.35 18.54
CA MET C 72 40.23 -12.70 18.66
C MET C 72 40.37 -11.18 18.74
N ILE C 73 41.42 -10.68 19.40
CA ILE C 73 41.76 -9.24 19.33
C ILE C 73 42.01 -8.80 17.87
N ALA C 74 42.71 -9.62 17.11
CA ALA C 74 42.92 -9.37 15.67
C ALA C 74 41.63 -9.43 14.87
N TRP C 75 40.79 -10.40 15.16
CA TRP C 75 39.45 -10.49 14.52
C TRP C 75 38.64 -9.22 14.79
N LEU C 76 38.54 -8.81 16.04
CA LEU C 76 37.84 -7.58 16.44
C LEU C 76 38.40 -6.35 15.71
N ASP C 77 39.74 -6.23 15.69
CA ASP C 77 40.44 -5.20 14.90
C ASP C 77 40.04 -5.14 13.40
N GLU C 78 39.97 -6.30 12.76
CA GLU C 78 39.57 -6.39 11.39
C GLU C 78 38.09 -6.00 11.27
N LEU C 79 37.29 -6.48 12.22
CA LEU C 79 35.84 -6.24 12.19
C LEU C 79 35.46 -4.78 12.14
N LEU C 80 36.06 -3.95 12.99
CA LEU C 80 35.72 -2.55 13.08
C LEU C 80 36.61 -1.66 12.21
N GLY C 81 37.80 -2.13 11.81
CA GLY C 81 38.72 -1.28 11.02
C GLY C 81 38.63 -1.50 9.54
N GLY C 82 38.33 -2.74 9.16
CA GLY C 82 38.11 -3.12 7.77
C GLY C 82 39.43 -3.10 7.01
N PRO C 83 39.41 -2.93 5.68
CA PRO C 83 38.23 -2.83 4.81
C PRO C 83 37.44 -4.12 4.75
N TRP C 84 36.20 -4.05 4.29
CA TRP C 84 35.29 -5.16 4.22
C TRP C 84 35.14 -5.54 2.73
N ASP C 85 36.27 -5.73 2.06
CA ASP C 85 36.29 -6.02 0.61
C ASP C 85 36.17 -7.52 0.36
N GLU C 86 36.34 -7.99 -0.88
CA GLU C 86 36.23 -9.42 -1.14
C GLU C 86 37.26 -10.21 -0.33
N ALA C 87 38.46 -9.67 -0.14
CA ALA C 87 39.45 -10.42 0.60
C ALA C 87 39.07 -10.52 2.09
N TYR C 88 38.46 -9.48 2.64
CA TYR C 88 37.97 -9.55 4.00
C TYR C 88 37.00 -10.74 4.12
N TRP C 89 35.99 -10.79 3.24
CA TRP C 89 34.92 -11.83 3.34
C TRP C 89 35.42 -13.23 3.00
N ASP C 90 36.38 -13.34 2.06
CA ASP C 90 37.09 -14.61 1.84
C ASP C 90 37.77 -15.21 3.07
N ARG C 91 38.45 -14.36 3.85
CA ARG C 91 39.01 -14.75 5.14
C ARG C 91 37.93 -15.22 6.13
N ARG C 92 36.82 -14.49 6.22
CA ARG C 92 35.72 -14.92 7.11
C ARG C 92 35.18 -16.32 6.72
N TYR C 93 35.09 -16.61 5.42
CA TYR C 93 34.66 -17.94 4.94
C TYR C 93 35.63 -18.97 5.52
N ARG C 94 36.94 -18.72 5.33
CA ARG C 94 37.98 -19.60 5.85
C ARG C 94 37.83 -19.80 7.34
N ILE C 95 37.67 -18.73 8.12
CA ILE C 95 37.46 -18.83 9.56
C ILE C 95 36.27 -19.73 9.92
N GLY C 96 35.21 -19.65 9.13
CA GLY C 96 34.05 -20.52 9.28
C GLY C 96 34.44 -21.99 9.11
N ARG C 97 35.12 -22.28 8.01
CA ARG C 97 35.64 -23.63 7.71
C ARG C 97 36.51 -24.20 8.82
N VAL C 98 37.35 -23.37 9.45
CA VAL C 98 38.12 -23.82 10.62
C VAL C 98 37.17 -24.43 11.65
N HIS C 99 36.04 -23.77 11.94
CA HIS C 99 35.08 -24.30 12.94
C HIS C 99 34.24 -25.50 12.45
N VAL C 100 34.00 -25.61 11.15
CA VAL C 100 33.31 -26.79 10.60
C VAL C 100 34.23 -28.00 10.84
N ARG C 101 35.50 -27.86 10.44
CA ARG C 101 36.53 -28.91 10.56
C ARG C 101 36.66 -29.48 11.97
N ILE C 102 36.77 -28.64 13.01
CA ILE C 102 36.84 -29.14 14.41
C ILE C 102 35.50 -29.68 14.95
N GLY C 103 34.43 -29.63 14.15
CA GLY C 103 33.10 -30.13 14.56
C GLY C 103 32.41 -29.37 15.69
N LEU C 104 32.62 -28.05 15.76
CA LEU C 104 31.89 -27.19 16.72
C LEU C 104 30.45 -27.18 16.26
N PRO C 105 29.49 -27.52 17.14
CA PRO C 105 28.11 -27.45 16.66
C PRO C 105 27.73 -26.03 16.24
N GLN C 106 27.14 -25.94 15.05
CA GLN C 106 26.90 -24.64 14.38
C GLN C 106 26.20 -23.62 15.29
N HIS C 107 25.28 -24.08 16.13
CA HIS C 107 24.51 -23.18 16.98
C HIS C 107 25.35 -22.42 18.00
N TYR C 108 26.54 -22.90 18.37
CA TYR C 108 27.40 -22.09 19.27
C TYR C 108 27.92 -20.79 18.61
N MET C 109 28.05 -20.78 17.30
CA MET C 109 28.43 -19.53 16.56
C MET C 109 27.54 -18.38 16.94
N PHE C 110 26.25 -18.67 17.10
CA PHE C 110 25.26 -17.67 17.49
C PHE C 110 25.40 -17.20 18.91
N GLY C 111 25.64 -18.13 19.83
CA GLY C 111 25.78 -17.76 21.22
C GLY C 111 27.04 -16.92 21.41
N ALA C 112 28.11 -17.39 20.80
CA ALA C 112 29.41 -16.71 20.79
C ALA C 112 29.31 -15.26 20.25
N MET C 113 28.76 -15.10 19.04
CA MET C 113 28.57 -13.75 18.44
C MET C 113 27.77 -12.81 19.30
N ASN C 114 26.78 -13.38 20.00
CA ASN C 114 25.92 -12.59 20.83
C ASN C 114 26.68 -11.99 21.99
N VAL C 115 27.66 -12.70 22.53
CA VAL C 115 28.51 -12.10 23.58
C VAL C 115 29.28 -10.83 23.07
N HIS C 116 29.85 -10.91 21.88
CA HIS C 116 30.44 -9.72 21.21
C HIS C 116 29.45 -8.62 20.88
N ARG C 117 28.26 -9.03 20.41
CA ARG C 117 27.23 -8.04 20.01
C ARG C 117 26.87 -7.24 21.25
N THR C 118 26.71 -7.92 22.40
CA THR C 118 26.34 -7.24 23.64
C THR C 118 27.40 -6.22 24.12
N GLY C 119 28.64 -6.72 24.26
CA GLY C 119 29.78 -5.86 24.57
C GLY C 119 30.06 -4.71 23.61
N LEU C 120 30.03 -4.96 22.30
CA LEU C 120 30.25 -3.88 21.30
C LEU C 120 29.11 -2.85 21.25
N ALA C 121 27.87 -3.32 21.40
CA ALA C 121 26.70 -2.44 21.48
C ALA C 121 26.76 -1.55 22.71
N ARG C 122 27.31 -2.02 23.84
CA ARG C 122 27.48 -1.18 25.02
C ARG C 122 28.51 -0.07 24.78
N LEU C 123 29.61 -0.45 24.16
CA LEU C 123 30.70 0.48 23.84
C LEU C 123 30.20 1.55 22.87
N ALA C 124 29.42 1.18 21.86
CA ALA C 124 28.83 2.14 20.92
C ALA C 124 27.93 3.11 21.65
N TYR C 125 27.10 2.61 22.59
CA TYR C 125 26.27 3.52 23.40
C TYR C 125 27.11 4.48 24.25
N GLU C 126 28.06 3.95 25.00
CA GLU C 126 28.83 4.81 25.91
C GLU C 126 29.65 5.87 25.14
N ARG C 127 30.07 5.57 23.91
CA ARG C 127 30.83 6.55 23.07
C ARG C 127 29.94 7.55 22.25
N PHE C 128 28.78 7.10 21.79
CA PHE C 128 28.01 7.87 20.79
C PHE C 128 26.65 8.39 21.27
N HIS C 129 26.28 8.16 22.53
CA HIS C 129 24.95 8.62 23.01
C HIS C 129 24.79 10.13 22.98
N GLY C 130 25.89 10.86 23.05
CA GLY C 130 25.83 12.34 22.99
C GLY C 130 25.43 12.89 21.65
N ASP C 131 25.50 12.06 20.59
CA ASP C 131 25.12 12.43 19.22
C ASP C 131 24.21 11.32 18.70
N PRO C 132 22.90 11.37 19.06
CA PRO C 132 21.98 10.31 18.70
C PRO C 132 21.91 9.85 17.23
N PRO C 133 22.04 10.77 16.25
CA PRO C 133 22.10 10.34 14.83
C PRO C 133 23.31 9.49 14.46
N GLU C 134 24.45 9.84 15.04
CA GLU C 134 25.67 9.07 14.85
CA GLU C 134 25.66 9.07 14.86
C GLU C 134 25.54 7.74 15.58
N LEU C 135 24.99 7.75 16.80
CA LEU C 135 24.77 6.48 17.51
C LEU C 135 23.93 5.57 16.63
N GLU C 136 22.91 6.15 15.96
CA GLU C 136 22.05 5.33 15.11
C GLU C 136 22.81 4.71 13.95
N ARG C 137 23.66 5.48 13.27
CA ARG C 137 24.45 4.95 12.15
C ARG C 137 25.41 3.86 12.62
N VAL C 138 26.05 4.07 13.76
CA VAL C 138 27.01 3.08 14.33
C VAL C 138 26.30 1.79 14.75
N ARG C 139 25.25 1.91 15.57
CA ARG C 139 24.37 0.78 15.90
C ARG C 139 23.89 -0.01 14.69
N ASN C 140 23.46 0.68 13.65
CA ASN C 140 22.96 0.01 12.46
C ASN C 140 24.05 -0.73 11.74
N ALA C 141 25.20 -0.08 11.57
CA ALA C 141 26.35 -0.71 10.93
C ALA C 141 26.84 -1.94 11.72
N LEU C 142 26.98 -1.80 13.04
CA LEU C 142 27.32 -2.93 13.93
C LEU C 142 26.35 -4.09 13.75
N GLY C 143 25.05 -3.81 13.77
CA GLY C 143 24.09 -4.91 13.49
C GLY C 143 24.29 -5.63 12.18
N LYS C 144 24.49 -4.87 11.11
CA LYS C 144 24.77 -5.39 9.79
C LYS C 144 26.00 -6.26 9.68
N VAL C 145 27.13 -5.78 10.22
CA VAL C 145 28.40 -6.53 10.08
C VAL C 145 28.35 -7.88 10.80
N LEU C 146 27.80 -7.87 12.02
CA LEU C 146 27.68 -9.11 12.78
C LEU C 146 26.69 -10.10 12.16
N ASP C 147 25.55 -9.65 11.58
CA ASP C 147 24.66 -10.55 10.82
C ASP C 147 25.24 -11.10 9.53
N LEU C 148 26.01 -10.29 8.83
CA LEU C 148 26.76 -10.75 7.66
C LEU C 148 27.86 -11.75 8.06
N GLU C 149 28.58 -11.47 9.15
CA GLU C 149 29.60 -12.41 9.74
C GLU C 149 28.95 -13.76 9.99
N LEU C 150 27.83 -13.75 10.72
CA LEU C 150 27.07 -14.98 10.89
C LEU C 150 26.68 -15.69 9.61
N ALA C 151 26.14 -14.96 8.61
CA ALA C 151 25.64 -15.57 7.37
C ALA C 151 26.72 -16.28 6.58
N VAL C 152 27.88 -15.62 6.50
CA VAL C 152 29.08 -16.16 5.85
C VAL C 152 29.60 -17.38 6.59
N MET C 153 29.83 -17.29 7.89
CA MET C 153 30.36 -18.45 8.62
C MET C 153 29.36 -19.65 8.62
N LEU C 154 28.06 -19.37 8.76
CA LEU C 154 27.01 -20.40 8.63
C LEU C 154 26.88 -21.00 7.22
N HIS C 155 27.22 -20.22 6.20
CA HIS C 155 27.29 -20.76 4.83
C HIS C 155 28.28 -21.95 4.72
N THR C 156 29.38 -21.88 5.46
CA THR C 156 30.45 -22.91 5.39
C THR C 156 30.00 -24.21 6.05
N TYR C 157 29.03 -24.14 6.98
CA TYR C 157 28.40 -25.35 7.56
C TYR C 157 27.46 -26.13 6.63
N ARG C 158 27.18 -25.61 5.44
CA ARG C 158 26.39 -26.33 4.42
C ARG C 158 27.34 -27.04 3.45
N THR D 7 17.68 -29.19 23.34
CA THR D 7 18.01 -28.80 21.92
C THR D 7 18.71 -27.41 21.87
N VAL D 8 18.66 -26.76 20.70
CA VAL D 8 19.35 -25.50 20.42
C VAL D 8 18.97 -24.47 21.46
N PHE D 9 17.66 -24.24 21.61
CA PHE D 9 17.14 -23.18 22.47
C PHE D 9 17.52 -23.32 23.91
N GLU D 10 17.64 -24.55 24.41
CA GLU D 10 17.93 -24.75 25.85
C GLU D 10 19.41 -24.42 26.18
N GLU D 11 20.31 -25.02 25.41
CA GLU D 11 21.75 -24.73 25.50
C GLU D 11 22.09 -23.25 25.31
N LEU D 12 21.59 -22.68 24.23
CA LEU D 12 21.93 -21.31 23.86
C LEU D 12 21.45 -20.28 24.86
N LYS D 13 20.30 -20.53 25.50
CA LYS D 13 19.79 -19.62 26.55
C LYS D 13 20.78 -19.47 27.69
N ARG D 14 21.35 -20.58 28.13
CA ARG D 14 22.37 -20.51 29.20
C ARG D 14 23.67 -19.85 28.70
N TYR D 15 24.08 -20.15 27.47
CA TYR D 15 25.24 -19.50 26.83
C TYR D 15 25.12 -17.98 26.85
N VAL D 16 23.98 -17.44 26.42
CA VAL D 16 23.77 -15.96 26.41
C VAL D 16 23.36 -15.32 27.73
N GLY D 17 23.17 -16.11 28.79
CA GLY D 17 22.75 -15.54 30.07
C GLY D 17 21.26 -15.15 30.04
N TRP D 18 20.46 -15.90 29.29
CA TRP D 18 19.00 -15.67 29.22
C TRP D 18 18.39 -15.94 30.57
N GLY D 19 17.71 -14.93 31.12
CA GLY D 19 16.91 -15.15 32.31
C GLY D 19 15.73 -14.24 32.42
N ASP D 20 15.19 -14.16 33.64
CA ASP D 20 13.99 -13.40 33.95
C ASP D 20 14.09 -11.93 33.55
N GLY D 21 15.28 -11.35 33.70
CA GLY D 21 15.49 -9.96 33.42
C GLY D 21 15.30 -9.60 31.94
N ASP D 22 15.79 -10.48 31.08
CA ASP D 22 15.65 -10.36 29.61
C ASP D 22 14.15 -10.45 29.25
N GLU D 23 13.48 -11.41 29.88
CA GLU D 23 12.07 -11.66 29.64
C GLU D 23 11.28 -10.42 30.03
N ARG D 24 11.49 -9.91 31.24
CA ARG D 24 10.91 -8.61 31.60
C ARG D 24 11.26 -7.43 30.67
N ALA D 25 12.48 -7.39 30.16
CA ALA D 25 12.88 -6.27 29.31
C ALA D 25 12.07 -6.31 27.99
N LEU D 26 11.94 -7.50 27.39
CA LEU D 26 11.19 -7.66 26.16
C LEU D 26 9.71 -7.33 26.29
N ARG D 27 9.06 -7.78 27.38
CA ARG D 27 7.66 -7.37 27.63
C ARG D 27 7.47 -5.86 27.76
N SER D 28 8.46 -5.14 28.31
CA SER D 28 8.39 -3.68 28.47
CA SER D 28 8.36 -3.67 28.47
C SER D 28 8.50 -2.96 27.12
N LEU D 29 9.30 -3.52 26.22
CA LEU D 29 9.37 -3.04 24.84
C LEU D 29 8.08 -3.33 24.07
N HIS D 30 7.52 -4.52 24.28
CA HIS D 30 6.30 -4.94 23.57
C HIS D 30 5.25 -3.82 23.59
N GLY D 31 4.97 -3.27 24.76
CA GLY D 31 3.99 -2.18 24.91
C GLY D 31 4.25 -0.97 24.06
N ALA D 32 5.52 -0.57 23.97
CA ALA D 32 5.91 0.57 23.17
C ALA D 32 5.94 0.24 21.67
N ALA D 33 6.38 -0.97 21.33
CA ALA D 33 6.62 -1.34 19.93
C ALA D 33 5.40 -1.82 19.15
N ALA D 34 4.44 -2.45 19.83
CA ALA D 34 3.31 -3.09 19.17
C ALA D 34 2.48 -2.20 18.22
N PRO D 35 2.29 -0.91 18.56
CA PRO D 35 1.54 -0.10 17.60
C PRO D 35 2.34 0.17 16.31
N HIS D 36 3.67 -0.03 16.35
CA HIS D 36 4.54 0.06 15.18
C HIS D 36 4.72 -1.22 14.42
N PHE D 37 4.12 -2.33 14.87
CA PHE D 37 4.28 -3.60 14.14
C PHE D 37 3.82 -3.56 12.68
N PRO D 38 2.68 -2.90 12.37
CA PRO D 38 2.29 -2.76 10.96
C PRO D 38 3.40 -2.11 10.10
N ARG D 39 4.04 -1.07 10.63
CA ARG D 39 5.11 -0.40 9.89
C ARG D 39 6.36 -1.29 9.74
N LEU D 40 6.74 -2.01 10.79
CA LEU D 40 7.89 -2.92 10.74
C LEU D 40 7.62 -4.03 9.71
N ALA D 41 6.40 -4.57 9.66
CA ALA D 41 6.03 -5.55 8.63
C ALA D 41 6.05 -4.96 7.21
N GLU D 42 5.56 -3.74 7.04
CA GLU D 42 5.66 -3.03 5.75
C GLU D 42 7.12 -2.88 5.30
N GLU D 43 7.99 -2.42 6.21
CA GLU D 43 9.44 -2.24 5.86
C GLU D 43 10.08 -3.62 5.49
N PHE D 44 9.63 -4.70 6.15
CA PHE D 44 10.11 -6.07 5.90
C PHE D 44 9.78 -6.55 4.49
N TYR D 45 8.49 -6.47 4.11
CA TYR D 45 8.03 -6.83 2.77
C TYR D 45 8.56 -5.84 1.71
N ASP D 46 8.69 -4.57 2.03
CA ASP D 46 9.31 -3.67 1.07
C ASP D 46 10.73 -4.17 0.68
N ARG D 47 11.52 -4.60 1.67
CA ARG D 47 12.89 -5.07 1.38
C ARG D 47 12.89 -6.34 0.52
N ILE D 48 12.04 -7.32 0.84
CA ILE D 48 11.85 -8.50 0.01
C ILE D 48 11.51 -8.13 -1.44
N LEU D 49 10.51 -7.29 -1.62
CA LEU D 49 10.00 -6.98 -2.97
C LEU D 49 10.99 -6.13 -3.77
N GLY D 50 11.82 -5.38 -3.09
CA GLY D 50 12.91 -4.64 -3.75
C GLY D 50 14.13 -5.46 -4.16
N HIS D 51 14.35 -6.64 -3.58
CA HIS D 51 15.62 -7.37 -3.74
C HIS D 51 15.59 -8.44 -4.86
N GLU D 52 16.49 -8.31 -5.84
CA GLU D 52 16.52 -9.19 -7.06
C GLU D 52 16.36 -10.74 -6.87
N GLY D 53 17.01 -11.28 -5.86
CA GLY D 53 16.87 -12.72 -5.55
C GLY D 53 15.69 -13.10 -4.68
N ALA D 54 15.38 -12.28 -3.67
CA ALA D 54 14.30 -12.56 -2.75
C ALA D 54 12.92 -12.32 -3.33
N ARG D 55 12.77 -11.32 -4.18
CA ARG D 55 11.43 -10.83 -4.58
C ARG D 55 10.55 -11.83 -5.31
N THR D 56 11.16 -12.66 -6.15
CA THR D 56 10.42 -13.65 -6.92
C THR D 56 10.00 -14.87 -6.04
N ALA D 57 10.36 -14.90 -4.76
CA ALA D 57 9.69 -15.77 -3.79
C ALA D 57 8.20 -15.45 -3.48
N LEU D 58 7.77 -14.20 -3.79
CA LEU D 58 6.39 -13.72 -3.54
C LEU D 58 5.64 -13.54 -4.85
N VAL D 59 5.04 -14.61 -5.33
CA VAL D 59 4.26 -14.58 -6.55
C VAL D 59 2.81 -15.03 -6.30
N GLY D 60 2.39 -15.13 -5.03
CA GLY D 60 1.00 -15.54 -4.65
C GLY D 60 -0.01 -14.39 -4.73
N GLY D 61 0.45 -13.18 -5.03
CA GLY D 61 -0.43 -12.02 -5.24
C GLY D 61 -0.59 -11.13 -4.04
N GLU D 62 -1.46 -10.12 -4.17
CA GLU D 62 -1.73 -9.16 -3.11
CA GLU D 62 -1.74 -9.18 -3.11
C GLU D 62 -2.23 -9.90 -1.86
N SER D 63 -3.01 -10.98 -2.04
CA SER D 63 -3.50 -11.74 -0.86
C SER D 63 -2.40 -12.48 -0.08
N GLN D 64 -1.43 -13.08 -0.77
CA GLN D 64 -0.25 -13.68 -0.08
C GLN D 64 0.47 -12.67 0.80
N VAL D 65 0.72 -11.49 0.26
CA VAL D 65 1.44 -10.43 0.96
C VAL D 65 0.62 -9.92 2.17
N GLY D 66 -0.68 -9.72 1.96
CA GLY D 66 -1.58 -9.35 3.05
C GLY D 66 -1.60 -10.39 4.16
N HIS D 67 -1.68 -11.66 3.81
CA HIS D 67 -1.72 -12.73 4.83
C HIS D 67 -0.35 -12.79 5.52
N LEU D 68 0.75 -12.64 4.76
CA LEU D 68 2.08 -12.61 5.41
C LEU D 68 2.22 -11.49 6.41
N LYS D 69 1.62 -10.32 6.14
CA LYS D 69 1.71 -9.22 7.11
C LYS D 69 1.00 -9.59 8.41
N VAL D 70 -0.12 -10.29 8.29
CA VAL D 70 -0.83 -10.77 9.50
C VAL D 70 0.03 -11.74 10.32
N THR D 71 0.62 -12.73 9.66
CA THR D 71 1.43 -13.74 10.36
C THR D 71 2.71 -13.09 10.89
N MET D 72 3.24 -12.07 10.20
CA MET D 72 4.41 -11.30 10.71
C MET D 72 4.12 -10.46 11.93
N ILE D 73 2.96 -9.77 11.96
CA ILE D 73 2.53 -9.05 13.16
C ILE D 73 2.40 -10.00 14.39
N ALA D 74 1.88 -11.20 14.17
CA ALA D 74 1.78 -12.21 15.22
C ALA D 74 3.18 -12.75 15.62
N TRP D 75 4.06 -12.85 14.65
CA TRP D 75 5.47 -13.23 14.92
C TRP D 75 6.12 -12.23 15.86
N LEU D 76 5.95 -10.93 15.61
CA LEU D 76 6.52 -9.84 16.39
C LEU D 76 5.91 -9.73 17.74
N ASP D 77 4.59 -9.92 17.78
CA ASP D 77 3.93 -9.86 19.05
C ASP D 77 4.43 -10.96 20.03
N GLU D 78 4.60 -12.16 19.53
CA GLU D 78 5.19 -13.29 20.31
C GLU D 78 6.68 -13.08 20.62
N LEU D 79 7.43 -12.61 19.63
CA LEU D 79 8.89 -12.29 19.86
C LEU D 79 9.08 -11.49 21.13
N LEU D 80 8.35 -10.38 21.25
CA LEU D 80 8.48 -9.46 22.39
C LEU D 80 7.61 -9.77 23.62
N GLY D 81 6.53 -10.51 23.43
CA GLY D 81 5.64 -10.89 24.56
C GLY D 81 5.90 -12.24 25.19
N GLY D 82 6.42 -13.18 24.43
CA GLY D 82 6.68 -14.51 24.93
C GLY D 82 5.41 -15.27 25.34
N PRO D 83 5.53 -16.29 26.20
CA PRO D 83 6.79 -16.76 26.74
C PRO D 83 7.66 -17.37 25.66
N TRP D 84 8.88 -17.70 26.06
CA TRP D 84 9.89 -18.24 25.20
C TRP D 84 10.27 -19.63 25.73
N ASP D 85 9.21 -20.40 26.01
CA ASP D 85 9.24 -21.77 26.52
C ASP D 85 9.34 -22.79 25.36
N GLU D 86 9.20 -24.09 25.67
CA GLU D 86 9.35 -25.17 24.68
C GLU D 86 8.35 -25.11 23.51
N ALA D 87 7.14 -24.65 23.79
CA ALA D 87 6.10 -24.50 22.80
C ALA D 87 6.43 -23.37 21.79
N TYR D 88 6.88 -22.24 22.30
CA TYR D 88 7.41 -21.10 21.49
C TYR D 88 8.45 -21.62 20.51
N TRP D 89 9.45 -22.33 21.01
CA TRP D 89 10.55 -22.71 20.15
C TRP D 89 10.16 -23.80 19.15
N ASP D 90 9.31 -24.76 19.57
CA ASP D 90 8.63 -25.70 18.65
C ASP D 90 7.99 -25.02 17.46
N ARG D 91 7.25 -23.93 17.69
CA ARG D 91 6.66 -23.11 16.59
C ARG D 91 7.74 -22.49 15.69
N ARG D 92 8.84 -22.00 16.28
CA ARG D 92 9.92 -21.44 15.45
C ARG D 92 10.55 -22.50 14.58
N TYR D 93 10.62 -23.76 15.04
CA TYR D 93 11.23 -24.82 14.23
C TYR D 93 10.34 -25.07 13.05
N ARG D 94 9.01 -25.09 13.23
CA ARG D 94 8.06 -25.32 12.10
C ARG D 94 8.14 -24.21 11.08
N ILE D 95 8.17 -22.98 11.58
CA ILE D 95 8.40 -21.78 10.72
C ILE D 95 9.67 -21.90 9.88
N GLY D 96 10.77 -22.27 10.53
CA GLY D 96 12.03 -22.45 9.79
C GLY D 96 11.84 -23.50 8.71
N ARG D 97 11.22 -24.64 9.07
CA ARG D 97 10.92 -25.70 8.10
C ARG D 97 10.12 -25.24 6.88
N VAL D 98 9.13 -24.36 7.07
CA VAL D 98 8.33 -23.83 5.95
C VAL D 98 9.24 -23.19 4.92
N HIS D 99 10.21 -22.39 5.36
CA HIS D 99 11.19 -21.74 4.43
C HIS D 99 12.10 -22.79 3.74
N VAL D 100 12.50 -23.81 4.48
CA VAL D 100 13.24 -24.94 3.87
C VAL D 100 12.42 -25.63 2.76
N ARG D 101 11.15 -25.95 3.04
CA ARG D 101 10.29 -26.65 2.06
CA ARG D 101 10.23 -26.61 2.08
C ARG D 101 10.10 -25.85 0.76
N ILE D 102 9.96 -24.52 0.86
CA ILE D 102 9.76 -23.67 -0.32
C ILE D 102 11.03 -23.38 -1.10
N GLY D 103 12.18 -23.77 -0.57
CA GLY D 103 13.48 -23.65 -1.23
C GLY D 103 14.11 -22.27 -1.13
N LEU D 104 13.81 -21.52 -0.07
CA LEU D 104 14.39 -20.18 0.10
C LEU D 104 15.85 -20.36 0.49
N PRO D 105 16.80 -19.68 -0.18
CA PRO D 105 18.21 -19.72 0.21
C PRO D 105 18.41 -19.24 1.64
N GLN D 106 19.23 -19.94 2.41
CA GLN D 106 19.30 -19.75 3.87
C GLN D 106 19.87 -18.39 4.27
N HIS D 107 20.76 -17.85 3.46
CA HIS D 107 21.31 -16.54 3.74
C HIS D 107 20.26 -15.44 3.73
N TYR D 108 19.15 -15.59 3.01
CA TYR D 108 18.11 -14.53 3.07
C TYR D 108 17.52 -14.39 4.46
N MET D 109 17.57 -15.43 5.27
CA MET D 109 17.09 -15.33 6.64
C MET D 109 17.87 -14.31 7.49
N PHE D 110 19.17 -14.11 7.21
CA PHE D 110 19.98 -13.11 7.93
C PHE D 110 19.65 -11.74 7.40
N GLY D 111 19.45 -11.64 6.09
CA GLY D 111 19.09 -10.37 5.50
C GLY D 111 17.79 -9.88 6.14
N ALA D 112 16.78 -10.74 6.09
CA ALA D 112 15.43 -10.42 6.59
C ALA D 112 15.46 -10.11 8.07
N MET D 113 16.16 -10.93 8.88
CA MET D 113 16.30 -10.68 10.29
C MET D 113 16.94 -9.37 10.64
N ASN D 114 17.92 -8.92 9.83
CA ASN D 114 18.57 -7.61 10.03
C ASN D 114 17.62 -6.45 9.85
N VAL D 115 16.63 -6.57 8.95
CA VAL D 115 15.61 -5.51 8.79
C VAL D 115 14.85 -5.31 10.11
N HIS D 116 14.32 -6.39 10.70
CA HIS D 116 13.70 -6.35 12.03
C HIS D 116 14.68 -5.93 13.13
N ARG D 117 15.93 -6.41 13.11
CA ARG D 117 16.87 -5.94 14.14
C ARG D 117 17.03 -4.44 14.15
N THR D 118 17.27 -3.87 12.97
CA THR D 118 17.47 -2.41 12.80
C THR D 118 16.24 -1.64 13.29
N GLY D 119 15.07 -1.99 12.74
CA GLY D 119 13.81 -1.40 13.19
C GLY D 119 13.50 -1.53 14.67
N LEU D 120 13.69 -2.70 15.26
CA LEU D 120 13.43 -2.89 16.69
C LEU D 120 14.42 -2.19 17.62
N ALA D 121 15.69 -2.18 17.26
CA ALA D 121 16.74 -1.36 17.93
C ALA D 121 16.42 0.13 18.00
N ARG D 122 15.85 0.64 16.91
CA ARG D 122 15.45 2.03 16.86
C ARG D 122 14.29 2.33 17.83
N LEU D 123 13.28 1.45 17.86
CA LEU D 123 12.13 1.58 18.78
C LEU D 123 12.58 1.47 20.24
N ALA D 124 13.59 0.61 20.49
CA ALA D 124 14.14 0.47 21.82
C ALA D 124 14.83 1.74 22.26
N TYR D 125 15.70 2.31 21.41
CA TYR D 125 16.26 3.65 21.67
C TYR D 125 15.15 4.71 21.93
N GLU D 126 14.18 4.78 21.04
CA GLU D 126 13.15 5.81 21.13
CA GLU D 126 13.09 5.78 21.11
C GLU D 126 12.44 5.75 22.49
N ARG D 127 12.07 4.54 22.92
CA ARG D 127 11.31 4.32 24.15
C ARG D 127 12.11 4.49 25.45
N PHE D 128 13.36 4.05 25.44
CA PHE D 128 14.18 3.97 26.67
C PHE D 128 15.42 4.88 26.82
N HIS D 129 15.70 5.78 25.87
CA HIS D 129 16.93 6.64 25.94
C HIS D 129 16.96 7.60 27.11
N GLY D 130 15.82 7.87 27.71
CA GLY D 130 15.79 8.63 28.97
C GLY D 130 16.28 7.81 30.18
N ASP D 131 16.32 6.48 30.05
CA ASP D 131 16.74 5.62 31.16
C ASP D 131 17.85 4.63 30.70
N PRO D 132 19.13 5.08 30.63
CA PRO D 132 20.23 4.31 30.04
C PRO D 132 20.41 2.87 30.52
N PRO D 133 20.28 2.62 31.84
CA PRO D 133 20.31 1.22 32.31
C PRO D 133 19.17 0.35 31.79
N GLU D 134 17.98 0.93 31.62
CA GLU D 134 16.85 0.13 31.11
C GLU D 134 17.02 -0.12 29.61
N LEU D 135 17.40 0.92 28.85
CA LEU D 135 17.81 0.73 27.43
C LEU D 135 18.90 -0.36 27.29
N GLU D 136 19.90 -0.36 28.17
CA GLU D 136 20.91 -1.44 28.13
C GLU D 136 20.29 -2.84 28.31
N ARG D 137 19.42 -2.97 29.29
CA ARG D 137 18.74 -4.25 29.50
C ARG D 137 17.87 -4.63 28.31
N VAL D 138 17.15 -3.66 27.77
CA VAL D 138 16.25 -3.96 26.65
C VAL D 138 17.04 -4.33 25.40
N ARG D 139 18.05 -3.51 25.11
CA ARG D 139 18.95 -3.77 23.97
C ARG D 139 19.57 -5.15 24.02
N ASN D 140 20.05 -5.52 25.21
CA ASN D 140 20.70 -6.83 25.43
C ASN D 140 19.77 -8.01 25.20
N ALA D 141 18.53 -7.89 25.67
CA ALA D 141 17.49 -8.94 25.49
C ALA D 141 17.04 -9.05 24.03
N LEU D 142 16.89 -7.90 23.37
CA LEU D 142 16.61 -7.90 21.90
C LEU D 142 17.69 -8.57 21.09
N GLY D 143 18.96 -8.25 21.39
CA GLY D 143 20.08 -8.93 20.76
C GLY D 143 20.02 -10.45 20.93
N LYS D 144 19.79 -10.90 22.14
CA LYS D 144 19.68 -12.31 22.45
C LYS D 144 18.53 -13.03 21.76
N VAL D 145 17.30 -12.51 21.84
CA VAL D 145 16.15 -13.21 21.22
C VAL D 145 16.29 -13.33 19.70
N LEU D 146 16.85 -12.32 19.05
CA LEU D 146 17.06 -12.39 17.62
C LEU D 146 18.16 -13.37 17.20
N ASP D 147 19.22 -13.42 18.01
CA ASP D 147 20.30 -14.37 17.78
C ASP D 147 19.80 -15.80 18.05
N LEU D 148 18.93 -16.02 19.02
CA LEU D 148 18.39 -17.40 19.21
C LEU D 148 17.45 -17.81 18.09
N GLU D 149 16.62 -16.86 17.63
CA GLU D 149 15.72 -17.09 16.49
C GLU D 149 16.48 -17.53 15.28
N LEU D 150 17.60 -16.82 14.92
CA LEU D 150 18.43 -17.23 13.80
C LEU D 150 19.00 -18.62 14.01
N ALA D 151 19.46 -18.88 15.24
CA ALA D 151 20.08 -20.18 15.55
C ALA D 151 19.13 -21.33 15.33
N VAL D 152 17.90 -21.16 15.84
CA VAL D 152 16.79 -22.12 15.60
C VAL D 152 16.38 -22.19 14.13
N MET D 153 16.18 -21.06 13.45
CA MET D 153 15.78 -21.16 12.03
C MET D 153 16.88 -21.80 11.17
N LEU D 154 18.14 -21.46 11.44
CA LEU D 154 19.22 -22.14 10.70
C LEU D 154 19.40 -23.60 11.09
N HIS D 155 19.04 -23.96 12.31
CA HIS D 155 18.98 -25.38 12.67
C HIS D 155 18.15 -26.20 11.67
N THR D 156 17.00 -25.66 11.27
CA THR D 156 16.08 -26.39 10.37
C THR D 156 16.69 -26.61 8.98
N TYR D 157 17.62 -25.75 8.54
CA TYR D 157 18.27 -25.90 7.21
C TYR D 157 19.14 -27.14 6.98
N ARG D 158 19.28 -27.99 7.99
CA ARG D 158 19.99 -29.27 7.82
C ARG D 158 19.24 -30.42 8.51
N THR E 7 24.26 5.44 -33.35
CA THR E 7 23.49 4.32 -34.01
C THR E 7 22.47 3.71 -33.05
N VAL E 8 21.30 3.35 -33.58
CA VAL E 8 20.20 2.69 -32.83
C VAL E 8 20.71 1.48 -32.04
N PHE E 9 21.37 0.58 -32.73
CA PHE E 9 21.87 -0.64 -32.10
C PHE E 9 22.88 -0.37 -30.95
N GLU E 10 23.80 0.56 -31.13
CA GLU E 10 24.77 0.90 -30.07
C GLU E 10 24.11 1.50 -28.82
N GLU E 11 23.27 2.49 -29.03
CA GLU E 11 22.46 3.10 -27.97
C GLU E 11 21.59 2.14 -27.23
N LEU E 12 20.97 1.20 -27.94
CA LEU E 12 20.00 0.33 -27.31
C LEU E 12 20.67 -0.84 -26.63
N LYS E 13 21.83 -1.25 -27.16
CA LYS E 13 22.65 -2.24 -26.46
C LYS E 13 22.90 -1.91 -25.00
N ARG E 14 23.23 -0.65 -24.75
CA ARG E 14 23.49 -0.16 -23.38
C ARG E 14 22.19 -0.03 -22.58
N TYR E 15 21.10 0.35 -23.25
CA TYR E 15 19.78 0.52 -22.62
C TYR E 15 19.26 -0.80 -22.09
N VAL E 16 19.29 -1.85 -22.95
CA VAL E 16 18.82 -3.18 -22.57
C VAL E 16 19.84 -4.01 -21.81
N GLY E 17 21.09 -3.55 -21.74
CA GLY E 17 22.14 -4.28 -21.04
C GLY E 17 22.67 -5.52 -21.77
N TRP E 18 22.86 -5.38 -23.07
CA TRP E 18 23.41 -6.45 -23.91
C TRP E 18 24.87 -6.69 -23.58
N GLY E 19 25.26 -7.95 -23.48
CA GLY E 19 26.64 -8.29 -23.13
C GLY E 19 27.03 -9.64 -23.68
N ASP E 20 28.27 -10.05 -23.40
CA ASP E 20 28.81 -11.35 -23.86
C ASP E 20 28.03 -12.54 -23.30
N GLY E 21 27.47 -12.37 -22.10
CA GLY E 21 26.48 -13.31 -21.56
C GLY E 21 25.25 -13.52 -22.46
N ASP E 22 24.75 -12.46 -23.08
CA ASP E 22 23.61 -12.62 -24.02
C ASP E 22 24.00 -13.37 -25.28
N GLU E 23 25.23 -13.14 -25.74
CA GLU E 23 25.71 -13.71 -26.96
C GLU E 23 26.00 -15.19 -26.74
N ARG E 24 26.61 -15.57 -25.62
CA ARG E 24 26.76 -16.99 -25.29
C ARG E 24 25.41 -17.67 -25.19
N ALA E 25 24.48 -17.04 -24.50
CA ALA E 25 23.11 -17.63 -24.33
C ALA E 25 22.37 -17.92 -25.67
N LEU E 26 22.43 -16.97 -26.60
CA LEU E 26 21.86 -17.12 -27.94
C LEU E 26 22.50 -18.28 -28.71
N ARG E 27 23.83 -18.46 -28.60
CA ARG E 27 24.49 -19.54 -29.33
C ARG E 27 24.12 -20.89 -28.74
N SER E 28 23.91 -20.98 -27.41
CA SER E 28 23.43 -22.28 -26.86
C SER E 28 22.01 -22.58 -27.31
N LEU E 29 21.14 -21.57 -27.40
CA LEU E 29 19.82 -21.78 -28.03
C LEU E 29 19.95 -22.18 -29.51
N HIS E 30 20.89 -21.57 -30.24
CA HIS E 30 21.11 -21.86 -31.72
C HIS E 30 21.29 -23.37 -31.90
N GLY E 31 22.12 -23.97 -31.05
CA GLY E 31 22.27 -25.42 -30.99
C GLY E 31 20.98 -26.23 -30.94
N ALA E 32 20.03 -25.84 -30.08
CA ALA E 32 18.74 -26.55 -29.97
C ALA E 32 17.71 -26.14 -31.03
N ALA E 33 17.72 -24.90 -31.47
CA ALA E 33 16.70 -24.38 -32.38
C ALA E 33 16.94 -24.72 -33.88
N ALA E 34 18.20 -24.71 -34.30
CA ALA E 34 18.57 -24.88 -35.74
C ALA E 34 17.90 -26.02 -36.51
N PRO E 35 17.82 -27.27 -35.95
CA PRO E 35 17.01 -28.33 -36.61
C PRO E 35 15.54 -27.97 -36.83
N HIS E 36 15.04 -27.01 -36.04
CA HIS E 36 13.66 -26.53 -36.21
C HIS E 36 13.50 -25.32 -37.10
N PHE E 37 14.59 -24.76 -37.65
CA PHE E 37 14.44 -23.58 -38.45
C PHE E 37 13.46 -23.70 -39.61
N PRO E 38 13.48 -24.83 -40.37
CA PRO E 38 12.49 -24.97 -41.43
C PRO E 38 11.02 -25.00 -40.92
N ARG E 39 10.76 -25.61 -39.78
CA ARG E 39 9.43 -25.55 -39.15
C ARG E 39 9.02 -24.11 -38.78
N LEU E 40 9.94 -23.37 -38.18
CA LEU E 40 9.66 -21.99 -37.75
C LEU E 40 9.37 -21.14 -38.98
N ALA E 41 10.08 -21.40 -40.09
CA ALA E 41 9.85 -20.65 -41.27
C ALA E 41 8.51 -21.05 -41.86
N GLU E 42 8.19 -22.35 -41.86
CA GLU E 42 6.87 -22.79 -42.32
C GLU E 42 5.74 -22.12 -41.54
N GLU E 43 5.84 -22.13 -40.22
CA GLU E 43 4.83 -21.46 -39.37
C GLU E 43 4.71 -19.96 -39.72
N PHE E 44 5.84 -19.31 -39.97
CA PHE E 44 5.87 -17.88 -40.23
C PHE E 44 5.12 -17.52 -41.52
N TYR E 45 5.34 -18.31 -42.59
CA TYR E 45 4.67 -18.08 -43.87
C TYR E 45 3.23 -18.55 -43.86
N ASP E 46 2.91 -19.61 -43.12
CA ASP E 46 1.55 -20.08 -43.04
C ASP E 46 0.71 -18.96 -42.43
N ARG E 47 1.28 -18.20 -41.52
CA ARG E 47 0.52 -17.11 -40.89
C ARG E 47 0.26 -15.96 -41.83
N ILE E 48 1.27 -15.53 -42.58
CA ILE E 48 1.10 -14.49 -43.61
C ILE E 48 0.00 -14.94 -44.59
N LEU E 49 0.14 -16.17 -45.10
CA LEU E 49 -0.77 -16.68 -46.15
C LEU E 49 -2.26 -16.80 -45.71
N GLY E 50 -2.49 -17.09 -44.43
CA GLY E 50 -3.85 -17.14 -43.88
C GLY E 50 -4.47 -15.80 -43.51
N HIS E 51 -3.73 -14.70 -43.62
CA HIS E 51 -4.19 -13.36 -43.24
C HIS E 51 -4.29 -12.47 -44.48
N GLU E 52 -5.50 -12.01 -44.76
CA GLU E 52 -5.85 -11.37 -46.02
C GLU E 52 -5.10 -10.06 -46.19
N GLY E 53 -4.91 -9.35 -45.07
CA GLY E 53 -4.21 -8.09 -45.08
C GLY E 53 -2.71 -8.24 -45.27
N ALA E 54 -2.09 -9.17 -44.55
CA ALA E 54 -0.65 -9.40 -44.66
C ALA E 54 -0.34 -9.93 -46.07
N ARG E 55 -1.08 -10.97 -46.50
CA ARG E 55 -0.79 -11.64 -47.78
C ARG E 55 -0.81 -10.74 -49.01
N THR E 56 -1.51 -9.60 -48.93
CA THR E 56 -1.45 -8.52 -49.94
C THR E 56 -0.04 -8.19 -50.43
N ALA E 57 0.94 -8.22 -49.52
CA ALA E 57 2.31 -7.86 -49.87
C ALA E 57 3.09 -8.92 -50.68
N LEU E 58 2.57 -10.16 -50.69
CA LEU E 58 3.14 -11.33 -51.40
C LEU E 58 2.48 -11.46 -52.77
N VAL E 59 3.18 -11.01 -53.79
CA VAL E 59 2.62 -11.00 -55.15
C VAL E 59 3.36 -11.92 -56.13
N GLY E 60 4.37 -12.68 -55.64
CA GLY E 60 5.19 -13.55 -56.52
C GLY E 60 4.85 -15.05 -56.55
N GLY E 61 3.71 -15.42 -55.99
CA GLY E 61 3.28 -16.82 -55.97
C GLY E 61 4.09 -17.82 -55.16
N GLU E 62 3.99 -19.10 -55.53
CA GLU E 62 4.66 -20.18 -54.79
C GLU E 62 6.18 -20.12 -54.79
N SER E 63 6.79 -19.74 -55.93
CA SER E 63 8.23 -19.67 -55.99
C SER E 63 8.73 -18.60 -55.02
N GLN E 64 7.99 -17.49 -54.90
CA GLN E 64 8.41 -16.45 -53.95
C GLN E 64 8.46 -16.98 -52.53
N VAL E 65 7.43 -17.71 -52.11
CA VAL E 65 7.42 -18.25 -50.74
C VAL E 65 8.63 -19.17 -50.56
N GLY E 66 8.94 -20.06 -51.53
CA GLY E 66 10.10 -20.92 -51.44
C GLY E 66 11.37 -20.15 -51.26
N HIS E 67 11.57 -19.08 -52.02
CA HIS E 67 12.76 -18.22 -51.88
C HIS E 67 12.78 -17.46 -50.54
N LEU E 68 11.63 -16.97 -50.09
CA LEU E 68 11.59 -16.35 -48.74
C LEU E 68 11.89 -17.31 -47.60
N LYS E 69 11.53 -18.59 -47.72
CA LYS E 69 11.87 -19.56 -46.66
C LYS E 69 13.38 -19.74 -46.58
N VAL E 70 14.05 -19.69 -47.73
CA VAL E 70 15.51 -19.83 -47.75
C VAL E 70 16.12 -18.62 -47.04
N THR E 71 15.71 -17.40 -47.43
CA THR E 71 16.21 -16.22 -46.74
C THR E 71 15.77 -16.19 -45.25
N MET E 72 14.63 -16.75 -44.87
CA MET E 72 14.17 -16.73 -43.44
C MET E 72 14.97 -17.71 -42.58
N ILE E 73 15.31 -18.86 -43.12
CA ILE E 73 16.20 -19.78 -42.41
C ILE E 73 17.60 -19.16 -42.21
N ALA E 74 18.16 -18.50 -43.21
CA ALA E 74 19.40 -17.74 -42.99
C ALA E 74 19.30 -16.64 -41.90
N TRP E 75 18.23 -15.90 -41.91
CA TRP E 75 18.00 -14.80 -40.94
C TRP E 75 18.00 -15.34 -39.52
N LEU E 76 17.30 -16.42 -39.30
CA LEU E 76 17.25 -17.15 -38.02
C LEU E 76 18.60 -17.71 -37.61
N ASP E 77 19.31 -18.29 -38.57
CA ASP E 77 20.69 -18.74 -38.30
C ASP E 77 21.60 -17.60 -37.80
N GLU E 78 21.54 -16.44 -38.45
CA GLU E 78 22.26 -15.25 -38.07
C GLU E 78 21.76 -14.73 -36.72
N LEU E 79 20.44 -14.70 -36.56
CA LEU E 79 19.81 -14.23 -35.28
C LEU E 79 20.39 -14.87 -34.04
N LEU E 80 20.50 -16.19 -34.03
CA LEU E 80 20.92 -16.90 -32.86
C LEU E 80 22.42 -17.21 -32.84
N GLY E 81 23.05 -17.26 -34.00
CA GLY E 81 24.45 -17.62 -34.13
C GLY E 81 25.39 -16.45 -34.05
N GLY E 82 24.97 -15.31 -34.57
CA GLY E 82 25.80 -14.14 -34.51
C GLY E 82 26.97 -14.24 -35.49
N PRO E 83 27.97 -13.38 -35.39
CA PRO E 83 28.10 -12.30 -34.40
C PRO E 83 27.15 -11.14 -34.62
N TRP E 84 26.99 -10.31 -33.59
CA TRP E 84 26.06 -9.20 -33.56
C TRP E 84 26.82 -7.92 -33.60
N ASP E 85 27.73 -7.85 -34.58
CA ASP E 85 28.65 -6.73 -34.73
C ASP E 85 28.09 -5.65 -35.64
N GLU E 86 28.91 -4.64 -35.99
CA GLU E 86 28.44 -3.57 -36.86
C GLU E 86 27.91 -4.05 -38.20
N ALA E 87 28.59 -5.00 -38.83
CA ALA E 87 28.13 -5.51 -40.13
C ALA E 87 26.82 -6.24 -39.99
N TYR E 88 26.66 -7.03 -38.93
CA TYR E 88 25.39 -7.69 -38.65
C TYR E 88 24.26 -6.69 -38.63
N TRP E 89 24.39 -5.63 -37.84
CA TRP E 89 23.30 -4.65 -37.70
C TRP E 89 23.13 -3.84 -39.02
N ASP E 90 24.22 -3.51 -39.71
CA ASP E 90 24.09 -2.86 -41.04
C ASP E 90 23.22 -3.68 -42.03
N ARG E 91 23.35 -5.01 -42.03
CA ARG E 91 22.53 -5.86 -42.89
C ARG E 91 21.07 -5.84 -42.48
N ARG E 92 20.80 -5.67 -41.17
CA ARG E 92 19.41 -5.65 -40.72
C ARG E 92 18.73 -4.35 -41.17
N TYR E 93 19.46 -3.23 -41.21
CA TYR E 93 18.93 -2.00 -41.79
C TYR E 93 18.58 -2.25 -43.24
N ARG E 94 19.43 -2.93 -44.01
CA ARG E 94 19.04 -3.26 -45.40
C ARG E 94 17.74 -4.05 -45.42
N ILE E 95 17.59 -5.00 -44.50
CA ILE E 95 16.40 -5.83 -44.53
C ILE E 95 15.18 -4.98 -44.26
N GLY E 96 15.28 -4.05 -43.31
CA GLY E 96 14.15 -3.18 -43.01
C GLY E 96 13.72 -2.38 -44.24
N ARG E 97 14.70 -1.77 -44.93
CA ARG E 97 14.45 -0.99 -46.13
C ARG E 97 13.80 -1.75 -47.22
N VAL E 98 14.08 -3.06 -47.32
CA VAL E 98 13.31 -3.91 -48.28
C VAL E 98 11.79 -3.77 -48.07
N HIS E 99 11.38 -3.82 -46.80
CA HIS E 99 9.98 -3.75 -46.45
C HIS E 99 9.38 -2.38 -46.70
N VAL E 100 10.16 -1.35 -46.45
CA VAL E 100 9.77 0.03 -46.76
C VAL E 100 9.50 0.20 -48.29
N ARG E 101 10.44 -0.29 -49.12
CA ARG E 101 10.32 -0.23 -50.59
C ARG E 101 9.06 -0.89 -51.16
N ILE E 102 8.67 -2.06 -50.66
CA ILE E 102 7.45 -2.69 -51.17
C ILE E 102 6.15 -2.16 -50.54
N GLY E 103 6.22 -1.17 -49.67
CA GLY E 103 5.03 -0.62 -49.03
C GLY E 103 4.33 -1.57 -48.07
N LEU E 104 5.08 -2.42 -47.37
CA LEU E 104 4.48 -3.27 -46.32
C LEU E 104 4.14 -2.32 -45.18
N PRO E 105 2.85 -2.30 -44.73
CA PRO E 105 2.50 -1.49 -43.53
C PRO E 105 3.28 -1.90 -42.30
N GLN E 106 3.83 -0.94 -41.57
CA GLN E 106 4.89 -1.27 -40.60
C GLN E 106 4.38 -2.18 -39.51
N HIS E 107 3.11 -2.05 -39.15
CA HIS E 107 2.55 -2.91 -38.10
C HIS E 107 2.70 -4.39 -38.33
N TYR E 108 2.72 -4.83 -39.59
CA TYR E 108 2.87 -6.27 -39.87
C TYR E 108 4.21 -6.84 -39.38
N MET E 109 5.22 -5.97 -39.30
CA MET E 109 6.52 -6.33 -38.79
C MET E 109 6.41 -6.85 -37.35
N PHE E 110 5.54 -6.24 -36.53
CA PHE E 110 5.38 -6.66 -35.13
C PHE E 110 4.65 -7.97 -35.04
N GLY E 111 3.62 -8.13 -35.86
CA GLY E 111 2.90 -9.36 -35.91
C GLY E 111 3.75 -10.57 -36.30
N ALA E 112 4.56 -10.38 -37.33
CA ALA E 112 5.42 -11.38 -37.87
C ALA E 112 6.49 -11.75 -36.86
N MET E 113 7.08 -10.73 -36.20
CA MET E 113 8.07 -10.97 -35.15
C MET E 113 7.50 -11.77 -34.02
N ASN E 114 6.21 -11.57 -33.71
CA ASN E 114 5.56 -12.26 -32.62
C ASN E 114 5.46 -13.71 -32.90
N VAL E 115 5.29 -14.08 -34.19
CA VAL E 115 5.19 -15.47 -34.54
C VAL E 115 6.50 -16.16 -34.20
N HIS E 116 7.61 -15.58 -34.66
CA HIS E 116 8.92 -16.08 -34.26
C HIS E 116 9.18 -16.05 -32.74
N ARG E 117 8.80 -14.95 -32.10
CA ARG E 117 8.96 -14.85 -30.66
C ARG E 117 8.31 -16.04 -29.91
N THR E 118 7.10 -16.35 -30.29
CA THR E 118 6.37 -17.47 -29.69
C THR E 118 7.06 -18.80 -29.87
N GLY E 119 7.44 -19.10 -31.10
CA GLY E 119 8.10 -20.35 -31.41
C GLY E 119 9.48 -20.53 -30.80
N LEU E 120 10.28 -19.46 -30.80
CA LEU E 120 11.58 -19.49 -30.15
C LEU E 120 11.53 -19.57 -28.64
N ALA E 121 10.57 -18.89 -28.02
CA ALA E 121 10.33 -19.01 -26.56
C ALA E 121 9.98 -20.43 -26.14
N ARG E 122 9.20 -21.15 -26.92
CA ARG E 122 8.82 -22.52 -26.63
C ARG E 122 10.08 -23.40 -26.71
N LEU E 123 10.87 -23.25 -27.78
CA LEU E 123 12.12 -24.01 -27.94
C LEU E 123 13.09 -23.79 -26.80
N ALA E 124 13.21 -22.55 -26.35
CA ALA E 124 14.03 -22.20 -25.21
C ALA E 124 13.51 -22.83 -23.94
N TYR E 125 12.20 -22.75 -23.71
CA TYR E 125 11.65 -23.41 -22.51
C TYR E 125 11.96 -24.91 -22.51
N GLU E 126 11.64 -25.56 -23.63
CA GLU E 126 11.82 -27.01 -23.78
C GLU E 126 13.28 -27.45 -23.56
N ARG E 127 14.23 -26.69 -24.06
CA ARG E 127 15.64 -27.02 -23.94
C ARG E 127 16.22 -26.77 -22.54
N PHE E 128 15.90 -25.64 -21.89
CA PHE E 128 16.60 -25.22 -20.69
C PHE E 128 15.79 -25.18 -19.39
N HIS E 129 14.55 -25.67 -19.39
CA HIS E 129 13.67 -25.73 -18.18
C HIS E 129 14.28 -26.48 -16.99
N GLY E 130 15.14 -27.47 -17.27
CA GLY E 130 15.82 -28.24 -16.21
C GLY E 130 17.02 -27.56 -15.58
N ASP E 131 17.38 -26.37 -16.09
CA ASP E 131 18.40 -25.51 -15.51
C ASP E 131 17.91 -24.05 -15.49
N PRO E 132 17.10 -23.66 -14.47
CA PRO E 132 16.48 -22.32 -14.46
C PRO E 132 17.36 -21.07 -14.62
N PRO E 133 18.55 -21.01 -13.98
CA PRO E 133 19.50 -19.91 -14.18
C PRO E 133 19.91 -19.69 -15.68
N GLU E 134 20.06 -20.77 -16.41
CA GLU E 134 20.39 -20.76 -17.84
C GLU E 134 19.17 -20.35 -18.69
N LEU E 135 18.00 -20.90 -18.40
CA LEU E 135 16.79 -20.51 -19.09
C LEU E 135 16.54 -19.01 -18.95
N GLU E 136 16.83 -18.49 -17.75
CA GLU E 136 16.77 -17.09 -17.45
C GLU E 136 17.66 -16.32 -18.44
N ARG E 137 18.95 -16.70 -18.57
CA ARG E 137 19.87 -15.99 -19.45
C ARG E 137 19.41 -16.03 -20.95
N VAL E 138 18.90 -17.19 -21.35
CA VAL E 138 18.47 -17.44 -22.72
C VAL E 138 17.18 -16.67 -23.05
N ARG E 139 16.18 -16.77 -22.19
CA ARG E 139 14.94 -15.97 -22.28
C ARG E 139 15.24 -14.47 -22.31
N ASN E 140 16.18 -14.03 -21.45
CA ASN E 140 16.52 -12.60 -21.43
C ASN E 140 17.15 -12.20 -22.76
N ALA E 141 18.03 -13.06 -23.28
CA ALA E 141 18.80 -12.70 -24.48
C ALA E 141 17.89 -12.70 -25.69
N LEU E 142 17.02 -13.71 -25.76
CA LEU E 142 16.07 -13.86 -26.87
C LEU E 142 15.17 -12.65 -26.90
N GLY E 143 14.65 -12.24 -25.73
CA GLY E 143 13.88 -11.03 -25.64
C GLY E 143 14.56 -9.78 -26.14
N LYS E 144 15.81 -9.60 -25.76
CA LYS E 144 16.60 -8.45 -26.24
C LYS E 144 16.84 -8.43 -27.74
N VAL E 145 17.27 -9.58 -28.30
CA VAL E 145 17.67 -9.61 -29.73
C VAL E 145 16.47 -9.31 -30.66
N LEU E 146 15.31 -9.84 -30.30
CA LEU E 146 14.10 -9.61 -31.05
C LEU E 146 13.62 -8.15 -30.96
N ASP E 147 13.66 -7.56 -29.77
CA ASP E 147 13.27 -6.17 -29.58
C ASP E 147 14.26 -5.26 -30.31
N LEU E 148 15.57 -5.57 -30.29
CA LEU E 148 16.58 -4.81 -31.06
C LEU E 148 16.34 -4.91 -32.57
N GLU E 149 15.98 -6.11 -33.05
CA GLU E 149 15.67 -6.33 -34.48
C GLU E 149 14.48 -5.46 -34.89
N LEU E 150 13.41 -5.46 -34.08
CA LEU E 150 12.28 -4.57 -34.32
C LEU E 150 12.68 -3.11 -34.35
N ALA E 151 13.49 -2.66 -33.38
CA ALA E 151 13.95 -1.25 -33.31
C ALA E 151 14.70 -0.85 -34.59
N VAL E 152 15.61 -1.70 -35.00
CA VAL E 152 16.44 -1.41 -36.17
C VAL E 152 15.61 -1.39 -37.44
N MET E 153 14.74 -2.38 -37.61
CA MET E 153 13.91 -2.42 -38.81
C MET E 153 12.85 -1.29 -38.83
N LEU E 154 12.38 -0.88 -37.66
CA LEU E 154 11.46 0.25 -37.63
C LEU E 154 12.13 1.59 -37.79
N HIS E 155 13.40 1.73 -37.46
CA HIS E 155 14.17 2.95 -37.81
C HIS E 155 14.06 3.27 -39.31
N THR E 156 14.10 2.23 -40.15
CA THR E 156 14.12 2.44 -41.62
C THR E 156 12.83 3.01 -42.16
N TYR E 157 11.74 2.79 -41.43
CA TYR E 157 10.43 3.37 -41.74
C TYR E 157 10.35 4.89 -41.50
N ARG E 158 11.33 5.46 -40.79
CA ARG E 158 11.48 6.92 -40.71
C ARG E 158 12.52 7.42 -41.72
N GLU F 6 -6.01 3.86 -38.29
CA GLU F 6 -6.07 3.64 -36.79
C GLU F 6 -6.80 2.31 -36.41
N THR F 7 -6.48 1.22 -37.11
CA THR F 7 -7.05 -0.12 -36.81
C THR F 7 -5.96 -1.19 -36.72
N VAL F 8 -4.86 -0.83 -36.07
CA VAL F 8 -3.71 -1.71 -35.99
C VAL F 8 -4.08 -2.93 -35.15
N PHE F 9 -4.68 -2.71 -33.95
CA PHE F 9 -5.08 -3.84 -33.10
CA PHE F 9 -5.09 -3.80 -33.11
C PHE F 9 -6.00 -4.79 -33.85
N GLU F 10 -6.98 -4.29 -34.59
CA GLU F 10 -7.95 -5.18 -35.28
C GLU F 10 -7.26 -6.10 -36.31
N GLU F 11 -6.39 -5.53 -37.11
CA GLU F 11 -5.63 -6.33 -38.09
C GLU F 11 -4.68 -7.32 -37.40
N LEU F 12 -3.94 -6.85 -36.40
CA LEU F 12 -2.93 -7.68 -35.76
C LEU F 12 -3.52 -8.72 -34.80
N LYS F 13 -4.68 -8.42 -34.19
CA LYS F 13 -5.41 -9.40 -33.35
C LYS F 13 -5.57 -10.75 -34.05
N ARG F 14 -6.06 -10.68 -35.28
CA ARG F 14 -6.22 -11.87 -36.14
C ARG F 14 -4.87 -12.50 -36.52
N TYR F 15 -3.89 -11.67 -36.86
CA TYR F 15 -2.52 -12.12 -37.23
C TYR F 15 -1.84 -12.91 -36.12
N VAL F 16 -1.77 -12.33 -34.92
CA VAL F 16 -1.11 -13.00 -33.77
C VAL F 16 -1.98 -14.05 -33.11
N GLY F 17 -3.26 -14.12 -33.48
CA GLY F 17 -4.18 -15.10 -32.91
C GLY F 17 -4.65 -14.73 -31.49
N TRP F 18 -5.09 -13.50 -31.30
CA TRP F 18 -5.60 -13.06 -29.97
C TRP F 18 -6.99 -13.63 -29.73
N GLY F 19 -7.22 -14.23 -28.57
CA GLY F 19 -8.56 -14.62 -28.16
C GLY F 19 -8.75 -14.62 -26.65
N ASP F 20 -9.87 -15.18 -26.21
CA ASP F 20 -10.25 -15.16 -24.80
C ASP F 20 -9.26 -15.88 -23.95
N GLY F 21 -8.66 -16.95 -24.52
CA GLY F 21 -7.59 -17.63 -23.86
C GLY F 21 -6.45 -16.69 -23.46
N ASP F 22 -6.09 -15.74 -24.32
CA ASP F 22 -4.99 -14.82 -23.98
C ASP F 22 -5.44 -13.84 -22.88
N GLU F 23 -6.69 -13.41 -22.93
CA GLU F 23 -7.21 -12.43 -21.96
C GLU F 23 -7.25 -13.05 -20.57
N ARG F 24 -7.72 -14.30 -20.47
CA ARG F 24 -7.72 -15.04 -19.21
C ARG F 24 -6.30 -15.30 -18.63
N ALA F 25 -5.41 -15.74 -19.48
CA ALA F 25 -4.00 -15.92 -19.07
C ALA F 25 -3.35 -14.61 -18.52
N LEU F 26 -3.59 -13.48 -19.14
CA LEU F 26 -3.04 -12.19 -18.65
C LEU F 26 -3.63 -11.80 -17.27
N ARG F 27 -4.92 -12.01 -17.07
CA ARG F 27 -5.55 -11.77 -15.74
C ARG F 27 -4.94 -12.62 -14.64
N SER F 28 -4.51 -13.80 -15.01
CA SER F 28 -3.86 -14.73 -14.14
C SER F 28 -2.48 -14.19 -13.75
N LEU F 29 -1.78 -13.64 -14.74
CA LEU F 29 -0.48 -13.00 -14.51
C LEU F 29 -0.64 -11.72 -13.70
N HIS F 30 -1.65 -10.90 -14.04
CA HIS F 30 -1.98 -9.69 -13.26
C HIS F 30 -1.92 -9.91 -11.72
N GLY F 31 -2.62 -10.93 -11.23
CA GLY F 31 -2.66 -11.22 -9.78
C GLY F 31 -1.29 -11.52 -9.17
N ALA F 32 -0.47 -12.27 -9.91
CA ALA F 32 0.88 -12.57 -9.47
C ALA F 32 1.79 -11.37 -9.55
N ALA F 33 1.64 -10.54 -10.59
CA ALA F 33 2.56 -9.41 -10.86
C ALA F 33 2.20 -8.16 -10.06
N ALA F 34 0.97 -8.04 -9.59
CA ALA F 34 0.52 -6.72 -9.07
C ALA F 34 1.36 -6.16 -7.90
N PRO F 35 1.79 -7.01 -6.92
CA PRO F 35 2.68 -6.45 -5.87
C PRO F 35 4.07 -5.99 -6.34
N HIS F 36 4.46 -6.44 -7.53
CA HIS F 36 5.75 -6.11 -8.13
C HIS F 36 5.65 -4.87 -8.99
N PHE F 37 4.44 -4.35 -9.26
CA PHE F 37 4.35 -3.18 -10.14
C PHE F 37 5.24 -2.00 -9.69
N PRO F 38 5.32 -1.71 -8.35
CA PRO F 38 6.20 -0.59 -8.01
C PRO F 38 7.66 -0.77 -8.34
N ARG F 39 8.20 -1.93 -8.07
CA ARG F 39 9.56 -2.26 -8.43
C ARG F 39 9.77 -2.29 -9.96
N LEU F 40 8.84 -2.84 -10.72
CA LEU F 40 8.89 -2.74 -12.20
C LEU F 40 8.97 -1.29 -12.70
N ALA F 41 8.21 -0.37 -12.10
CA ALA F 41 8.25 1.03 -12.48
C ALA F 41 9.59 1.62 -12.04
N GLU F 42 10.06 1.26 -10.84
CA GLU F 42 11.37 1.69 -10.40
C GLU F 42 12.48 1.32 -11.37
N GLU F 43 12.51 0.04 -11.77
CA GLU F 43 13.52 -0.45 -12.71
C GLU F 43 13.45 0.31 -14.07
N PHE F 44 12.23 0.59 -14.53
CA PHE F 44 11.96 1.27 -15.78
C PHE F 44 12.61 2.67 -15.77
N TYR F 45 12.36 3.46 -14.72
CA TYR F 45 12.92 4.79 -14.62
C TYR F 45 14.39 4.84 -14.27
N ASP F 46 14.88 3.89 -13.46
CA ASP F 46 16.31 3.80 -13.17
C ASP F 46 17.08 3.51 -14.46
N ARG F 47 16.53 2.69 -15.36
CA ARG F 47 17.21 2.45 -16.66
C ARG F 47 17.28 3.72 -17.50
N ILE F 48 16.20 4.48 -17.54
CA ILE F 48 16.19 5.74 -18.27
C ILE F 48 17.25 6.71 -17.69
N LEU F 49 17.15 6.94 -16.36
CA LEU F 49 18.06 7.85 -15.67
C LEU F 49 19.53 7.50 -15.82
N GLY F 50 19.86 6.23 -15.98
CA GLY F 50 21.25 5.76 -16.15
C GLY F 50 21.77 5.74 -17.58
N HIS F 51 20.97 6.16 -18.54
CA HIS F 51 21.28 6.03 -19.97
C HIS F 51 21.50 7.41 -20.55
N GLU F 52 22.73 7.63 -21.03
CA GLU F 52 23.19 8.92 -21.54
C GLU F 52 22.24 9.63 -22.53
N GLY F 53 21.63 8.85 -23.40
CA GLY F 53 20.70 9.35 -24.40
C GLY F 53 19.27 9.58 -23.95
N ALA F 54 18.68 8.61 -23.26
CA ALA F 54 17.26 8.67 -22.91
C ALA F 54 17.00 9.65 -21.76
N ARG F 55 17.94 9.81 -20.83
CA ARG F 55 17.73 10.67 -19.65
C ARG F 55 17.55 12.12 -20.00
N THR F 56 18.03 12.52 -21.19
CA THR F 56 17.79 13.86 -21.72
C THR F 56 16.28 14.15 -21.93
N ALA F 57 15.44 13.11 -22.07
CA ALA F 57 14.00 13.30 -22.31
C ALA F 57 13.24 13.64 -21.04
N LEU F 58 13.83 13.32 -19.89
CA LEU F 58 13.24 13.54 -18.59
C LEU F 58 13.65 14.89 -17.97
N VAL F 59 13.05 15.95 -18.50
CA VAL F 59 13.18 17.30 -17.98
C VAL F 59 11.99 17.57 -17.01
N GLY F 60 12.27 17.90 -15.75
CA GLY F 60 11.22 18.10 -14.73
C GLY F 60 11.61 17.70 -13.33
N GLY F 61 12.61 16.84 -13.22
CA GLY F 61 13.20 16.49 -11.91
C GLY F 61 12.43 15.42 -11.16
N GLU F 62 12.55 15.43 -9.84
CA GLU F 62 12.07 14.31 -8.98
C GLU F 62 10.57 14.20 -8.95
N SER F 63 9.88 15.35 -8.98
CA SER F 63 8.39 15.35 -9.10
C SER F 63 7.88 14.65 -10.38
N GLN F 64 8.56 14.89 -11.51
CA GLN F 64 8.14 14.30 -12.76
C GLN F 64 8.23 12.79 -12.78
N VAL F 65 9.34 12.22 -12.30
CA VAL F 65 9.48 10.78 -12.18
C VAL F 65 8.46 10.21 -11.21
N GLY F 66 8.18 10.90 -10.09
CA GLY F 66 7.10 10.47 -9.19
C GLY F 66 5.75 10.37 -9.89
N HIS F 67 5.39 11.38 -10.67
CA HIS F 67 4.14 11.36 -11.41
C HIS F 67 4.08 10.27 -12.52
N LEU F 68 5.20 10.10 -13.21
CA LEU F 68 5.31 9.06 -14.24
C LEU F 68 5.18 7.69 -13.59
N LYS F 69 5.71 7.49 -12.38
CA LYS F 69 5.55 6.18 -11.73
C LYS F 69 4.06 5.84 -11.47
N VAL F 70 3.28 6.85 -11.10
CA VAL F 70 1.87 6.70 -10.90
C VAL F 70 1.17 6.27 -12.22
N THR F 71 1.44 6.98 -13.31
CA THR F 71 0.87 6.61 -14.61
C THR F 71 1.34 5.20 -15.10
N MET F 72 2.57 4.82 -14.78
CA MET F 72 3.14 3.52 -15.20
C MET F 72 2.54 2.35 -14.43
N ILE F 73 2.25 2.52 -13.13
CA ILE F 73 1.61 1.46 -12.33
C ILE F 73 0.23 1.26 -12.90
N ALA F 74 -0.48 2.34 -13.24
CA ALA F 74 -1.79 2.24 -13.88
C ALA F 74 -1.70 1.59 -15.26
N TRP F 75 -0.66 1.92 -16.01
CA TRP F 75 -0.42 1.30 -17.32
C TRP F 75 -0.33 -0.22 -17.25
N LEU F 76 0.50 -0.70 -16.33
CA LEU F 76 0.69 -2.11 -16.05
C LEU F 76 -0.55 -2.79 -15.51
N ASP F 77 -1.24 -2.11 -14.60
CA ASP F 77 -2.54 -2.60 -14.13
C ASP F 77 -3.51 -2.84 -15.30
N GLU F 78 -3.63 -1.91 -16.24
CA GLU F 78 -4.51 -2.07 -17.41
C GLU F 78 -3.97 -3.16 -18.40
N LEU F 79 -2.65 -3.14 -18.62
CA LEU F 79 -1.98 -4.10 -19.52
C LEU F 79 -2.35 -5.54 -19.21
N LEU F 80 -2.26 -5.92 -17.94
CA LEU F 80 -2.52 -7.29 -17.51
C LEU F 80 -3.96 -7.55 -17.10
N GLY F 81 -4.70 -6.52 -16.73
CA GLY F 81 -6.02 -6.68 -16.16
C GLY F 81 -7.09 -6.51 -17.17
N GLY F 82 -6.85 -5.63 -18.15
CA GLY F 82 -7.82 -5.37 -19.18
C GLY F 82 -9.06 -4.66 -18.62
N PRO F 83 -10.20 -4.75 -19.31
CA PRO F 83 -10.35 -5.36 -20.64
C PRO F 83 -9.59 -4.70 -21.80
N TRP F 84 -9.42 -5.42 -22.89
CA TRP F 84 -8.63 -4.94 -24.05
C TRP F 84 -9.58 -4.59 -25.19
N ASP F 85 -10.51 -3.71 -24.86
CA ASP F 85 -11.60 -3.29 -25.78
C ASP F 85 -11.16 -2.12 -26.68
N GLU F 86 -12.06 -1.55 -27.50
CA GLU F 86 -11.72 -0.36 -28.31
C GLU F 86 -11.25 0.86 -27.48
N ALA F 87 -11.79 1.05 -26.28
CA ALA F 87 -11.42 2.18 -25.46
C ALA F 87 -9.97 2.03 -24.96
N TYR F 88 -9.62 0.85 -24.46
CA TYR F 88 -8.22 0.54 -24.11
C TYR F 88 -7.26 0.90 -25.23
N TRP F 89 -7.51 0.41 -26.46
CA TRP F 89 -6.56 0.63 -27.56
C TRP F 89 -6.51 2.08 -27.98
N ASP F 90 -7.62 2.82 -27.91
CA ASP F 90 -7.59 4.28 -28.22
C ASP F 90 -6.73 5.06 -27.25
N ARG F 91 -6.76 4.67 -25.97
CA ARG F 91 -5.88 5.29 -24.94
C ARG F 91 -4.43 4.97 -25.24
N ARG F 92 -4.11 3.78 -25.77
CA ARG F 92 -2.72 3.46 -26.15
C ARG F 92 -2.23 4.33 -27.32
N TYR F 93 -3.09 4.62 -28.31
CA TYR F 93 -2.76 5.58 -29.36
C TYR F 93 -2.42 6.95 -28.79
N ARG F 94 -3.25 7.46 -27.87
CA ARG F 94 -2.98 8.74 -27.24
C ARG F 94 -1.66 8.68 -26.48
N ILE F 95 -1.41 7.59 -25.76
CA ILE F 95 -0.10 7.45 -25.09
C ILE F 95 1.09 7.52 -26.08
N GLY F 96 0.99 6.82 -27.20
CA GLY F 96 2.02 6.91 -28.26
C GLY F 96 2.24 8.36 -28.67
N ARG F 97 1.17 9.09 -28.93
CA ARG F 97 1.27 10.51 -29.41
C ARG F 97 1.93 11.48 -28.44
N VAL F 98 1.91 11.17 -27.15
CA VAL F 98 2.61 11.98 -26.15
C VAL F 98 4.10 11.95 -26.43
N HIS F 99 4.61 10.77 -26.78
CA HIS F 99 6.04 10.58 -26.97
C HIS F 99 6.50 11.21 -28.29
N VAL F 100 5.61 11.27 -29.28
CA VAL F 100 5.90 11.96 -30.54
C VAL F 100 5.97 13.48 -30.33
N ARG F 101 4.95 14.05 -29.68
CA ARG F 101 4.94 15.50 -29.34
C ARG F 101 6.17 16.01 -28.58
N ILE F 102 6.68 15.22 -27.62
CA ILE F 102 7.91 15.60 -26.88
C ILE F 102 9.23 15.36 -27.65
N GLY F 103 9.16 14.71 -28.81
CA GLY F 103 10.34 14.48 -29.66
C GLY F 103 11.25 13.37 -29.13
N LEU F 104 10.68 12.39 -28.45
CA LEU F 104 11.45 11.23 -27.98
C LEU F 104 11.84 10.39 -29.21
N PRO F 105 13.14 10.09 -29.39
CA PRO F 105 13.51 9.21 -30.51
C PRO F 105 12.81 7.86 -30.38
N GLN F 106 12.20 7.39 -31.46
CA GLN F 106 11.32 6.23 -31.36
C GLN F 106 12.05 4.97 -30.87
N HIS F 107 13.37 4.81 -31.10
CA HIS F 107 14.05 3.56 -30.69
C HIS F 107 14.00 3.34 -29.19
N TYR F 108 13.92 4.41 -28.40
CA TYR F 108 13.84 4.26 -26.94
C TYR F 108 12.59 3.56 -26.47
N MET F 109 11.49 3.58 -27.25
CA MET F 109 10.31 2.83 -26.92
C MET F 109 10.61 1.34 -26.84
N PHE F 110 11.53 0.86 -27.70
CA PHE F 110 11.88 -0.59 -27.72
C PHE F 110 12.75 -0.92 -26.55
N GLY F 111 13.68 -0.02 -26.22
CA GLY F 111 14.50 -0.23 -25.04
C GLY F 111 13.66 -0.32 -23.77
N ALA F 112 12.76 0.65 -23.62
CA ALA F 112 11.82 0.77 -22.47
C ALA F 112 10.89 -0.46 -22.37
N MET F 113 10.29 -0.88 -23.50
CA MET F 113 9.46 -2.04 -23.54
C MET F 113 10.18 -3.33 -23.15
N ASN F 114 11.44 -3.48 -23.56
CA ASN F 114 12.28 -4.58 -23.14
C ASN F 114 12.50 -4.66 -21.65
N VAL F 115 12.61 -3.53 -20.93
CA VAL F 115 12.77 -3.57 -19.48
C VAL F 115 11.56 -4.25 -18.81
N HIS F 116 10.37 -3.81 -19.16
CA HIS F 116 9.15 -4.49 -18.72
C HIS F 116 9.00 -5.94 -19.15
N ARG F 117 9.33 -6.20 -20.42
CA ARG F 117 9.24 -7.54 -20.97
C ARG F 117 10.08 -8.50 -20.17
N THR F 118 11.35 -8.14 -19.91
CA THR F 118 12.26 -8.95 -19.14
C THR F 118 11.73 -9.23 -17.74
N GLY F 119 11.28 -8.19 -17.05
CA GLY F 119 10.73 -8.35 -15.70
C GLY F 119 9.48 -9.21 -15.64
N LEU F 120 8.52 -8.89 -16.52
CA LEU F 120 7.22 -9.62 -16.57
C LEU F 120 7.36 -11.07 -17.00
N ALA F 121 8.26 -11.35 -17.98
CA ALA F 121 8.57 -12.73 -18.38
C ALA F 121 9.17 -13.54 -17.27
N ARG F 122 10.02 -12.95 -16.45
CA ARG F 122 10.52 -13.59 -15.26
C ARG F 122 9.45 -13.97 -14.27
N LEU F 123 8.56 -13.02 -13.98
CA LEU F 123 7.41 -13.27 -13.09
C LEU F 123 6.51 -14.36 -13.61
N ALA F 124 6.20 -14.38 -14.92
CA ALA F 124 5.42 -15.45 -15.51
C ALA F 124 6.08 -16.83 -15.33
N TYR F 125 7.40 -16.92 -15.55
CA TYR F 125 8.14 -18.15 -15.30
C TYR F 125 7.99 -18.60 -13.81
N GLU F 126 8.27 -17.68 -12.87
CA GLU F 126 8.31 -18.03 -11.42
C GLU F 126 6.97 -18.50 -10.90
N ARG F 127 5.89 -17.91 -11.43
CA ARG F 127 4.54 -18.20 -10.98
C ARG F 127 3.97 -19.50 -11.58
N PHE F 128 4.28 -19.75 -12.85
CA PHE F 128 3.58 -20.77 -13.60
C PHE F 128 4.46 -21.94 -14.03
N HIS F 129 5.74 -21.98 -13.64
CA HIS F 129 6.62 -23.10 -14.07
C HIS F 129 6.18 -24.47 -13.61
N GLY F 130 5.39 -24.54 -12.55
CA GLY F 130 4.82 -25.83 -12.09
C GLY F 130 3.79 -26.48 -13.01
N ASP F 131 3.19 -25.69 -13.90
CA ASP F 131 2.18 -26.13 -14.85
C ASP F 131 2.59 -25.68 -16.29
N PRO F 132 3.46 -26.48 -16.96
CA PRO F 132 4.11 -25.99 -18.17
C PRO F 132 3.15 -25.51 -19.27
N PRO F 133 1.99 -26.20 -19.47
CA PRO F 133 0.98 -25.69 -20.37
C PRO F 133 0.43 -24.32 -19.98
N GLU F 134 0.17 -24.07 -18.69
CA GLU F 134 -0.29 -22.75 -18.24
CA GLU F 134 -0.29 -22.76 -18.23
C GLU F 134 0.80 -21.71 -18.49
N LEU F 135 2.05 -21.99 -18.09
CA LEU F 135 3.18 -21.07 -18.44
C LEU F 135 3.19 -20.76 -19.91
N GLU F 136 2.95 -21.78 -20.76
CA GLU F 136 2.92 -21.56 -22.18
C GLU F 136 1.86 -20.57 -22.60
N ARG F 137 0.63 -20.73 -22.10
CA ARG F 137 -0.47 -19.81 -22.46
C ARG F 137 -0.14 -18.38 -21.97
N VAL F 138 0.36 -18.27 -20.74
CA VAL F 138 0.68 -16.95 -20.14
C VAL F 138 1.82 -16.23 -20.89
N ARG F 139 2.92 -16.94 -21.08
CA ARG F 139 4.06 -16.45 -21.81
C ARG F 139 3.67 -15.99 -23.24
N ASN F 140 2.86 -16.80 -23.94
CA ASN F 140 2.37 -16.42 -25.26
C ASN F 140 1.54 -15.13 -25.23
N ALA F 141 0.60 -15.06 -24.28
CA ALA F 141 -0.29 -13.91 -24.14
C ALA F 141 0.52 -12.66 -23.78
N LEU F 142 1.52 -12.81 -22.93
CA LEU F 142 2.41 -11.68 -22.53
C LEU F 142 3.15 -11.09 -23.78
N GLY F 143 3.75 -11.97 -24.56
CA GLY F 143 4.48 -11.56 -25.77
C GLY F 143 3.57 -10.87 -26.75
N LYS F 144 2.35 -11.36 -26.90
CA LYS F 144 1.37 -10.77 -27.82
C LYS F 144 0.97 -9.34 -27.38
N VAL F 145 0.62 -9.17 -26.11
CA VAL F 145 0.17 -7.85 -25.68
C VAL F 145 1.32 -6.80 -25.77
N LEU F 146 2.54 -7.18 -25.44
CA LEU F 146 3.67 -6.26 -25.52
C LEU F 146 4.04 -5.86 -26.98
N ASP F 147 3.98 -6.82 -27.90
CA ASP F 147 4.23 -6.57 -29.31
C ASP F 147 3.10 -5.74 -29.91
N LEU F 148 1.85 -6.01 -29.53
CA LEU F 148 0.71 -5.18 -29.91
C LEU F 148 0.84 -3.71 -29.41
N GLU F 149 1.24 -3.55 -28.15
CA GLU F 149 1.48 -2.22 -27.59
C GLU F 149 2.53 -1.45 -28.37
N LEU F 150 3.64 -2.11 -28.70
CA LEU F 150 4.64 -1.45 -29.54
C LEU F 150 4.07 -1.08 -30.90
N ALA F 151 3.32 -1.97 -31.53
CA ALA F 151 2.74 -1.68 -32.85
C ALA F 151 1.82 -0.46 -32.79
N VAL F 152 1.00 -0.38 -31.74
CA VAL F 152 0.02 0.74 -31.60
C VAL F 152 0.75 2.04 -31.33
N MET F 153 1.66 2.03 -30.33
CA MET F 153 2.45 3.24 -30.06
C MET F 153 3.35 3.65 -31.26
N LEU F 154 4.04 2.71 -31.92
CA LEU F 154 4.86 3.08 -33.13
C LEU F 154 4.05 3.62 -34.35
N HIS F 155 2.79 3.22 -34.48
CA HIS F 155 1.89 3.77 -35.48
C HIS F 155 1.78 5.28 -35.45
N THR F 156 1.81 5.85 -34.24
CA THR F 156 1.65 7.28 -34.03
C THR F 156 2.85 8.06 -34.48
N TYR F 157 4.02 7.41 -34.55
CA TYR F 157 5.22 8.00 -35.14
C TYR F 157 5.20 8.16 -36.70
N ARG F 158 4.30 7.48 -37.40
CA ARG F 158 4.23 7.54 -38.87
C ARG F 158 3.97 8.97 -39.33
N GLU F 159 4.71 9.37 -40.36
CA GLU F 159 4.72 10.76 -40.85
C GLU F 159 3.74 10.96 -42.04
N ASP F 160 2.78 10.04 -42.22
CA ASP F 160 1.71 10.20 -43.21
C ASP F 160 0.36 10.29 -42.52
N THR G 7 -36.53 -13.82 17.02
CA THR G 7 -35.81 -14.58 15.97
C THR G 7 -35.09 -13.58 15.03
N VAL G 8 -35.30 -13.69 13.73
CA VAL G 8 -34.40 -13.08 12.76
C VAL G 8 -34.49 -11.57 12.86
N PHE G 9 -35.71 -11.05 12.97
CA PHE G 9 -35.92 -9.64 12.90
C PHE G 9 -35.19 -8.90 14.00
N GLU G 10 -35.34 -9.34 15.23
CA GLU G 10 -34.67 -8.65 16.35
C GLU G 10 -33.14 -8.72 16.22
N GLU G 11 -32.61 -9.92 15.93
CA GLU G 11 -31.16 -10.14 15.82
C GLU G 11 -30.53 -9.25 14.75
N LEU G 12 -31.25 -9.06 13.65
CA LEU G 12 -30.74 -8.33 12.50
C LEU G 12 -30.96 -6.83 12.53
N LYS G 13 -31.97 -6.40 13.29
CA LYS G 13 -32.25 -4.98 13.54
C LYS G 13 -31.05 -4.28 14.13
N ARG G 14 -30.37 -4.92 15.08
CA ARG G 14 -29.18 -4.37 15.71
C ARG G 14 -27.98 -4.42 14.75
N TYR G 15 -27.85 -5.50 13.99
CA TYR G 15 -26.72 -5.67 13.04
C TYR G 15 -26.73 -4.55 11.98
N VAL G 16 -27.89 -4.36 11.40
CA VAL G 16 -28.14 -3.44 10.35
C VAL G 16 -28.27 -1.97 10.84
N GLY G 17 -28.43 -1.77 12.15
CA GLY G 17 -28.58 -0.43 12.71
C GLY G 17 -29.92 0.21 12.39
N TRP G 18 -30.98 -0.61 12.42
CA TRP G 18 -32.36 -0.13 12.29
C TRP G 18 -32.72 0.79 13.43
N GLY G 19 -33.29 1.95 13.13
CA GLY G 19 -33.77 2.91 14.15
C GLY G 19 -35.00 3.68 13.70
N ASP G 20 -35.45 4.65 14.51
CA ASP G 20 -36.66 5.43 14.22
C ASP G 20 -36.48 6.26 12.97
N GLY G 21 -35.24 6.71 12.74
CA GLY G 21 -34.89 7.43 11.53
C GLY G 21 -35.13 6.66 10.26
N ASP G 22 -34.73 5.39 10.23
CA ASP G 22 -35.14 4.48 9.10
C ASP G 22 -36.68 4.40 8.93
N GLU G 23 -37.41 4.36 10.05
CA GLU G 23 -38.87 4.32 10.02
C GLU G 23 -39.45 5.61 9.42
N ARG G 24 -38.95 6.76 9.85
CA ARG G 24 -39.35 8.07 9.25
C ARG G 24 -39.06 8.11 7.75
N ALA G 25 -37.87 7.70 7.37
CA ALA G 25 -37.44 7.70 5.95
C ALA G 25 -38.30 6.86 5.06
N LEU G 26 -38.67 5.65 5.49
CA LEU G 26 -39.55 4.81 4.68
C LEU G 26 -40.98 5.40 4.57
N ARG G 27 -41.51 5.95 5.66
CA ARG G 27 -42.82 6.67 5.54
C ARG G 27 -42.71 7.89 4.60
N SER G 28 -41.59 8.60 4.63
CA SER G 28 -41.35 9.63 3.61
C SER G 28 -41.35 9.05 2.17
N LEU G 29 -40.84 7.83 1.99
CA LEU G 29 -40.87 7.19 0.67
C LEU G 29 -42.26 6.67 0.34
N HIS G 30 -42.99 6.18 1.35
CA HIS G 30 -44.37 5.73 1.11
C HIS G 30 -45.15 6.83 0.39
N GLY G 31 -45.15 8.03 0.93
CA GLY G 31 -45.74 9.23 0.26
C GLY G 31 -45.40 9.34 -1.21
N ALA G 32 -44.13 9.16 -1.53
CA ALA G 32 -43.63 9.31 -2.90
C ALA G 32 -43.98 8.15 -3.83
N ALA G 33 -43.97 6.93 -3.31
CA ALA G 33 -44.09 5.72 -4.13
C ALA G 33 -45.52 5.25 -4.28
N ALA G 34 -46.36 5.50 -3.28
CA ALA G 34 -47.71 4.96 -3.21
C ALA G 34 -48.54 5.07 -4.52
N PRO G 35 -48.53 6.22 -5.21
CA PRO G 35 -49.24 6.27 -6.50
C PRO G 35 -48.69 5.35 -7.61
N HIS G 36 -47.47 4.85 -7.43
CA HIS G 36 -46.83 3.99 -8.40
C HIS G 36 -46.89 2.53 -8.01
N PHE G 37 -47.53 2.17 -6.88
CA PHE G 37 -47.65 0.74 -6.50
C PHE G 37 -48.28 -0.12 -7.61
N PRO G 38 -49.32 0.39 -8.33
CA PRO G 38 -49.86 -0.40 -9.45
C PRO G 38 -48.81 -0.74 -10.51
N ARG G 39 -48.11 0.30 -10.98
CA ARG G 39 -47.08 0.15 -11.99
C ARG G 39 -45.98 -0.84 -11.50
N LEU G 40 -45.53 -0.67 -10.25
CA LEU G 40 -44.43 -1.46 -9.73
C LEU G 40 -44.84 -2.95 -9.66
N ALA G 41 -46.11 -3.21 -9.32
CA ALA G 41 -46.62 -4.59 -9.29
C ALA G 41 -46.69 -5.16 -10.71
N GLU G 42 -47.00 -4.31 -11.68
CA GLU G 42 -47.06 -4.71 -13.09
C GLU G 42 -45.64 -5.15 -13.50
N GLU G 43 -44.66 -4.32 -13.15
CA GLU G 43 -43.25 -4.63 -13.50
C GLU G 43 -42.76 -5.97 -12.88
N PHE G 44 -43.13 -6.18 -11.62
CA PHE G 44 -42.85 -7.44 -10.88
C PHE G 44 -43.35 -8.67 -11.60
N TYR G 45 -44.62 -8.61 -12.04
CA TYR G 45 -45.29 -9.73 -12.76
C TYR G 45 -44.89 -9.83 -14.21
N ASP G 46 -44.64 -8.69 -14.92
CA ASP G 46 -44.07 -8.74 -16.28
C ASP G 46 -42.78 -9.60 -16.31
N ARG G 47 -41.89 -9.31 -15.38
CA ARG G 47 -40.61 -10.02 -15.25
C ARG G 47 -40.79 -11.51 -14.93
N ILE G 48 -41.77 -11.87 -14.06
CA ILE G 48 -42.07 -13.31 -13.84
C ILE G 48 -42.52 -13.95 -15.13
N LEU G 49 -43.51 -13.34 -15.78
CA LEU G 49 -44.09 -13.90 -17.04
C LEU G 49 -43.04 -14.01 -18.13
N GLY G 50 -42.05 -13.10 -18.11
CA GLY G 50 -40.98 -13.13 -19.13
C GLY G 50 -39.90 -14.20 -18.94
N HIS G 51 -39.85 -14.88 -17.80
CA HIS G 51 -38.72 -15.76 -17.46
C HIS G 51 -39.16 -17.21 -17.53
N GLU G 52 -38.58 -17.96 -18.49
CA GLU G 52 -38.85 -19.40 -18.69
C GLU G 52 -39.12 -20.16 -17.38
N GLY G 53 -38.18 -20.12 -16.45
CA GLY G 53 -38.27 -20.91 -15.21
C GLY G 53 -39.27 -20.43 -14.17
N ALA G 54 -39.37 -19.11 -14.00
CA ALA G 54 -40.18 -18.49 -12.92
C ALA G 54 -41.66 -18.65 -13.22
N ARG G 55 -42.04 -18.36 -14.47
CA ARG G 55 -43.45 -18.46 -14.92
C ARG G 55 -44.12 -19.82 -14.72
N THR G 56 -43.33 -20.90 -14.71
CA THR G 56 -43.83 -22.25 -14.36
C THR G 56 -44.37 -22.39 -12.92
N ALA G 57 -44.04 -21.45 -12.03
CA ALA G 57 -44.69 -21.39 -10.69
C ALA G 57 -46.09 -20.76 -10.69
N LEU G 58 -46.56 -20.23 -11.82
CA LEU G 58 -47.89 -19.62 -11.96
C LEU G 58 -48.86 -20.53 -12.73
N VAL G 59 -49.52 -21.43 -12.00
CA VAL G 59 -50.40 -22.47 -12.60
C VAL G 59 -51.61 -21.90 -13.35
N GLY G 60 -52.19 -20.82 -12.83
CA GLY G 60 -53.35 -20.15 -13.44
C GLY G 60 -53.03 -19.37 -14.72
N GLY G 61 -53.73 -18.25 -14.91
CA GLY G 61 -53.47 -17.33 -16.03
C GLY G 61 -53.32 -15.92 -15.50
N GLU G 62 -53.60 -14.93 -16.35
CA GLU G 62 -53.61 -13.54 -15.91
C GLU G 62 -54.75 -13.20 -14.91
N SER G 63 -55.69 -14.12 -14.70
CA SER G 63 -56.60 -14.07 -13.54
C SER G 63 -55.91 -14.41 -12.21
N GLN G 64 -54.90 -15.29 -12.22
CA GLN G 64 -54.02 -15.47 -11.04
C GLN G 64 -53.12 -14.25 -10.79
N VAL G 65 -52.55 -13.66 -11.87
CA VAL G 65 -51.80 -12.40 -11.74
C VAL G 65 -52.68 -11.28 -11.15
N GLY G 66 -53.91 -11.12 -11.67
CA GLY G 66 -54.86 -10.16 -11.10
C GLY G 66 -55.08 -10.31 -9.59
N HIS G 67 -55.26 -11.55 -9.14
CA HIS G 67 -55.31 -11.90 -7.71
C HIS G 67 -54.02 -11.44 -6.98
N LEU G 68 -52.87 -11.85 -7.52
CA LEU G 68 -51.56 -11.61 -6.88
C LEU G 68 -51.18 -10.11 -6.78
N LYS G 69 -51.48 -9.31 -7.81
CA LYS G 69 -51.23 -7.84 -7.74
C LYS G 69 -51.97 -7.19 -6.54
N VAL G 70 -53.14 -7.74 -6.17
CA VAL G 70 -53.89 -7.24 -5.00
C VAL G 70 -53.02 -7.42 -3.76
N THR G 71 -52.55 -8.63 -3.53
CA THR G 71 -51.71 -8.94 -2.37
C THR G 71 -50.34 -8.25 -2.44
N MET G 72 -49.85 -7.97 -3.65
CA MET G 72 -48.54 -7.31 -3.84
C MET G 72 -48.62 -5.81 -3.57
N ILE G 73 -49.67 -5.16 -4.05
CA ILE G 73 -49.85 -3.75 -3.73
C ILE G 73 -50.01 -3.61 -2.23
N ALA G 74 -50.78 -4.51 -1.61
CA ALA G 74 -50.89 -4.51 -0.17
C ALA G 74 -49.51 -4.70 0.50
N TRP G 75 -48.68 -5.58 -0.08
CA TRP G 75 -47.34 -5.86 0.47
C TRP G 75 -46.49 -4.61 0.43
N LEU G 76 -46.54 -3.88 -0.69
CA LEU G 76 -45.73 -2.65 -0.83
C LEU G 76 -46.16 -1.56 0.10
N ASP G 77 -47.48 -1.49 0.36
CA ASP G 77 -48.01 -0.52 1.30
C ASP G 77 -47.46 -0.74 2.71
N GLU G 78 -47.48 -2.00 3.13
CA GLU G 78 -46.97 -2.40 4.43
C GLU G 78 -45.44 -2.23 4.48
N LEU G 79 -44.76 -2.53 3.36
CA LEU G 79 -43.30 -2.38 3.28
C LEU G 79 -42.81 -0.96 3.62
N LEU G 80 -43.40 0.03 2.96
CA LEU G 80 -43.03 1.44 3.16
C LEU G 80 -43.80 2.17 4.27
N GLY G 81 -44.98 1.69 4.64
CA GLY G 81 -45.81 2.33 5.66
C GLY G 81 -45.57 1.84 7.08
N GLY G 82 -45.30 0.55 7.22
CA GLY G 82 -45.14 -0.06 8.55
C GLY G 82 -46.43 -0.03 9.37
N PRO G 83 -46.32 -0.12 10.69
CA PRO G 83 -45.05 -0.25 11.42
C PRO G 83 -44.30 -1.57 11.21
N TRP G 84 -43.05 -1.62 11.64
CA TRP G 84 -42.17 -2.79 11.40
C TRP G 84 -41.94 -3.48 12.73
N ASP G 85 -43.06 -3.81 13.38
CA ASP G 85 -43.10 -4.31 14.79
C ASP G 85 -43.23 -5.85 14.83
N GLU G 86 -43.40 -6.41 16.04
CA GLU G 86 -43.49 -7.88 16.21
C GLU G 86 -44.49 -8.55 15.25
N ALA G 87 -45.72 -8.03 15.23
CA ALA G 87 -46.78 -8.49 14.30
C ALA G 87 -46.45 -8.35 12.81
N TYR G 88 -45.81 -7.24 12.42
CA TYR G 88 -45.36 -7.10 10.99
C TYR G 88 -44.39 -8.21 10.57
N TRP G 89 -43.35 -8.45 11.38
CA TRP G 89 -42.36 -9.49 10.98
C TRP G 89 -42.90 -10.93 11.18
N ASP G 90 -43.73 -11.16 12.21
CA ASP G 90 -44.47 -12.45 12.34
C ASP G 90 -45.23 -12.75 11.06
N ARG G 91 -45.86 -11.71 10.50
CA ARG G 91 -46.56 -11.80 9.20
C ARG G 91 -45.64 -12.23 8.05
N ARG G 92 -44.44 -11.66 7.95
CA ARG G 92 -43.55 -11.98 6.78
C ARG G 92 -43.09 -13.44 6.74
N TYR G 93 -42.89 -14.04 7.92
CA TYR G 93 -42.54 -15.49 7.99
C TYR G 93 -43.65 -16.33 7.36
N ARG G 94 -44.91 -15.90 7.47
CA ARG G 94 -46.03 -16.63 6.80
C ARG G 94 -45.98 -16.45 5.28
N ILE G 95 -45.57 -15.28 4.82
CA ILE G 95 -45.42 -15.06 3.35
C ILE G 95 -44.25 -15.92 2.83
N GLY G 96 -43.20 -16.09 3.63
CA GLY G 96 -42.13 -17.01 3.25
C GLY G 96 -42.65 -18.42 3.10
N ARG G 97 -43.31 -18.91 4.16
CA ARG G 97 -43.88 -20.25 4.16
C ARG G 97 -44.81 -20.49 2.99
N VAL G 98 -45.56 -19.46 2.55
CA VAL G 98 -46.43 -19.64 1.35
C VAL G 98 -45.63 -20.13 0.11
N HIS G 99 -44.46 -19.55 -0.14
CA HIS G 99 -43.63 -19.94 -1.31
C HIS G 99 -42.93 -21.31 -1.12
N VAL G 100 -42.54 -21.65 0.11
CA VAL G 100 -41.92 -22.97 0.38
C VAL G 100 -42.92 -24.10 0.07
N ARG G 101 -44.18 -23.94 0.51
CA ARG G 101 -45.27 -24.91 0.33
C ARG G 101 -45.55 -25.18 -1.14
N ILE G 102 -45.54 -24.13 -1.99
CA ILE G 102 -45.70 -24.34 -3.44
C ILE G 102 -44.43 -24.72 -4.17
N GLY G 103 -43.30 -24.79 -3.43
CA GLY G 103 -42.02 -25.21 -3.97
C GLY G 103 -41.41 -24.19 -4.90
N LEU G 104 -41.53 -22.91 -4.56
CA LEU G 104 -40.89 -21.90 -5.39
C LEU G 104 -39.37 -22.02 -5.16
N PRO G 105 -38.59 -22.23 -6.25
CA PRO G 105 -37.13 -22.26 -6.09
C PRO G 105 -36.60 -21.00 -5.41
N GLN G 106 -35.87 -21.20 -4.32
CA GLN G 106 -35.41 -20.15 -3.39
C GLN G 106 -34.81 -18.93 -4.08
N HIS G 107 -34.00 -19.21 -5.09
CA HIS G 107 -33.31 -18.17 -5.81
C HIS G 107 -34.21 -17.16 -6.48
N TYR G 108 -35.43 -17.53 -6.88
CA TYR G 108 -36.29 -16.53 -7.55
C TYR G 108 -36.66 -15.39 -6.62
N MET G 109 -36.76 -15.67 -5.31
CA MET G 109 -37.03 -14.61 -4.32
C MET G 109 -36.01 -13.46 -4.48
N PHE G 110 -34.75 -13.78 -4.81
CA PHE G 110 -33.71 -12.74 -4.96
C PHE G 110 -33.92 -11.94 -6.23
N GLY G 111 -34.18 -12.59 -7.37
CA GLY G 111 -34.42 -11.84 -8.61
C GLY G 111 -35.72 -11.01 -8.54
N ALA G 112 -36.76 -11.59 -7.96
CA ALA G 112 -37.99 -10.82 -7.68
C ALA G 112 -37.66 -9.56 -6.86
N MET G 113 -37.04 -9.75 -5.70
CA MET G 113 -36.82 -8.63 -4.79
C MET G 113 -36.03 -7.50 -5.46
N ASN G 114 -35.20 -7.84 -6.44
CA ASN G 114 -34.37 -6.88 -7.16
C ASN G 114 -35.11 -6.01 -8.15
N VAL G 115 -36.27 -6.46 -8.61
CA VAL G 115 -37.11 -5.60 -9.46
C VAL G 115 -37.66 -4.45 -8.61
N HIS G 116 -38.29 -4.80 -7.51
CA HIS G 116 -38.77 -3.81 -6.52
C HIS G 116 -37.61 -2.90 -6.05
N ARG G 117 -36.43 -3.49 -5.75
CA ARG G 117 -35.28 -2.68 -5.28
C ARG G 117 -34.93 -1.61 -6.32
N THR G 118 -34.83 -2.01 -7.57
CA THR G 118 -34.47 -1.08 -8.63
C THR G 118 -35.49 0.02 -8.92
N GLY G 119 -36.78 -0.35 -8.96
CA GLY G 119 -37.87 0.65 -9.16
C GLY G 119 -37.92 1.62 -8.01
N LEU G 120 -37.85 1.09 -6.79
CA LEU G 120 -37.95 1.90 -5.60
C LEU G 120 -36.73 2.76 -5.35
N ALA G 121 -35.53 2.27 -5.69
CA ALA G 121 -34.30 3.13 -5.65
C ALA G 121 -34.37 4.32 -6.63
N ARG G 122 -34.94 4.10 -7.79
CA ARG G 122 -35.11 5.21 -8.75
C ARG G 122 -36.17 6.21 -8.25
N LEU G 123 -37.28 5.72 -7.71
CA LEU G 123 -38.30 6.64 -7.13
C LEU G 123 -37.68 7.48 -6.03
N ALA G 124 -36.85 6.87 -5.18
CA ALA G 124 -36.23 7.57 -4.06
C ALA G 124 -35.30 8.65 -4.57
N TYR G 125 -34.55 8.36 -5.63
CA TYR G 125 -33.59 9.33 -6.13
C TYR G 125 -34.33 10.53 -6.70
N GLU G 126 -35.35 10.26 -7.51
CA GLU G 126 -36.05 11.34 -8.21
C GLU G 126 -36.68 12.30 -7.20
N ARG G 127 -37.25 11.75 -6.13
CA ARG G 127 -37.95 12.55 -5.13
C ARG G 127 -36.99 13.35 -4.25
N PHE G 128 -35.85 12.76 -3.86
CA PHE G 128 -35.08 13.31 -2.74
C PHE G 128 -33.71 13.86 -3.10
N HIS G 129 -33.34 13.84 -4.37
CA HIS G 129 -31.98 14.24 -4.77
C HIS G 129 -31.58 15.69 -4.44
N GLY G 130 -32.57 16.58 -4.31
CA GLY G 130 -32.34 17.98 -3.91
C GLY G 130 -31.86 18.12 -2.48
N ASP G 131 -32.12 17.09 -1.65
CA ASP G 131 -31.68 17.09 -0.27
C ASP G 131 -30.77 15.87 -0.06
N PRO G 132 -29.45 16.02 -0.35
CA PRO G 132 -28.63 14.79 -0.31
C PRO G 132 -28.57 14.01 1.02
N PRO G 133 -28.58 14.69 2.20
CA PRO G 133 -28.67 13.93 3.47
C PRO G 133 -29.94 13.11 3.66
N GLU G 134 -31.06 13.64 3.18
CA GLU G 134 -32.34 12.95 3.20
C GLU G 134 -32.34 11.79 2.22
N LEU G 135 -31.84 12.00 0.99
CA LEU G 135 -31.69 10.85 0.06
C LEU G 135 -30.80 9.72 0.65
N GLU G 136 -29.76 10.12 1.41
CA GLU G 136 -28.91 9.17 2.09
C GLU G 136 -29.69 8.34 3.09
N ARG G 137 -30.53 9.00 3.92
CA ARG G 137 -31.32 8.26 4.90
C ARG G 137 -32.37 7.36 4.24
N VAL G 138 -32.99 7.81 3.14
CA VAL G 138 -34.04 7.01 2.44
C VAL G 138 -33.40 5.83 1.70
N ARG G 139 -32.30 6.09 1.00
CA ARG G 139 -31.52 5.01 0.34
C ARG G 139 -31.08 3.87 1.30
N ASN G 140 -30.54 4.25 2.47
CA ASN G 140 -30.11 3.31 3.46
C ASN G 140 -31.28 2.53 4.03
N ALA G 141 -32.37 3.24 4.34
CA ALA G 141 -33.54 2.58 4.93
C ALA G 141 -34.16 1.60 3.95
N LEU G 142 -34.26 1.98 2.70
CA LEU G 142 -34.80 1.10 1.62
C LEU G 142 -33.96 -0.17 1.51
N GLY G 143 -32.64 0.02 1.41
CA GLY G 143 -31.71 -1.10 1.35
C GLY G 143 -31.89 -2.07 2.48
N LYS G 144 -32.04 -1.52 3.68
CA LYS G 144 -32.21 -2.33 4.94
C LYS G 144 -33.48 -3.17 4.94
N VAL G 145 -34.62 -2.54 4.58
CA VAL G 145 -35.91 -3.20 4.75
C VAL G 145 -36.01 -4.37 3.77
N LEU G 146 -35.50 -4.15 2.56
CA LEU G 146 -35.47 -5.19 1.53
C LEU G 146 -34.54 -6.35 1.87
N ASP G 147 -33.37 -6.03 2.42
CA ASP G 147 -32.45 -7.08 2.89
C ASP G 147 -33.08 -7.89 4.01
N LEU G 148 -33.73 -7.22 4.95
CA LEU G 148 -34.38 -7.91 6.10
C LEU G 148 -35.53 -8.78 5.67
N GLU G 149 -36.29 -8.29 4.68
CA GLU G 149 -37.43 -9.04 4.09
C GLU G 149 -36.91 -10.39 3.52
N LEU G 150 -35.81 -10.35 2.79
CA LEU G 150 -35.22 -11.58 2.26
C LEU G 150 -34.73 -12.48 3.39
N ALA G 151 -34.02 -11.92 4.37
CA ALA G 151 -33.64 -12.73 5.55
C ALA G 151 -34.82 -13.50 6.17
N VAL G 152 -35.90 -12.77 6.43
CA VAL G 152 -37.10 -13.31 7.11
C VAL G 152 -37.79 -14.39 6.28
N MET G 153 -38.00 -14.11 5.00
CA MET G 153 -38.56 -15.06 4.08
C MET G 153 -37.72 -16.33 3.90
N LEU G 154 -36.41 -16.15 3.74
CA LEU G 154 -35.55 -17.26 3.46
C LEU G 154 -35.29 -18.10 4.68
N HIS G 155 -35.51 -17.54 5.88
CA HIS G 155 -35.48 -18.36 7.12
C HIS G 155 -36.46 -19.54 6.99
N THR G 156 -37.61 -19.29 6.37
CA THR G 156 -38.66 -20.32 6.24
C THR G 156 -38.20 -21.50 5.36
N TYR G 157 -37.24 -21.27 4.46
CA TYR G 157 -36.68 -22.35 3.61
C TYR G 157 -35.80 -23.35 4.37
N ARG G 158 -35.39 -23.01 5.59
CA ARG G 158 -34.59 -23.94 6.42
C ARG G 158 -35.35 -25.20 6.82
N THR H 7 -25.71 -22.82 -11.69
CA THR H 7 -26.70 -22.34 -12.71
C THR H 7 -27.75 -21.33 -12.17
N VAL H 8 -27.85 -21.20 -10.84
CA VAL H 8 -28.57 -20.09 -10.21
C VAL H 8 -28.18 -18.78 -10.89
N PHE H 9 -26.87 -18.53 -10.99
CA PHE H 9 -26.39 -17.30 -11.65
C PHE H 9 -26.87 -17.16 -13.10
N GLU H 10 -26.92 -18.27 -13.82
CA GLU H 10 -27.41 -18.25 -15.22
C GLU H 10 -28.89 -17.88 -15.37
N GLU H 11 -29.74 -18.57 -14.61
CA GLU H 11 -31.14 -18.18 -14.54
C GLU H 11 -31.30 -16.73 -14.07
N LEU H 12 -30.64 -16.38 -12.96
CA LEU H 12 -30.89 -15.07 -12.34
C LEU H 12 -30.35 -13.89 -13.16
N LYS H 13 -29.24 -14.07 -13.87
CA LYS H 13 -28.72 -13.03 -14.80
C LYS H 13 -29.79 -12.54 -15.75
N ARG H 14 -30.54 -13.48 -16.35
CA ARG H 14 -31.64 -13.10 -17.25
C ARG H 14 -32.80 -12.45 -16.48
N TYR H 15 -33.17 -13.00 -15.31
CA TYR H 15 -34.26 -12.44 -14.49
C TYR H 15 -34.08 -11.00 -14.13
N VAL H 16 -32.85 -10.63 -13.71
CA VAL H 16 -32.53 -9.25 -13.35
C VAL H 16 -32.04 -8.39 -14.53
N GLY H 17 -31.86 -8.94 -15.73
CA GLY H 17 -31.36 -8.10 -16.86
C GLY H 17 -29.86 -7.76 -16.92
N TRP H 18 -29.02 -8.69 -16.48
CA TRP H 18 -27.56 -8.49 -16.40
C TRP H 18 -27.06 -8.38 -17.80
N GLY H 19 -26.30 -7.33 -18.09
CA GLY H 19 -25.76 -7.10 -19.44
C GLY H 19 -24.39 -6.44 -19.37
N ASP H 20 -23.85 -6.11 -20.55
CA ASP H 20 -22.52 -5.46 -20.67
C ASP H 20 -22.51 -4.11 -20.02
N GLY H 21 -23.67 -3.45 -19.97
CA GLY H 21 -23.79 -2.16 -19.26
C GLY H 21 -23.54 -2.24 -17.76
N ASP H 22 -24.02 -3.31 -17.14
CA ASP H 22 -23.81 -3.50 -15.70
C ASP H 22 -22.32 -3.69 -15.42
N GLU H 23 -21.65 -4.40 -16.33
CA GLU H 23 -20.25 -4.77 -16.18
C GLU H 23 -19.33 -3.55 -16.31
N ARG H 24 -19.58 -2.72 -17.31
CA ARG H 24 -18.89 -1.43 -17.49
C ARG H 24 -19.08 -0.45 -16.32
N ALA H 25 -20.31 -0.42 -15.81
CA ALA H 25 -20.66 0.43 -14.69
C ALA H 25 -19.94 0.03 -13.40
N LEU H 26 -19.97 -1.26 -13.13
CA LEU H 26 -19.27 -1.80 -11.97
C LEU H 26 -17.72 -1.52 -12.02
N ARG H 27 -17.12 -1.58 -13.22
CA ARG H 27 -15.68 -1.27 -13.41
CA ARG H 27 -15.69 -1.27 -13.37
C ARG H 27 -15.36 0.21 -13.17
N SER H 28 -16.25 1.14 -13.56
CA SER H 28 -16.01 2.57 -13.23
C SER H 28 -16.13 2.78 -11.70
N LEU H 29 -17.00 2.04 -11.04
CA LEU H 29 -17.18 2.16 -9.58
C LEU H 29 -15.91 1.62 -8.88
N HIS H 30 -15.38 0.48 -9.39
CA HIS H 30 -14.12 -0.14 -8.98
C HIS H 30 -13.05 0.89 -8.80
N GLY H 31 -12.80 1.71 -9.84
CA GLY H 31 -11.71 2.67 -9.82
C GLY H 31 -11.89 3.69 -8.71
N ALA H 32 -13.12 4.19 -8.54
CA ALA H 32 -13.40 5.12 -7.44
C ALA H 32 -13.33 4.51 -6.03
N ALA H 33 -13.75 3.25 -5.89
CA ALA H 33 -13.88 2.66 -4.59
C ALA H 33 -12.60 1.97 -4.08
N ALA H 34 -11.69 1.58 -4.95
CA ALA H 34 -10.54 0.76 -4.54
C ALA H 34 -9.73 1.31 -3.36
N PRO H 35 -9.40 2.62 -3.35
CA PRO H 35 -8.68 3.09 -2.16
C PRO H 35 -9.47 3.02 -0.88
N HIS H 36 -10.82 2.85 -0.99
CA HIS H 36 -11.69 2.74 0.15
C HIS H 36 -11.91 1.32 0.62
N PHE H 37 -11.37 0.30 -0.08
CA PHE H 37 -11.60 -1.06 0.32
C PHE H 37 -11.10 -1.38 1.74
N PRO H 38 -9.90 -0.94 2.14
CA PRO H 38 -9.55 -1.24 3.54
C PRO H 38 -10.50 -0.71 4.60
N ARG H 39 -11.01 0.52 4.43
CA ARG H 39 -12.00 1.10 5.33
C ARG H 39 -13.35 0.33 5.26
N LEU H 40 -13.83 0.03 4.06
CA LEU H 40 -15.03 -0.84 3.90
C LEU H 40 -14.90 -2.16 4.62
N ALA H 41 -13.75 -2.83 4.52
CA ALA H 41 -13.49 -4.05 5.32
C ALA H 41 -13.51 -3.75 6.80
N GLU H 42 -12.89 -2.66 7.20
CA GLU H 42 -12.84 -2.32 8.60
C GLU H 42 -14.27 -2.17 9.17
N GLU H 43 -15.13 -1.46 8.47
CA GLU H 43 -16.56 -1.27 8.89
C GLU H 43 -17.30 -2.58 8.99
N PHE H 44 -17.07 -3.43 7.99
CA PHE H 44 -17.68 -4.77 7.97
C PHE H 44 -17.36 -5.56 9.20
N TYR H 45 -16.09 -5.58 9.62
CA TYR H 45 -15.74 -6.41 10.80
C TYR H 45 -16.07 -5.67 12.07
N ASP H 46 -16.03 -4.33 12.07
CA ASP H 46 -16.47 -3.61 13.27
C ASP H 46 -17.93 -3.94 13.56
N ARG H 47 -18.76 -4.03 12.52
CA ARG H 47 -20.16 -4.45 12.71
C ARG H 47 -20.34 -5.86 13.30
N ILE H 48 -19.58 -6.85 12.82
CA ILE H 48 -19.56 -8.21 13.39
C ILE H 48 -19.14 -8.24 14.86
N LEU H 49 -18.01 -7.58 15.16
CA LEU H 49 -17.43 -7.57 16.48
C LEU H 49 -18.29 -6.83 17.48
N GLY H 50 -19.12 -5.90 17.04
CA GLY H 50 -20.01 -5.17 17.94
C GLY H 50 -21.35 -5.82 18.13
N HIS H 51 -21.57 -6.98 17.51
CA HIS H 51 -22.88 -7.64 17.52
C HIS H 51 -22.78 -9.01 18.21
N GLU H 52 -23.53 -9.19 19.28
CA GLU H 52 -23.42 -10.38 20.14
C GLU H 52 -23.58 -11.71 19.37
N GLY H 53 -24.64 -11.86 18.60
CA GLY H 53 -24.88 -13.07 17.82
C GLY H 53 -23.85 -13.37 16.73
N ALA H 54 -23.46 -12.36 15.99
CA ALA H 54 -22.54 -12.52 14.88
C ALA H 54 -21.13 -12.80 15.39
N ARG H 55 -20.69 -12.10 16.42
CA ARG H 55 -19.32 -12.26 16.89
C ARG H 55 -19.06 -13.67 17.43
N THR H 56 -20.10 -14.42 17.82
CA THR H 56 -19.88 -15.77 18.36
C THR H 56 -19.36 -16.74 17.30
N ALA H 57 -19.66 -16.49 16.03
CA ALA H 57 -19.09 -17.25 14.88
C ALA H 57 -17.59 -17.18 14.66
N LEU H 58 -16.93 -16.19 15.26
CA LEU H 58 -15.47 -16.03 15.26
C LEU H 58 -14.85 -16.81 16.42
N VAL H 59 -14.29 -17.96 16.10
CA VAL H 59 -13.60 -18.82 17.08
C VAL H 59 -12.14 -19.05 16.72
N GLY H 60 -11.63 -18.30 15.74
CA GLY H 60 -10.19 -18.30 15.42
C GLY H 60 -9.45 -17.53 16.48
N GLY H 61 -8.15 -17.41 16.27
CA GLY H 61 -7.30 -16.71 17.24
C GLY H 61 -7.28 -15.21 17.03
N GLU H 62 -6.26 -14.58 17.59
CA GLU H 62 -6.03 -13.14 17.48
C GLU H 62 -5.73 -12.64 16.06
N SER H 63 -5.31 -13.52 15.19
CA SER H 63 -4.99 -13.18 13.78
C SER H 63 -6.16 -13.30 12.82
N GLN H 64 -7.27 -13.90 13.25
CA GLN H 64 -8.38 -14.20 12.35
C GLN H 64 -9.01 -12.98 11.62
N VAL H 65 -9.39 -11.94 12.33
CA VAL H 65 -9.91 -10.70 11.72
C VAL H 65 -8.92 -10.13 10.71
N GLY H 66 -7.62 -10.13 11.02
CA GLY H 66 -6.60 -9.75 10.07
C GLY H 66 -6.62 -10.56 8.77
N HIS H 67 -6.76 -11.88 8.84
CA HIS H 67 -6.79 -12.74 7.65
C HIS H 67 -8.06 -12.50 6.86
N LEU H 68 -9.19 -12.46 7.57
CA LEU H 68 -10.49 -12.11 6.97
C LEU H 68 -10.50 -10.77 6.26
N LYS H 69 -9.82 -9.75 6.79
CA LYS H 69 -9.74 -8.47 6.06
C LYS H 69 -9.02 -8.64 4.70
N VAL H 70 -7.98 -9.48 4.65
CA VAL H 70 -7.28 -9.76 3.37
C VAL H 70 -8.24 -10.38 2.35
N THR H 71 -8.96 -11.41 2.76
CA THR H 71 -9.88 -12.09 1.82
C THR H 71 -11.07 -11.19 1.48
N MET H 72 -11.51 -10.29 2.36
CA MET H 72 -12.61 -9.34 2.04
C MET H 72 -12.18 -8.24 1.09
N ILE H 73 -10.93 -7.75 1.22
CA ILE H 73 -10.44 -6.75 0.25
C ILE H 73 -10.40 -7.37 -1.16
N ALA H 74 -9.91 -8.61 -1.25
CA ALA H 74 -9.89 -9.37 -2.50
C ALA H 74 -11.34 -9.65 -3.02
N TRP H 75 -12.26 -9.93 -2.12
CA TRP H 75 -13.69 -10.11 -2.50
C TRP H 75 -14.30 -8.87 -3.14
N LEU H 76 -14.09 -7.72 -2.49
CA LEU H 76 -14.47 -6.41 -3.03
C LEU H 76 -13.85 -6.08 -4.37
N ASP H 77 -12.56 -6.41 -4.52
CA ASP H 77 -11.84 -6.12 -5.74
C ASP H 77 -12.39 -6.98 -6.90
N GLU H 78 -12.70 -8.23 -6.67
CA GLU H 78 -13.36 -9.05 -7.69
C GLU H 78 -14.81 -8.58 -7.96
N LEU H 79 -15.51 -8.14 -6.90
CA LEU H 79 -16.92 -7.78 -7.00
C LEU H 79 -17.12 -6.74 -8.04
N LEU H 80 -16.28 -5.70 -7.98
CA LEU H 80 -16.40 -4.57 -8.83
C LEU H 80 -15.57 -4.70 -10.11
N GLY H 81 -14.49 -5.48 -10.11
CA GLY H 81 -13.65 -5.60 -11.31
C GLY H 81 -13.99 -6.67 -12.32
N GLY H 82 -14.49 -7.81 -11.86
CA GLY H 82 -14.90 -8.89 -12.72
C GLY H 82 -13.70 -9.62 -13.29
N PRO H 83 -13.88 -10.49 -14.29
CA PRO H 83 -15.15 -10.74 -14.93
C PRO H 83 -16.09 -11.60 -14.07
N TRP H 84 -17.36 -11.53 -14.43
CA TRP H 84 -18.42 -12.22 -13.74
C TRP H 84 -18.88 -13.42 -14.61
N ASP H 85 -17.97 -14.39 -14.78
CA ASP H 85 -18.17 -15.55 -15.67
C ASP H 85 -18.36 -16.77 -14.80
N GLU H 86 -18.46 -17.97 -15.42
CA GLU H 86 -18.72 -19.18 -14.66
C GLU H 86 -17.71 -19.43 -13.53
N ALA H 87 -16.42 -19.20 -13.80
CA ALA H 87 -15.37 -19.36 -12.81
C ALA H 87 -15.55 -18.44 -11.59
N TYR H 88 -15.90 -17.18 -11.83
CA TYR H 88 -16.27 -16.24 -10.73
C TYR H 88 -17.40 -16.73 -9.84
N TRP H 89 -18.49 -17.19 -10.46
CA TRP H 89 -19.68 -17.61 -9.72
C TRP H 89 -19.44 -18.95 -9.02
N ASP H 90 -18.66 -19.85 -9.63
CA ASP H 90 -18.19 -21.06 -8.92
C ASP H 90 -17.40 -20.73 -7.66
N ARG H 91 -16.49 -19.77 -7.74
CA ARG H 91 -15.79 -19.31 -6.53
C ARG H 91 -16.80 -18.79 -5.47
N ARG H 92 -17.83 -18.06 -5.88
CA ARG H 92 -18.83 -17.52 -4.88
C ARG H 92 -19.63 -18.65 -4.26
N TYR H 93 -19.95 -19.70 -5.04
CA TYR H 93 -20.55 -20.91 -4.43
CA TYR H 93 -20.53 -20.92 -4.47
C TYR H 93 -19.66 -21.44 -3.32
N ARG H 94 -18.37 -21.60 -3.58
CA ARG H 94 -17.43 -22.11 -2.56
C ARG H 94 -17.36 -21.22 -1.30
N ILE H 95 -17.40 -19.91 -1.51
CA ILE H 95 -17.45 -18.92 -0.41
C ILE H 95 -18.71 -19.13 0.46
N GLY H 96 -19.85 -19.27 -0.18
CA GLY H 96 -21.11 -19.55 0.50
C GLY H 96 -21.02 -20.81 1.32
N ARG H 97 -20.50 -21.89 0.73
CA ARG H 97 -20.27 -23.16 1.44
C ARG H 97 -19.44 -23.03 2.69
N VAL H 98 -18.44 -22.12 2.69
CA VAL H 98 -17.63 -21.92 3.89
C VAL H 98 -18.49 -21.51 5.09
N HIS H 99 -19.52 -20.71 4.85
CA HIS H 99 -20.38 -20.23 5.93
C HIS H 99 -21.35 -21.36 6.39
N VAL H 100 -21.73 -22.22 5.47
CA VAL H 100 -22.52 -23.45 5.80
C VAL H 100 -21.71 -24.32 6.76
N ARG H 101 -20.49 -24.61 6.35
CA ARG H 101 -19.55 -25.41 7.14
C ARG H 101 -19.29 -24.90 8.55
N ILE H 102 -19.26 -23.58 8.77
CA ILE H 102 -19.05 -23.04 10.17
C ILE H 102 -20.33 -22.98 11.03
N GLY H 103 -21.46 -23.40 10.48
CA GLY H 103 -22.77 -23.28 11.14
C GLY H 103 -23.14 -21.82 11.41
N LEU H 104 -22.84 -20.91 10.48
CA LEU H 104 -23.23 -19.50 10.67
C LEU H 104 -24.72 -19.43 10.39
N PRO H 105 -25.51 -18.87 11.33
CA PRO H 105 -26.96 -18.73 11.04
C PRO H 105 -27.19 -17.93 9.76
N GLN H 106 -27.94 -18.47 8.81
CA GLN H 106 -27.99 -17.89 7.44
C GLN H 106 -28.44 -16.45 7.37
N HIS H 107 -29.24 -16.02 8.35
CA HIS H 107 -29.72 -14.65 8.36
C HIS H 107 -28.57 -13.63 8.45
N TYR H 108 -27.44 -14.00 9.04
CA TYR H 108 -26.34 -13.04 9.19
C TYR H 108 -25.75 -12.66 7.84
N MET H 109 -25.91 -13.51 6.83
CA MET H 109 -25.43 -13.19 5.50
C MET H 109 -26.03 -11.91 4.91
N PHE H 110 -27.32 -11.69 5.19
CA PHE H 110 -28.06 -10.54 4.74
C PHE H 110 -27.67 -9.31 5.50
N GLY H 111 -27.48 -9.44 6.81
CA GLY H 111 -27.03 -8.29 7.63
C GLY H 111 -25.68 -7.81 7.16
N ALA H 112 -24.77 -8.76 6.92
CA ALA H 112 -23.38 -8.42 6.48
C ALA H 112 -23.36 -7.75 5.12
N MET H 113 -24.14 -8.27 4.18
CA MET H 113 -24.20 -7.69 2.83
C MET H 113 -24.77 -6.28 2.83
N ASN H 114 -25.75 -6.04 3.70
CA ASN H 114 -26.26 -4.69 3.88
C ASN H 114 -25.23 -3.68 4.32
N VAL H 115 -24.25 -4.07 5.14
CA VAL H 115 -23.15 -3.19 5.52
C VAL H 115 -22.35 -2.75 4.28
N HIS H 116 -21.98 -3.68 3.37
CA HIS H 116 -21.30 -3.30 2.11
C HIS H 116 -22.23 -2.53 1.18
N ARG H 117 -23.49 -2.98 1.11
CA ARG H 117 -24.46 -2.29 0.21
C ARG H 117 -24.50 -0.78 0.54
N THR H 118 -24.68 -0.48 1.82
CA THR H 118 -24.76 0.90 2.33
C THR H 118 -23.49 1.73 1.98
N GLY H 119 -22.33 1.22 2.32
CA GLY H 119 -21.10 1.92 2.00
C GLY H 119 -20.75 2.04 0.54
N LEU H 120 -21.01 0.99 -0.25
CA LEU H 120 -20.78 1.07 -1.68
C LEU H 120 -21.80 2.02 -2.38
N ALA H 121 -23.06 2.04 -1.92
CA ALA H 121 -24.09 2.97 -2.48
C ALA H 121 -23.73 4.40 -2.20
N ARG H 122 -23.17 4.68 -1.02
CA ARG H 122 -22.69 6.04 -0.71
C ARG H 122 -21.57 6.45 -1.61
N LEU H 123 -20.57 5.56 -1.80
CA LEU H 123 -19.46 5.89 -2.72
C LEU H 123 -19.99 6.12 -4.15
N ALA H 124 -20.97 5.33 -4.58
CA ALA H 124 -21.48 5.51 -5.95
C ALA H 124 -22.11 6.91 -6.10
N TYR H 125 -22.89 7.30 -5.10
CA TYR H 125 -23.50 8.62 -5.08
C TYR H 125 -22.42 9.70 -5.09
N GLU H 126 -21.43 9.59 -4.21
CA GLU H 126 -20.43 10.66 -4.07
C GLU H 126 -19.58 10.85 -5.31
N ARG H 127 -19.29 9.77 -6.00
CA ARG H 127 -18.53 9.81 -7.23
C ARG H 127 -19.38 10.25 -8.44
N PHE H 128 -20.63 9.78 -8.52
CA PHE H 128 -21.41 9.90 -9.76
C PHE H 128 -22.66 10.79 -9.71
N HIS H 129 -22.88 11.50 -8.60
CA HIS H 129 -24.07 12.37 -8.48
C HIS H 129 -24.18 13.48 -9.52
N GLY H 130 -23.04 13.97 -10.02
CA GLY H 130 -23.03 15.03 -11.04
C GLY H 130 -23.40 14.57 -12.44
N ASP H 131 -23.53 13.25 -12.65
CA ASP H 131 -23.99 12.69 -13.92
C ASP H 131 -25.11 11.68 -13.60
N PRO H 132 -26.34 12.18 -13.35
CA PRO H 132 -27.40 11.29 -12.89
C PRO H 132 -27.68 10.03 -13.69
N PRO H 133 -27.64 10.09 -15.05
CA PRO H 133 -27.89 8.83 -15.77
C PRO H 133 -26.79 7.78 -15.53
N GLU H 134 -25.57 8.25 -15.33
CA GLU H 134 -24.46 7.37 -14.92
C GLU H 134 -24.63 6.80 -13.52
N LEU H 135 -25.02 7.64 -12.55
CA LEU H 135 -25.37 7.20 -11.20
C LEU H 135 -26.38 6.10 -11.23
N GLU H 136 -27.39 6.26 -12.12
CA GLU H 136 -28.45 5.26 -12.23
C GLU H 136 -27.89 3.94 -12.72
N ARG H 137 -27.09 3.97 -13.77
CA ARG H 137 -26.45 2.71 -14.21
C ARG H 137 -25.55 2.05 -13.16
N VAL H 138 -24.80 2.86 -12.42
CA VAL H 138 -23.92 2.32 -11.36
C VAL H 138 -24.73 1.73 -10.19
N ARG H 139 -25.72 2.48 -9.73
CA ARG H 139 -26.64 2.07 -8.69
C ARG H 139 -27.36 0.79 -9.06
N ASN H 140 -27.89 0.71 -10.28
CA ASN H 140 -28.62 -0.48 -10.69
C ASN H 140 -27.75 -1.71 -10.75
N ALA H 141 -26.53 -1.50 -11.25
CA ALA H 141 -25.53 -2.57 -11.38
C ALA H 141 -25.04 -3.09 -10.05
N LEU H 142 -24.84 -2.20 -9.10
CA LEU H 142 -24.45 -2.59 -7.75
C LEU H 142 -25.55 -3.37 -7.09
N GLY H 143 -26.82 -2.94 -7.27
CA GLY H 143 -27.93 -3.64 -6.71
C GLY H 143 -28.03 -5.07 -7.22
N LYS H 144 -27.86 -5.23 -8.53
CA LYS H 144 -27.88 -6.56 -9.16
C LYS H 144 -26.76 -7.46 -8.62
N VAL H 145 -25.54 -6.94 -8.60
CA VAL H 145 -24.40 -7.80 -8.21
C VAL H 145 -24.52 -8.30 -6.79
N LEU H 146 -24.94 -7.43 -5.86
CA LEU H 146 -25.19 -7.82 -4.48
C LEU H 146 -26.33 -8.83 -4.29
N ASP H 147 -27.43 -8.70 -5.02
CA ASP H 147 -28.57 -9.66 -4.89
C ASP H 147 -28.22 -11.03 -5.43
N LEU H 148 -27.45 -11.04 -6.50
CA LEU H 148 -26.89 -12.26 -7.10
C LEU H 148 -25.89 -12.98 -6.19
N GLU H 149 -25.00 -12.23 -5.55
CA GLU H 149 -24.11 -12.80 -4.53
C GLU H 149 -24.88 -13.46 -3.39
N LEU H 150 -25.88 -12.75 -2.87
CA LEU H 150 -26.78 -13.35 -1.85
C LEU H 150 -27.41 -14.66 -2.31
N ALA H 151 -27.92 -14.67 -3.54
CA ALA H 151 -28.63 -15.81 -4.10
C ALA H 151 -27.73 -17.01 -4.25
N VAL H 152 -26.52 -16.77 -4.78
CA VAL H 152 -25.54 -17.85 -5.01
C VAL H 152 -25.11 -18.42 -3.67
N MET H 153 -24.79 -17.55 -2.70
CA MET H 153 -24.32 -17.99 -1.41
C MET H 153 -25.41 -18.72 -0.62
N LEU H 154 -26.65 -18.17 -0.64
CA LEU H 154 -27.78 -18.82 0.02
C LEU H 154 -28.16 -20.20 -0.56
N HIS H 155 -27.96 -20.39 -1.86
CA HIS H 155 -28.11 -21.71 -2.50
C HIS H 155 -27.36 -22.83 -1.75
N THR H 156 -26.15 -22.53 -1.28
CA THR H 156 -25.34 -23.56 -0.63
C THR H 156 -25.92 -24.02 0.69
N TYR H 157 -26.72 -23.18 1.36
CA TYR H 157 -27.43 -23.56 2.59
C TYR H 157 -28.55 -24.65 2.40
N ARG H 158 -29.02 -24.88 1.16
CA ARG H 158 -30.02 -25.92 0.89
C ARG H 158 -29.43 -27.33 0.79
CHA HEM I . -4.63 19.31 -3.94
CHB HEM I . -1.72 20.38 -0.23
CHC HEM I . -5.44 19.28 2.73
CHD HEM I . -7.70 17.10 -0.91
C1A HEM I . -3.54 19.73 -3.20
C2A HEM I . -2.32 20.20 -3.72
C3A HEM I . -1.49 20.45 -2.68
C4A HEM I . -2.20 20.18 -1.50
CMA HEM I . -0.05 20.94 -2.78
CAA HEM I . -1.94 20.29 -5.19
CBA HEM I . -2.55 21.45 -5.93
CGA HEM I . -2.08 21.33 -7.37
O1A HEM I . -1.60 22.35 -7.94
O2A HEM I . -2.13 20.21 -7.98
C1B HEM I . -2.51 20.22 0.93
C2B HEM I . -2.11 20.61 2.24
C3B HEM I . -3.14 20.33 3.11
C4B HEM I . -4.21 19.74 2.27
CMB HEM I . -0.75 21.22 2.56
CAB HEM I . -3.29 20.46 4.58
CBB HEM I . -2.29 20.69 5.44
C1C HEM I . -6.39 18.54 2.03
C2C HEM I . -7.48 17.83 2.58
C3C HEM I . -8.15 17.19 1.55
C4C HEM I . -7.39 17.50 0.37
CMC HEM I . -7.87 17.82 4.05
CAC HEM I . -9.36 16.31 1.53
CBC HEM I . -10.04 15.77 2.55
C1D HEM I . -7.04 17.59 -2.04
C2D HEM I . -7.55 17.33 -3.39
C3D HEM I . -6.72 17.96 -4.24
C4D HEM I . -5.69 18.59 -3.38
CMD HEM I . -8.76 16.49 -3.75
CAD HEM I . -6.80 17.92 -5.76
CBD HEM I . -7.95 18.74 -6.30
CGD HEM I . -7.94 18.65 -7.82
O1D HEM I . -8.19 17.56 -8.38
O2D HEM I . -7.66 19.66 -8.52
NA HEM I . -3.46 19.70 -1.81
NB HEM I . -3.77 19.74 1.00
NC HEM I . -6.32 18.26 0.71
ND HEM I . -5.94 18.36 -2.07
FE HEM I . -4.90 19.01 -0.60
C CYN J . -4.01 17.21 -0.67
N CYN J . -3.17 16.26 -0.93
CL CL K . 10.18 18.76 21.84
CHA HEM L . -11.00 39.55 24.40
CHB HEM L . -8.61 35.30 24.06
CHC HEM L . -6.11 37.13 20.30
CHD HEM L . -7.59 41.60 21.58
C1A HEM L . -10.61 38.24 24.60
C2A HEM L . -11.13 37.35 25.59
C3A HEM L . -10.42 36.18 25.52
C4A HEM L . -9.47 36.32 24.48
CMA HEM L . -10.60 34.93 26.35
CAA HEM L . -12.22 37.71 26.57
CBA HEM L . -13.60 37.59 25.94
CGA HEM L . -14.60 37.64 27.08
O1A HEM L . -15.12 36.58 27.49
O2A HEM L . -14.83 38.73 27.65
C1B HEM L . -7.75 35.41 22.98
C2B HEM L . -7.02 34.31 22.45
C3B HEM L . -6.33 34.78 21.37
C4B HEM L . -6.66 36.25 21.26
CMB HEM L . -7.01 32.89 23.01
CAB HEM L . -5.35 34.09 20.50
CBB HEM L . -4.73 32.96 20.82
C1C HEM L . -6.25 38.53 20.35
C2C HEM L . -5.49 39.48 19.60
C3C HEM L . -5.90 40.74 19.98
C4C HEM L . -6.90 40.58 20.97
CMC HEM L . -4.41 39.12 18.59
CAC HEM L . -5.38 42.05 19.51
CBC HEM L . -4.24 42.24 18.87
C1D HEM L . -8.68 41.37 22.42
C2D HEM L . -9.56 42.47 22.87
C3D HEM L . -10.50 41.90 23.65
C4D HEM L . -10.22 40.44 23.66
CMD HEM L . -9.44 43.96 22.59
CAD HEM L . -11.61 42.67 24.34
CBD HEM L . -12.80 42.88 23.40
CGD HEM L . -13.91 43.72 24.05
O1D HEM L . -14.42 44.74 23.50
O2D HEM L . -14.34 43.39 25.17
NA HEM L . -9.56 37.58 23.96
NB HEM L . -7.53 36.54 22.22
NC HEM L . -7.06 39.23 21.19
ND HEM L . -9.11 40.18 22.94
FE HEM L . -8.36 38.44 22.60
C CYN M . -6.81 38.64 23.98
N CYN M . -6.48 39.09 25.14
CHA HEM N . 39.72 -20.72 15.87
CHB HEM N . 36.96 -16.77 15.48
CHC HEM N . 33.46 -19.12 17.94
CHD HEM N . 36.77 -22.47 19.23
C1A HEM N . 39.26 -19.48 15.50
C2A HEM N . 40.01 -18.51 14.76
C3A HEM N . 39.23 -17.38 14.66
C4A HEM N . 38.01 -17.66 15.35
CMA HEM N . 39.56 -16.08 13.97
CAA HEM N . 41.40 -18.70 14.18
CBA HEM N . 41.31 -19.43 12.86
CGA HEM N . 42.69 -19.69 12.26
O1A HEM N . 42.95 -19.34 11.06
O2A HEM N . 43.56 -20.27 12.96
C1B HEM N . 35.73 -17.08 16.08
C2B HEM N . 34.58 -16.23 16.02
C3B HEM N . 33.57 -16.86 16.70
C4B HEM N . 34.13 -18.16 17.16
CMB HEM N . 34.54 -14.90 15.32
CAB HEM N . 32.20 -16.41 16.99
CBB HEM N . 31.77 -15.16 16.88
C1C HEM N . 34.05 -20.24 18.56
C2C HEM N . 33.48 -21.04 19.57
C3C HEM N . 34.42 -22.00 19.96
C4C HEM N . 35.59 -21.76 19.17
CMC HEM N . 32.09 -20.90 20.10
CAC HEM N . 34.34 -23.07 20.99
CBC HEM N . 33.42 -23.15 21.96
C1D HEM N . 37.82 -22.25 18.37
C2D HEM N . 38.97 -23.17 18.33
C3D HEM N . 39.79 -22.70 17.37
C4D HEM N . 39.12 -21.49 16.85
CMD HEM N . 39.19 -24.38 19.18
CAD HEM N . 41.11 -23.28 16.95
CBD HEM N . 40.94 -24.04 15.62
CGD HEM N . 42.10 -24.98 15.27
O1D HEM N . 42.46 -25.08 14.08
O2D HEM N . 42.67 -25.70 16.13
NA HEM N . 38.08 -18.92 15.90
NB HEM N . 35.41 -18.19 16.74
NC HEM N . 35.34 -20.67 18.37
ND HEM N . 37.97 -21.26 17.47
FE HEM N . 36.76 -19.76 17.14
C CYN O . 37.76 -18.47 18.77
N CYN O . 38.40 -18.46 19.94
CL CL P . 21.50 1.96 21.68
CHA HEM Q . 5.97 -17.96 5.62
CHB HEM Q . 8.25 -15.67 9.22
CHC HEM Q . 11.79 -14.68 6.05
CHD HEM Q . 8.87 -15.88 2.40
C1A HEM Q . 6.32 -17.48 6.85
C2A HEM Q . 5.50 -17.62 8.00
C3A HEM Q . 6.14 -16.94 9.01
C4A HEM Q . 7.32 -16.38 8.50
CMA HEM Q . 5.68 -16.80 10.45
CAA HEM Q . 4.15 -18.32 8.10
CBA HEM Q . 4.22 -19.77 8.54
CGA HEM Q . 2.78 -20.22 8.74
O1A HEM Q . 2.30 -20.21 9.89
O2A HEM Q . 2.04 -20.53 7.79
C1B HEM Q . 9.48 -15.22 8.68
C2B HEM Q . 10.55 -14.64 9.44
C3B HEM Q . 11.56 -14.37 8.55
C4B HEM Q . 11.07 -14.83 7.24
CMB HEM Q . 10.56 -14.36 10.91
CAB HEM Q . 12.89 -13.72 8.71
CBB HEM Q . 13.28 -13.03 9.76
C1C HEM Q . 11.33 -14.86 4.76
C2C HEM Q . 11.94 -14.42 3.56
C3C HEM Q . 11.09 -14.78 2.52
C4C HEM Q . 9.95 -15.38 3.12
CMC HEM Q . 13.29 -13.75 3.43
CAC HEM Q . 11.17 -14.56 1.05
CBC HEM Q . 12.02 -13.76 0.44
C1D HEM Q . 7.87 -16.58 3.02
C2D HEM Q . 6.83 -17.25 2.23
C3D HEM Q . 6.03 -17.84 3.13
C4D HEM Q . 6.59 -17.52 4.45
CMD HEM Q . 6.65 -17.31 0.73
CAD HEM Q . 4.79 -18.66 2.77
CBD HEM Q . 5.16 -19.98 2.06
CGD HEM Q . 4.01 -20.99 2.19
O1D HEM Q . 2.83 -20.61 2.32
O2D HEM Q . 4.26 -22.23 2.19
NA HEM Q . 7.39 -16.68 7.17
NB HEM Q . 9.84 -15.31 7.40
NC HEM Q . 10.11 -15.37 4.46
ND HEM Q . 7.70 -16.74 4.36
FE HEM Q . 8.75 -16.08 5.83
CHA HEM R . 12.04 -9.95 -47.91
CHB HEM R . 12.90 -10.80 -43.22
CHC HEM R . 8.29 -9.50 -42.27
CHD HEM R . 7.32 -9.82 -46.99
C1A HEM R . 12.67 -10.26 -46.72
C2A HEM R . 14.02 -10.71 -46.60
C3A HEM R . 14.26 -10.97 -45.30
C4A HEM R . 13.07 -10.67 -44.58
CMA HEM R . 15.57 -11.46 -44.74
CAA HEM R . 15.01 -10.87 -47.74
CBA HEM R . 15.72 -9.57 -48.08
CGA HEM R . 16.86 -9.89 -49.02
O1A HEM R . 18.06 -9.86 -48.64
O2A HEM R . 16.56 -10.29 -50.17
C1B HEM R . 11.72 -10.51 -42.53
C2B HEM R . 11.63 -10.46 -41.09
C3B HEM R . 10.32 -10.07 -40.80
C4B HEM R . 9.65 -9.85 -42.12
CMB HEM R . 12.73 -10.76 -40.13
CAB HEM R . 9.62 -9.92 -39.51
CBB HEM R . 10.02 -10.43 -38.33
C1C HEM R . 7.58 -9.52 -43.48
C2C HEM R . 6.17 -9.57 -43.62
C3C HEM R . 5.91 -9.67 -45.00
C4C HEM R . 7.16 -9.74 -45.65
CMC HEM R . 5.19 -9.45 -42.49
CAC HEM R . 4.63 -9.77 -45.73
CBC HEM R . 3.49 -10.05 -45.13
C1D HEM R . 8.56 -9.83 -47.59
C2D HEM R . 8.65 -9.71 -49.07
C3D HEM R . 9.97 -9.75 -49.35
C4D HEM R . 10.67 -9.88 -48.01
CMD HEM R . 7.53 -9.65 -50.07
CAD HEM R . 10.54 -9.71 -50.76
CBD HEM R . 10.70 -8.25 -51.20
CGD HEM R . 11.39 -8.11 -52.55
O1D HEM R . 10.73 -8.39 -53.57
O2D HEM R . 12.55 -7.69 -52.70
NA HEM R . 12.07 -10.31 -45.46
NB HEM R . 10.53 -10.14 -43.06
NC HEM R . 8.13 -9.70 -44.73
ND HEM R . 9.78 -9.89 -47.00
FE HEM R . 10.14 -10.00 -45.11
C CYN S . 9.86 -11.92 -45.27
N CYN S . 9.84 -13.22 -45.26
CL CL T . 9.84 -19.25 -19.90
NA NA U . -1.15 -12.52 -52.15
CHA HEM V . 4.36 10.08 -20.57
CHB HEM V . 4.05 5.23 -20.95
CHC HEM V . 8.47 5.21 -22.80
CHD HEM V . 9.13 9.63 -21.14
C1A HEM V . 3.85 8.76 -20.58
C2A HEM V . 2.60 8.34 -20.09
C3A HEM V . 2.51 7.00 -20.17
C4A HEM V . 3.74 6.56 -20.70
CMA HEM V . 1.35 6.10 -19.75
CAA HEM V . 1.54 9.24 -19.53
CBA HEM V . 0.55 9.78 -20.54
CGA HEM V . -0.56 10.45 -19.74
O1A HEM V . -1.71 10.51 -20.21
O2A HEM V . -0.35 10.95 -18.61
C1B HEM V . 5.20 4.78 -21.55
C2B HEM V . 5.43 3.44 -22.00
C3B HEM V . 6.68 3.41 -22.55
C4B HEM V . 7.21 4.78 -22.39
CMB HEM V . 4.47 2.30 -21.86
CAB HEM V . 7.50 2.32 -23.14
CBB HEM V . 7.26 1.04 -23.06
C1C HEM V . 9.08 6.39 -22.49
C2C HEM V . 10.46 6.65 -22.56
C3C HEM V . 10.64 7.95 -22.09
C4C HEM V . 9.37 8.41 -21.68
CMC HEM V . 11.53 5.76 -23.14
CAC HEM V . 11.87 8.72 -21.89
CBC HEM V . 13.07 8.20 -21.86
C1D HEM V . 7.86 10.10 -20.89
C2D HEM V . 7.68 11.54 -20.56
C3D HEM V . 6.34 11.66 -20.44
C4D HEM V . 5.72 10.31 -20.67
CMD HEM V . 8.71 12.67 -20.36
CAD HEM V . 5.67 12.94 -20.02
CBD HEM V . 5.46 13.84 -21.19
CGD HEM V . 4.64 15.01 -20.71
O1D HEM V . 3.56 15.29 -21.30
O2D HEM V . 5.03 15.66 -19.70
NA HEM V . 4.56 7.64 -20.88
NB HEM V . 6.27 5.53 -21.83
NC HEM V . 8.46 7.45 -21.90
ND HEM V . 6.70 9.41 -20.96
FE HEM V . 6.50 7.55 -21.38
CHA HEM W . -48.30 -15.45 -2.97
CHB HEM W . -45.23 -11.86 -1.88
CHC HEM W . -42.00 -13.72 -5.07
CHD HEM W . -45.50 -16.66 -6.72
C1A HEM W . -47.71 -14.35 -2.37
C2A HEM W . -48.33 -13.52 -1.39
C3A HEM W . -47.48 -12.49 -1.07
C4A HEM W . -46.34 -12.68 -1.90
CMA HEM W . -47.70 -11.38 -0.07
CAA HEM W . -49.71 -13.74 -0.81
CBA HEM W . -49.70 -14.70 0.38
CGA HEM W . -51.14 -14.89 0.75
O1A HEM W . -51.58 -14.29 1.77
O2A HEM W . -51.86 -15.62 0.03
C1B HEM W . -44.06 -12.08 -2.66
C2B HEM W . -42.87 -11.30 -2.52
C3B HEM W . -41.94 -11.80 -3.39
C4B HEM W . -42.61 -12.93 -4.07
CMB HEM W . -42.72 -10.13 -1.59
CAB HEM W . -40.57 -11.32 -3.69
CBB HEM W . -40.00 -10.24 -3.17
C1C HEM W . -42.67 -14.68 -5.83
C2C HEM W . -42.19 -15.26 -7.05
C3C HEM W . -43.20 -16.09 -7.52
C4C HEM W . -44.30 -15.98 -6.61
CMC HEM W . -40.82 -15.03 -7.65
CAC HEM W . -43.23 -16.96 -8.74
CBC HEM W . -42.33 -17.03 -9.71
C1D HEM W . -46.53 -16.56 -5.77
C2D HEM W . -47.73 -17.43 -5.87
C3D HEM W . -48.50 -17.10 -4.81
C4D HEM W . -47.76 -16.03 -4.11
CMD HEM W . -48.07 -18.48 -6.89
CAD HEM W . -49.87 -17.70 -4.47
CBD HEM W . -49.81 -18.59 -3.21
CGD HEM W . -51.17 -18.99 -2.60
O1D HEM W . -52.21 -18.29 -2.78
O2D HEM W . -51.26 -20.05 -1.92
NA HEM W . -46.52 -13.77 -2.72
NB HEM W . -43.84 -13.02 -3.57
NC HEM W . -43.98 -15.08 -5.63
ND HEM W . -46.59 -15.75 -4.71
FE HEM W . -45.26 -14.47 -4.11
C CYN X . -45.44 -13.12 -5.71
N CYN X . -46.20 -12.15 -6.05
CL CL Y . -28.78 7.13 -5.04
CHA HEM Z . -14.78 -16.76 5.41
CHB HEM Z . -16.88 -13.48 2.48
CHC HEM Z . -20.32 -13.04 5.95
CHD HEM Z . -17.41 -15.20 9.03
C1A HEM Z . -15.09 -15.97 4.31
C2A HEM Z . -14.28 -15.86 3.15
C3A HEM Z . -14.88 -14.94 2.35
C4A HEM Z . -16.03 -14.45 3.00
CMA HEM Z . -14.40 -14.42 1.02
CAA HEM Z . -12.98 -16.60 2.84
CBA HEM Z . -13.19 -17.75 1.89
CGA HEM Z . -11.94 -18.61 1.75
O1A HEM Z . -11.80 -19.16 0.68
O2A HEM Z . -11.08 -18.79 2.65
C1B HEM Z . -18.04 -13.12 3.16
C2B HEM Z . -19.07 -12.32 2.59
C3B HEM Z . -20.06 -12.19 3.55
C4B HEM Z . -19.61 -12.97 4.74
CMB HEM Z . -19.05 -11.71 1.24
CAB HEM Z . -21.33 -11.44 3.50
CBB HEM Z . -21.74 -10.60 2.59
C1C HEM Z . -19.85 -13.53 7.13
C2C HEM Z . -20.35 -13.30 8.44
C3C HEM Z . -19.48 -13.91 9.32
C4C HEM Z . -18.47 -14.49 8.53
CMC HEM Z . -21.60 -12.56 8.78
CAC HEM Z . -19.47 -14.00 10.77
CBC HEM Z . -20.18 -13.31 11.61
C1D HEM Z . -16.48 -15.83 8.23
C2D HEM Z . -15.51 -16.78 8.82
C3D HEM Z . -14.80 -17.26 7.80
C4D HEM Z . -15.36 -16.56 6.62
CMD HEM Z . -15.33 -17.14 10.25
CAD HEM Z . -13.62 -18.23 7.86
CBD HEM Z . -14.06 -19.66 8.18
CGD HEM Z . -12.91 -20.64 8.20
O1D HEM Z . -12.20 -20.74 9.21
O2D HEM Z . -12.71 -21.37 7.19
NA HEM Z . -16.12 -15.03 4.25
NB HEM Z . -18.41 -13.47 4.42
NC HEM Z . -18.67 -14.19 7.25
ND HEM Z . -16.37 -15.73 6.91
FE HEM Z . -17.35 -14.65 5.72
C CYN AA . -15.95 -13.10 6.13
N CYN AA . -15.60 -11.96 6.56
#